data_8Y9D
#
_entry.id   8Y9D
#
_cell.length_a   1.00
_cell.length_b   1.00
_cell.length_c   1.00
_cell.angle_alpha   90.00
_cell.angle_beta   90.00
_cell.angle_gamma   90.00
#
_symmetry.space_group_name_H-M   'P 1'
#
loop_
_entity.id
_entity.type
_entity.pdbx_description
1 polymer 'Versatile Aromatic Prenyltransferase auraA'
2 non-polymer 'DIMETHYLALLYL S-THIOLODIPHOSPHATE'
3 non-polymer (3~{S},6~{S})-3-(1~{H}-imidazol-4-ylmethyl)-6-propan-2-yl-piperazine-2,5-dione
4 water water
#
_entity_poly.entity_id   1
_entity_poly.type   'polypeptide(L)'
_entity_poly.pdbx_seq_one_letter_code
;SPSPWDFLGRVLQFQHGDHKRWWDVLAPVFGISMASIGYKLDVQYRHLLVLYDAVIPNMGPFPNSNASNITWTSPFPPGP
LEASVNYQAGESSMFRFTIEPVGPHAGTPADPVNELAAKQLMQRLGQLQPGGVDSTMFDHFYPLLCVDGPEARRQWDSIA
HIYHKCHTVTALDMQRSAACTLKTYFPPLLRSTIMNTSMVDIMFDAVESFRKQSGLYFDYTKIKEFMSEEKTHETMMVDR
SYLSFDCLDPAKSRIKIYTEAKVKTLEEAYSFWSLGGRLSGPEIDYGFKIVSQMWDAIYSKELPGGKQRENNHIQINWEM
SAKDSSVAPKLYLTVIEDYDAYVSSAIVDLFTGLGWAAHVQTHKKIEKEAYPMCDANPQSTHAYVWISLAYKKTGPYITV
YTNPGASILE
;
_entity_poly.pdbx_strand_id   A,B,C,D
#
loop_
_chem_comp.id
_chem_comp.type
_chem_comp.name
_chem_comp.formula
A1LYE non-polymer (3~{S},6~{S})-3-(1~{H}-imidazol-4-ylmethyl)-6-propan-2-yl-piperazine-2,5-dione 'C11 H16 N4 O2'
DST non-polymer 'DIMETHYLALLYL S-THIOLODIPHOSPHATE' 'C5 H12 O6 P2 S'
#
# COMPACT_ATOMS: atom_id res chain seq x y z
N SER A 1 -18.16 -7.75 -21.15
CA SER A 1 -16.92 -8.35 -20.59
C SER A 1 -15.81 -7.30 -20.54
N PRO A 2 -15.36 -6.93 -19.35
CA PRO A 2 -14.24 -5.97 -19.26
C PRO A 2 -12.95 -6.58 -19.76
N SER A 3 -12.04 -5.71 -20.11
CA SER A 3 -10.73 -6.12 -20.56
C SER A 3 -9.78 -6.26 -19.37
N PRO A 4 -8.72 -7.04 -19.51
CA PRO A 4 -7.82 -7.25 -18.37
C PRO A 4 -7.29 -5.96 -17.76
N TRP A 5 -6.98 -4.96 -18.58
CA TRP A 5 -6.41 -3.74 -18.03
C TRP A 5 -7.45 -2.91 -17.30
N ASP A 6 -8.67 -2.84 -17.81
CA ASP A 6 -9.74 -2.16 -17.10
C ASP A 6 -10.00 -2.81 -15.74
N PHE A 7 -10.30 -4.11 -15.75
CA PHE A 7 -10.58 -4.82 -14.50
C PHE A 7 -9.42 -4.73 -13.53
N LEU A 8 -8.19 -4.86 -14.03
CA LEU A 8 -7.03 -4.83 -13.15
C LEU A 8 -6.83 -3.45 -12.54
N GLY A 9 -6.95 -2.40 -13.34
CA GLY A 9 -6.92 -1.07 -12.78
C GLY A 9 -7.99 -0.84 -11.75
N ARG A 10 -9.13 -1.53 -11.91
CA ARG A 10 -10.18 -1.45 -10.90
C ARG A 10 -9.75 -2.15 -9.62
N VAL A 11 -9.13 -3.32 -9.72
CA VAL A 11 -8.82 -4.10 -8.53
C VAL A 11 -7.42 -3.83 -8.00
N LEU A 12 -6.45 -3.55 -8.86
CA LEU A 12 -5.07 -3.51 -8.43
C LEU A 12 -4.83 -2.39 -7.43
N GLN A 13 -4.02 -2.69 -6.43
CA GLN A 13 -3.58 -1.72 -5.44
C GLN A 13 -2.18 -1.28 -5.82
N PHE A 14 -2.00 0.03 -5.96
CA PHE A 14 -0.75 0.59 -6.43
C PHE A 14 0.02 1.25 -5.29
N GLN A 15 1.33 1.01 -5.27
CA GLN A 15 2.18 1.54 -4.21
C GLN A 15 2.39 3.04 -4.32
N HIS A 16 2.22 3.62 -5.50
CA HIS A 16 2.45 5.04 -5.70
C HIS A 16 1.53 5.53 -6.80
N GLY A 17 1.10 6.78 -6.67
CA GLY A 17 0.21 7.36 -7.66
C GLY A 17 0.81 7.38 -9.05
N ASP A 18 2.12 7.57 -9.14
CA ASP A 18 2.79 7.56 -10.44
C ASP A 18 2.64 6.20 -11.11
N HIS A 19 2.64 5.13 -10.32
CA HIS A 19 2.41 3.81 -10.91
C HIS A 19 1.01 3.72 -11.48
N LYS A 20 0.03 4.29 -10.78
CA LYS A 20 -1.34 4.31 -11.26
C LYS A 20 -1.48 5.11 -12.56
N ARG A 21 -0.79 6.24 -12.63
CA ARG A 21 -0.86 7.09 -13.82
C ARG A 21 -0.17 6.43 -15.01
N TRP A 22 1.01 5.88 -14.79
CA TRP A 22 1.67 5.09 -15.82
C TRP A 22 0.77 3.95 -16.28
N TRP A 23 0.11 3.29 -15.35
CA TRP A 23 -0.83 2.23 -15.72
C TRP A 23 -1.93 2.76 -16.61
N ASP A 24 -2.59 3.83 -16.19
CA ASP A 24 -3.68 4.39 -16.97
C ASP A 24 -3.24 4.76 -18.38
N VAL A 25 -1.97 5.13 -18.55
CA VAL A 25 -1.47 5.46 -19.87
C VAL A 25 -1.14 4.20 -20.67
N LEU A 26 -0.43 3.26 -20.06
CA LEU A 26 0.26 2.19 -20.77
C LEU A 26 -0.52 0.89 -20.85
N ALA A 27 -1.23 0.51 -19.79
CA ALA A 27 -1.93 -0.76 -19.80
C ALA A 27 -2.93 -0.87 -20.95
N PRO A 28 -3.71 0.14 -21.28
CA PRO A 28 -4.54 0.02 -22.49
C PRO A 28 -3.72 -0.20 -23.74
N VAL A 29 -2.61 0.52 -23.92
CA VAL A 29 -1.78 0.34 -25.11
C VAL A 29 -1.23 -1.09 -25.18
N PHE A 30 -0.57 -1.52 -24.11
CA PHE A 30 0.04 -2.85 -24.12
C PHE A 30 -1.00 -3.94 -24.28
N GLY A 31 -2.11 -3.82 -23.55
CA GLY A 31 -3.17 -4.80 -23.66
C GLY A 31 -3.81 -4.85 -25.02
N ILE A 32 -4.10 -3.68 -25.60
CA ILE A 32 -4.66 -3.63 -26.95
C ILE A 32 -3.72 -4.26 -27.95
N SER A 33 -2.42 -4.01 -27.82
CA SER A 33 -1.46 -4.61 -28.73
C SER A 33 -1.42 -6.12 -28.58
N MET A 34 -1.26 -6.61 -27.35
CA MET A 34 -1.25 -8.05 -27.10
C MET A 34 -2.53 -8.71 -27.59
N ALA A 35 -3.67 -8.06 -27.39
CA ALA A 35 -4.95 -8.61 -27.83
C ALA A 35 -5.03 -8.64 -29.35
N SER A 36 -4.67 -7.54 -30.01
CA SER A 36 -4.74 -7.47 -31.46
C SER A 36 -3.84 -8.51 -32.12
N ILE A 37 -2.67 -8.78 -31.54
CA ILE A 37 -1.80 -9.79 -32.11
C ILE A 37 -2.20 -11.19 -31.68
N GLY A 38 -3.10 -11.33 -30.72
CA GLY A 38 -3.72 -12.60 -30.42
C GLY A 38 -3.28 -13.28 -29.15
N TYR A 39 -2.78 -12.53 -28.18
CA TYR A 39 -2.39 -13.14 -26.92
C TYR A 39 -3.62 -13.56 -26.14
N LYS A 40 -3.56 -14.73 -25.53
CA LYS A 40 -4.66 -15.22 -24.72
C LYS A 40 -4.81 -14.37 -23.46
N LEU A 41 -6.03 -14.36 -22.93
CA LEU A 41 -6.35 -13.51 -21.79
C LEU A 41 -5.53 -13.88 -20.56
N ASP A 42 -5.29 -15.17 -20.34
CA ASP A 42 -4.33 -15.60 -19.33
C ASP A 42 -3.02 -14.83 -19.48
N VAL A 43 -2.52 -14.76 -20.72
CA VAL A 43 -1.23 -14.16 -21.00
C VAL A 43 -1.29 -12.65 -20.83
N GLN A 44 -2.38 -12.03 -21.26
CA GLN A 44 -2.56 -10.60 -21.04
C GLN A 44 -2.52 -10.26 -19.57
N TYR A 45 -3.24 -11.03 -18.74
CA TYR A 45 -3.22 -10.81 -17.30
C TYR A 45 -1.81 -10.95 -16.76
N ARG A 46 -1.11 -12.02 -17.13
CA ARG A 46 0.24 -12.24 -16.62
C ARG A 46 1.19 -11.11 -17.01
N HIS A 47 1.14 -10.68 -18.26
CA HIS A 47 2.04 -9.64 -18.73
C HIS A 47 1.70 -8.27 -18.14
N LEU A 48 0.41 -7.96 -18.02
CA LEU A 48 0.02 -6.71 -17.39
C LEU A 48 0.38 -6.70 -15.91
N LEU A 49 0.38 -7.85 -15.26
CA LEU A 49 0.80 -7.90 -13.87
C LEU A 49 2.32 -7.83 -13.74
N VAL A 50 3.05 -8.33 -14.72
CA VAL A 50 4.49 -8.06 -14.78
C VAL A 50 4.73 -6.56 -14.90
N LEU A 51 4.04 -5.92 -15.85
CA LEU A 51 4.13 -4.48 -16.01
C LEU A 51 3.80 -3.74 -14.71
N TYR A 52 2.80 -4.22 -13.99
CA TYR A 52 2.38 -3.60 -12.73
C TYR A 52 3.40 -3.82 -11.63
N ASP A 53 4.03 -4.98 -11.58
CA ASP A 53 4.89 -5.36 -10.47
C ASP A 53 6.34 -4.98 -10.68
N ALA A 54 6.89 -5.28 -11.86
CA ALA A 54 8.32 -5.16 -12.09
C ALA A 54 8.71 -3.92 -12.86
N VAL A 55 7.90 -3.48 -13.82
CA VAL A 55 8.28 -2.44 -14.75
C VAL A 55 7.89 -1.07 -14.21
N ILE A 56 6.59 -0.85 -14.02
CA ILE A 56 6.11 0.49 -13.69
C ILE A 56 6.77 1.05 -12.44
N PRO A 57 7.02 0.26 -11.39
CA PRO A 57 7.73 0.80 -10.23
C PRO A 57 9.17 1.21 -10.53
N ASN A 58 9.72 0.75 -11.64
CA ASN A 58 11.06 1.13 -12.07
C ASN A 58 11.05 1.98 -13.33
N MET A 59 9.92 2.64 -13.61
CA MET A 59 9.79 3.52 -14.77
C MET A 59 10.10 4.96 -14.41
N GLY A 60 9.95 5.32 -13.14
CA GLY A 60 10.25 6.65 -12.68
C GLY A 60 9.05 7.53 -12.53
N PRO A 61 9.30 8.80 -12.20
CA PRO A 61 8.21 9.76 -12.01
C PRO A 61 7.34 9.90 -13.25
N PHE A 62 6.05 10.10 -13.03
CA PHE A 62 5.13 10.38 -14.11
C PHE A 62 5.13 11.88 -14.39
N PRO A 63 5.29 12.30 -15.63
CA PRO A 63 5.47 13.73 -15.91
C PRO A 63 4.21 14.53 -15.60
N ASN A 64 4.40 15.62 -14.88
CA ASN A 64 3.34 16.59 -14.65
C ASN A 64 3.27 17.55 -15.84
N SER A 65 2.50 18.63 -15.67
CA SER A 65 2.32 19.59 -16.76
C SER A 65 3.66 20.14 -17.25
N ASN A 66 4.45 20.67 -16.33
CA ASN A 66 5.73 21.28 -16.67
C ASN A 66 6.90 20.33 -16.58
N ALA A 67 6.67 19.06 -16.27
CA ALA A 67 7.75 18.08 -16.12
C ALA A 67 8.76 18.52 -15.08
N SER A 68 8.28 19.26 -14.07
CA SER A 68 9.13 19.67 -12.96
C SER A 68 9.67 18.50 -12.15
N ASN A 69 9.10 17.31 -12.33
CA ASN A 69 9.44 16.16 -11.51
C ASN A 69 10.37 15.19 -12.20
N ILE A 70 10.64 15.36 -13.49
CA ILE A 70 11.58 14.50 -14.21
C ILE A 70 12.98 15.02 -13.93
N THR A 71 13.60 14.54 -12.85
CA THR A 71 14.94 14.95 -12.47
C THR A 71 16.01 14.18 -13.19
N TRP A 72 15.66 13.10 -13.88
CA TRP A 72 16.58 12.29 -14.66
C TRP A 72 16.49 12.71 -16.10
N THR A 73 17.51 13.42 -16.58
CA THR A 73 17.49 14.01 -17.90
C THR A 73 17.62 12.94 -18.98
N SER A 74 16.93 13.16 -20.10
CA SER A 74 16.95 12.22 -21.21
C SER A 74 16.43 12.91 -22.45
N PRO A 75 16.99 12.62 -23.64
CA PRO A 75 16.38 13.12 -24.87
C PRO A 75 15.04 12.48 -25.18
N PHE A 76 14.75 11.34 -24.56
CA PHE A 76 13.52 10.62 -24.80
C PHE A 76 12.46 11.06 -23.79
N PRO A 77 11.20 11.19 -24.21
CA PRO A 77 10.17 11.56 -23.26
C PRO A 77 10.06 10.54 -22.16
N PRO A 78 9.68 10.97 -20.96
CA PRO A 78 9.59 10.03 -19.83
C PRO A 78 8.71 8.84 -20.17
N GLY A 79 9.10 7.68 -19.67
CA GLY A 79 8.37 6.47 -19.91
C GLY A 79 9.14 5.50 -20.77
N PRO A 80 8.47 4.48 -21.26
CA PRO A 80 9.12 3.54 -22.16
C PRO A 80 9.72 4.25 -23.36
N LEU A 81 10.93 3.83 -23.71
CA LEU A 81 11.54 4.31 -24.95
C LEU A 81 10.74 3.88 -26.15
N GLU A 82 10.03 2.76 -26.03
CA GLU A 82 9.20 2.26 -27.12
C GLU A 82 8.38 1.09 -26.60
N ALA A 83 7.23 0.92 -27.21
CA ALA A 83 6.53 -0.35 -27.25
C ALA A 83 6.51 -0.78 -28.70
N SER A 84 6.80 -2.04 -28.94
CA SER A 84 7.03 -2.51 -30.29
C SER A 84 6.22 -3.76 -30.55
N VAL A 85 5.82 -3.91 -31.80
CA VAL A 85 5.28 -5.16 -32.30
C VAL A 85 6.16 -5.60 -33.46
N ASN A 86 6.71 -6.80 -33.36
CA ASN A 86 7.48 -7.38 -34.43
C ASN A 86 6.61 -8.32 -35.25
N TYR A 87 6.66 -8.16 -36.56
CA TYR A 87 5.92 -8.95 -37.51
C TYR A 87 6.90 -9.75 -38.36
N GLN A 88 6.62 -11.04 -38.48
CA GLN A 88 7.35 -11.93 -39.37
C GLN A 88 6.36 -12.69 -40.23
N ALA A 89 6.84 -13.65 -41.00
CA ALA A 89 5.95 -14.44 -41.83
C ALA A 89 5.20 -15.47 -40.98
N GLY A 90 4.20 -16.08 -41.59
CA GLY A 90 3.36 -17.01 -40.88
C GLY A 90 2.46 -16.37 -39.86
N GLU A 91 2.10 -15.10 -40.07
CA GLU A 91 1.28 -14.34 -39.14
C GLU A 91 1.88 -14.36 -37.73
N SER A 92 3.20 -14.40 -37.66
CA SER A 92 3.91 -14.34 -36.39
C SER A 92 4.01 -12.89 -35.93
N SER A 93 3.66 -12.64 -34.68
CA SER A 93 3.67 -11.30 -34.12
C SER A 93 4.03 -11.40 -32.66
N MET A 94 5.03 -10.64 -32.24
CA MET A 94 5.43 -10.61 -30.83
C MET A 94 5.39 -9.19 -30.30
N PHE A 95 4.95 -9.06 -29.07
CA PHE A 95 4.93 -7.78 -28.37
C PHE A 95 6.20 -7.64 -27.54
N ARG A 96 6.77 -6.43 -27.58
CA ARG A 96 7.98 -6.12 -26.85
C ARG A 96 7.83 -4.72 -26.29
N PHE A 97 8.62 -4.41 -25.27
CA PHE A 97 8.70 -3.03 -24.88
C PHE A 97 10.01 -2.76 -24.15
N THR A 98 10.51 -1.54 -24.33
CA THR A 98 11.81 -1.12 -23.83
C THR A 98 11.61 -0.02 -22.80
N ILE A 99 12.36 -0.10 -21.71
CA ILE A 99 12.31 0.86 -20.63
C ILE A 99 13.73 1.16 -20.22
N GLU A 100 14.04 2.42 -20.03
CA GLU A 100 15.26 2.74 -19.32
C GLU A 100 14.91 2.79 -17.84
N PRO A 101 15.28 1.78 -17.06
CA PRO A 101 14.85 1.78 -15.66
C PRO A 101 15.35 2.99 -14.91
N VAL A 102 14.41 3.81 -14.48
CA VAL A 102 14.67 5.05 -13.78
C VAL A 102 14.06 4.93 -12.40
N GLY A 103 14.86 5.21 -11.39
CA GLY A 103 14.35 5.26 -10.05
C GLY A 103 13.55 6.53 -9.81
N PRO A 104 12.84 6.54 -8.68
CA PRO A 104 12.00 7.71 -8.37
C PRO A 104 12.78 8.91 -7.87
N HIS A 105 14.04 8.73 -7.48
CA HIS A 105 14.88 9.80 -7.00
C HIS A 105 16.17 9.88 -7.80
N ALA A 106 16.11 9.43 -9.05
CA ALA A 106 17.24 9.47 -9.95
C ALA A 106 17.42 10.86 -10.52
N GLY A 107 18.68 11.31 -10.55
CA GLY A 107 18.99 12.68 -10.89
C GLY A 107 19.03 13.60 -9.70
N THR A 108 18.66 13.12 -8.54
CA THR A 108 18.76 13.83 -7.29
C THR A 108 20.05 13.44 -6.56
N PRO A 109 20.46 14.21 -5.56
CA PRO A 109 21.73 13.91 -4.88
C PRO A 109 21.78 12.51 -4.28
N ALA A 110 20.66 11.82 -4.14
CA ALA A 110 20.67 10.49 -3.55
C ALA A 110 20.90 9.39 -4.58
N ASP A 111 20.42 9.57 -5.80
CA ASP A 111 20.64 8.62 -6.89
C ASP A 111 21.02 9.39 -8.14
N PRO A 112 22.22 9.98 -8.15
CA PRO A 112 22.62 10.80 -9.30
C PRO A 112 22.98 10.00 -10.54
N VAL A 113 23.07 8.67 -10.45
CA VAL A 113 23.46 7.84 -11.58
C VAL A 113 22.45 6.74 -11.88
N ASN A 114 21.36 6.67 -11.12
CA ASN A 114 20.28 5.74 -11.39
C ASN A 114 20.80 4.30 -11.43
N GLU A 115 21.35 3.86 -10.29
CA GLU A 115 22.12 2.63 -10.26
C GLU A 115 21.30 1.39 -9.91
N LEU A 116 20.21 1.56 -9.16
CA LEU A 116 19.50 0.41 -8.60
C LEU A 116 18.33 -0.07 -9.44
N ALA A 117 17.73 0.79 -10.25
CA ALA A 117 16.42 0.47 -10.83
C ALA A 117 16.50 -0.71 -11.78
N ALA A 118 17.54 -0.77 -12.63
CA ALA A 118 17.70 -1.92 -13.49
C ALA A 118 17.89 -3.19 -12.68
N LYS A 119 18.67 -3.12 -11.61
CA LYS A 119 18.88 -4.28 -10.76
C LYS A 119 17.60 -4.68 -10.03
N GLN A 120 16.84 -3.71 -9.53
CA GLN A 120 15.56 -4.02 -8.93
C GLN A 120 14.62 -4.70 -9.92
N LEU A 121 14.55 -4.18 -11.14
CA LEU A 121 13.72 -4.81 -12.16
C LEU A 121 14.18 -6.23 -12.45
N MET A 122 15.49 -6.42 -12.61
CA MET A 122 16.02 -7.76 -12.80
C MET A 122 15.60 -8.70 -11.68
N GLN A 123 15.77 -8.26 -10.43
CA GLN A 123 15.44 -9.10 -9.28
C GLN A 123 13.96 -9.45 -9.26
N ARG A 124 13.11 -8.44 -9.41
CA ARG A 124 11.67 -8.66 -9.36
C ARG A 124 11.24 -9.61 -10.47
N LEU A 125 11.75 -9.40 -11.68
CA LEU A 125 11.41 -10.26 -12.80
C LEU A 125 11.90 -11.69 -12.58
N GLY A 126 13.10 -11.86 -12.03
CA GLY A 126 13.58 -13.18 -11.72
C GLY A 126 12.76 -13.88 -10.67
N GLN A 127 12.28 -13.14 -9.67
CA GLN A 127 11.35 -13.71 -8.71
C GLN A 127 10.05 -14.16 -9.38
N LEU A 128 9.51 -13.32 -10.28
CA LEU A 128 8.27 -13.68 -10.94
C LEU A 128 8.44 -14.88 -11.86
N GLN A 129 9.65 -15.12 -12.36
CA GLN A 129 9.94 -16.28 -13.19
C GLN A 129 11.33 -16.79 -12.87
N PRO A 130 11.46 -17.56 -11.80
CA PRO A 130 12.76 -18.19 -11.51
C PRO A 130 13.21 -19.07 -12.65
N GLY A 131 14.42 -18.83 -13.13
CA GLY A 131 14.97 -19.52 -14.27
C GLY A 131 14.79 -18.82 -15.59
N GLY A 132 14.09 -17.69 -15.60
CA GLY A 132 13.88 -16.92 -16.81
C GLY A 132 14.91 -15.85 -17.06
N VAL A 133 15.73 -15.54 -16.06
CA VAL A 133 16.75 -14.50 -16.14
C VAL A 133 18.07 -15.14 -15.77
N ASP A 134 18.95 -15.31 -16.75
CA ASP A 134 20.33 -15.74 -16.54
C ASP A 134 21.22 -14.51 -16.51
N SER A 135 21.99 -14.36 -15.43
CA SER A 135 22.81 -13.17 -15.21
C SER A 135 24.26 -13.36 -15.63
N THR A 136 24.59 -14.47 -16.30
CA THR A 136 25.97 -14.71 -16.71
C THR A 136 26.49 -13.59 -17.60
N MET A 137 25.82 -13.34 -18.72
CA MET A 137 26.23 -12.28 -19.61
C MET A 137 26.17 -10.93 -18.91
N PHE A 138 25.13 -10.69 -18.13
CA PHE A 138 25.03 -9.46 -17.37
C PHE A 138 26.19 -9.32 -16.40
N ASP A 139 26.53 -10.40 -15.70
CA ASP A 139 27.59 -10.33 -14.71
C ASP A 139 28.95 -10.11 -15.36
N HIS A 140 29.16 -10.60 -16.58
CA HIS A 140 30.42 -10.34 -17.26
C HIS A 140 30.49 -8.93 -17.84
N PHE A 141 29.40 -8.46 -18.44
CA PHE A 141 29.42 -7.20 -19.15
C PHE A 141 29.17 -5.98 -18.26
N TYR A 142 28.62 -6.16 -17.07
CA TYR A 142 28.28 -5.03 -16.22
C TYR A 142 29.50 -4.29 -15.71
N PRO A 143 30.52 -4.99 -15.20
CA PRO A 143 31.72 -4.27 -14.73
C PRO A 143 32.44 -3.54 -15.83
N LEU A 144 32.46 -4.11 -17.03
CA LEU A 144 33.20 -3.53 -18.14
C LEU A 144 32.46 -2.35 -18.75
N LEU A 145 31.23 -2.58 -19.22
CA LEU A 145 30.50 -1.56 -19.95
C LEU A 145 29.79 -0.59 -19.01
N CYS A 146 29.17 -1.10 -17.97
CA CYS A 146 28.38 -0.28 -17.06
C CYS A 146 29.27 0.33 -15.97
N VAL A 147 28.77 1.41 -15.38
CA VAL A 147 29.45 2.10 -14.31
C VAL A 147 28.57 2.02 -13.07
N ASP A 148 29.15 1.56 -11.97
CA ASP A 148 28.45 1.51 -10.70
C ASP A 148 28.34 2.91 -10.10
N GLY A 149 27.59 3.00 -9.01
CA GLY A 149 27.40 4.23 -8.31
C GLY A 149 28.67 4.81 -7.76
N PRO A 150 29.45 3.99 -7.04
CA PRO A 150 30.73 4.50 -6.51
C PRO A 150 31.64 5.07 -7.57
N GLU A 151 31.87 4.34 -8.65
CA GLU A 151 32.78 4.82 -9.70
C GLU A 151 32.25 6.10 -10.31
N ALA A 152 30.96 6.14 -10.62
CA ALA A 152 30.37 7.34 -11.20
C ALA A 152 30.45 8.53 -10.26
N ARG A 153 30.45 8.28 -8.95
CA ARG A 153 30.47 9.37 -7.99
C ARG A 153 31.88 9.87 -7.70
N ARG A 154 32.88 8.98 -7.73
CA ARG A 154 34.26 9.43 -7.64
C ARG A 154 34.66 10.19 -8.90
N GLN A 155 34.25 9.68 -10.06
CA GLN A 155 34.60 10.22 -11.36
C GLN A 155 33.50 11.13 -11.91
N TRP A 156 32.82 11.86 -11.04
CA TRP A 156 31.70 12.68 -11.48
C TRP A 156 32.15 13.80 -12.40
N ASP A 157 33.24 14.48 -12.04
CA ASP A 157 33.73 15.57 -12.86
C ASP A 157 33.97 15.15 -14.30
N SER A 158 34.17 13.85 -14.53
CA SER A 158 34.44 13.36 -15.88
C SER A 158 33.17 13.21 -16.70
N ILE A 159 32.02 13.01 -16.05
CA ILE A 159 30.80 12.66 -16.74
C ILE A 159 29.66 13.63 -16.50
N ALA A 160 29.83 14.63 -15.63
CA ALA A 160 28.75 15.55 -15.33
C ALA A 160 28.29 16.31 -16.57
N HIS A 161 29.17 16.47 -17.56
CA HIS A 161 28.80 17.14 -18.79
C HIS A 161 27.82 16.33 -19.62
N ILE A 162 27.71 15.03 -19.37
CA ILE A 162 26.82 14.18 -20.15
C ILE A 162 25.38 14.48 -19.76
N TYR A 163 24.53 14.69 -20.77
CA TYR A 163 23.13 15.00 -20.52
C TYR A 163 22.35 13.75 -20.10
N HIS A 164 22.47 12.69 -20.87
CA HIS A 164 21.81 11.42 -20.58
C HIS A 164 22.85 10.48 -19.98
N LYS A 165 22.82 10.36 -18.66
CA LYS A 165 23.76 9.48 -17.95
C LYS A 165 23.21 8.07 -17.85
N CYS A 166 22.83 7.53 -19.00
CA CYS A 166 22.27 6.19 -19.04
C CYS A 166 23.38 5.16 -19.11
N HIS A 167 23.14 4.05 -18.45
CA HIS A 167 24.09 2.94 -18.40
C HIS A 167 23.46 1.57 -18.60
N THR A 168 22.16 1.43 -18.37
CA THR A 168 21.47 0.16 -18.56
C THR A 168 20.06 0.44 -19.03
N VAL A 169 19.68 -0.21 -20.13
CA VAL A 169 18.33 -0.21 -20.64
C VAL A 169 17.86 -1.65 -20.66
N THR A 170 16.58 -1.85 -20.39
CA THR A 170 16.03 -3.19 -20.25
C THR A 170 14.79 -3.29 -21.13
N ALA A 171 14.76 -4.31 -21.96
CA ALA A 171 13.62 -4.61 -22.79
C ALA A 171 13.05 -5.96 -22.39
N LEU A 172 11.73 -6.08 -22.52
CA LEU A 172 11.04 -7.33 -22.26
C LEU A 172 10.35 -7.74 -23.55
N ASP A 173 10.71 -8.92 -24.05
CA ASP A 173 9.96 -9.62 -25.07
C ASP A 173 8.88 -10.39 -24.35
N MET A 174 7.65 -9.88 -24.41
CA MET A 174 6.51 -10.51 -23.75
C MET A 174 5.98 -11.55 -24.72
N GLN A 175 6.38 -12.80 -24.50
CA GLN A 175 6.08 -13.87 -25.42
C GLN A 175 4.62 -14.31 -25.29
N ARG A 176 4.14 -14.92 -26.37
CA ARG A 176 2.83 -15.55 -26.38
C ARG A 176 2.73 -16.67 -25.34
N SER A 177 3.84 -17.11 -24.77
CA SER A 177 3.84 -18.14 -23.74
C SER A 177 3.61 -17.58 -22.34
N ALA A 178 3.40 -16.27 -22.20
CA ALA A 178 3.41 -15.58 -20.91
C ALA A 178 4.79 -15.56 -20.27
N ALA A 179 5.80 -15.96 -21.03
CA ALA A 179 7.19 -15.83 -20.62
C ALA A 179 7.74 -14.50 -21.12
N CYS A 180 8.52 -13.85 -20.28
CA CYS A 180 9.13 -12.56 -20.60
C CYS A 180 10.64 -12.77 -20.71
N THR A 181 11.15 -12.66 -21.92
CA THR A 181 12.60 -12.66 -22.13
C THR A 181 13.14 -11.27 -21.86
N LEU A 182 14.12 -11.18 -20.97
CA LEU A 182 14.76 -9.92 -20.65
C LEU A 182 15.99 -9.73 -21.54
N LYS A 183 16.13 -8.53 -22.08
CA LYS A 183 17.27 -8.14 -22.89
C LYS A 183 17.87 -6.89 -22.26
N THR A 184 19.18 -6.89 -22.14
CA THR A 184 19.90 -5.80 -21.51
C THR A 184 20.75 -5.08 -22.54
N TYR A 185 20.65 -3.76 -22.55
CA TYR A 185 21.46 -2.88 -23.37
C TYR A 185 22.35 -2.06 -22.46
N PHE A 186 23.63 -1.97 -22.82
CA PHE A 186 24.61 -1.18 -22.11
C PHE A 186 25.15 -0.12 -23.06
N PRO A 187 24.83 1.15 -22.86
CA PRO A 187 25.61 2.21 -23.50
C PRO A 187 26.84 2.55 -22.69
N PRO A 188 28.03 2.27 -23.20
CA PRO A 188 29.24 2.44 -22.38
C PRO A 188 29.81 3.85 -22.37
N LEU A 189 29.00 4.84 -22.75
CA LEU A 189 29.49 6.21 -22.80
C LEU A 189 30.16 6.63 -21.51
N LEU A 190 29.57 6.29 -20.36
CA LEU A 190 30.19 6.66 -19.08
C LEU A 190 31.50 5.92 -18.87
N ARG A 191 31.52 4.62 -19.17
CA ARG A 191 32.76 3.84 -19.08
C ARG A 191 33.86 4.49 -19.90
N SER A 192 33.57 4.84 -21.16
CA SER A 192 34.57 5.45 -22.02
C SER A 192 34.97 6.82 -21.51
N THR A 193 34.01 7.63 -21.07
CA THR A 193 34.32 8.98 -20.62
C THR A 193 35.17 8.98 -19.37
N ILE A 194 35.01 7.98 -18.52
CA ILE A 194 35.82 7.89 -17.31
C ILE A 194 37.19 7.30 -17.60
N MET A 195 37.24 6.22 -18.37
CA MET A 195 38.49 5.59 -18.76
C MET A 195 39.14 6.24 -19.98
N ASN A 196 38.48 7.22 -20.58
CA ASN A 196 38.97 7.88 -21.80
C ASN A 196 39.48 6.84 -22.81
N THR A 197 38.78 5.72 -22.86
CA THR A 197 38.97 4.68 -23.85
C THR A 197 37.87 4.78 -24.89
N SER A 198 38.12 4.20 -26.06
CA SER A 198 37.16 4.26 -27.14
C SER A 198 36.04 3.25 -26.94
N MET A 199 34.85 3.63 -27.39
CA MET A 199 33.70 2.73 -27.35
C MET A 199 34.01 1.40 -28.01
N VAL A 200 34.50 1.46 -29.25
CA VAL A 200 34.84 0.27 -30.01
C VAL A 200 35.70 -0.67 -29.16
N ASP A 201 36.76 -0.12 -28.56
CA ASP A 201 37.73 -0.96 -27.89
C ASP A 201 37.14 -1.62 -26.65
N ILE A 202 36.49 -0.85 -25.78
CA ILE A 202 35.96 -1.46 -24.57
C ILE A 202 34.89 -2.50 -24.92
N MET A 203 34.00 -2.18 -25.85
CA MET A 203 32.94 -3.11 -26.20
C MET A 203 33.50 -4.41 -26.75
N PHE A 204 34.39 -4.33 -27.74
CA PHE A 204 34.88 -5.55 -28.35
C PHE A 204 35.87 -6.29 -27.47
N ASP A 205 36.55 -5.61 -26.56
CA ASP A 205 37.37 -6.30 -25.58
C ASP A 205 36.51 -7.09 -24.61
N ALA A 206 35.40 -6.50 -24.16
CA ALA A 206 34.44 -7.24 -23.35
C ALA A 206 33.92 -8.47 -24.11
N VAL A 207 33.60 -8.29 -25.40
CA VAL A 207 33.11 -9.41 -26.20
C VAL A 207 34.16 -10.50 -26.29
N GLU A 208 35.43 -10.13 -26.53
CA GLU A 208 36.48 -11.12 -26.66
C GLU A 208 36.74 -11.83 -25.34
N SER A 209 36.64 -11.11 -24.21
CA SER A 209 36.83 -11.77 -22.93
C SER A 209 35.71 -12.76 -22.66
N PHE A 210 34.48 -12.43 -23.05
CA PHE A 210 33.39 -13.38 -22.92
C PHE A 210 33.64 -14.61 -23.79
N ARG A 211 34.06 -14.39 -25.03
CA ARG A 211 34.50 -15.49 -25.88
C ARG A 211 35.47 -16.40 -25.13
N LYS A 212 36.58 -15.83 -24.68
CA LYS A 212 37.60 -16.61 -23.98
C LYS A 212 36.99 -17.41 -22.84
N GLN A 213 36.40 -16.73 -21.86
CA GLN A 213 35.96 -17.41 -20.65
C GLN A 213 34.60 -18.09 -20.80
N SER A 214 34.10 -18.27 -22.02
CA SER A 214 32.87 -19.01 -22.25
C SER A 214 32.99 -20.08 -23.33
N GLY A 215 33.94 -19.97 -24.24
CA GLY A 215 34.06 -20.94 -25.31
C GLY A 215 33.00 -20.80 -26.38
N LEU A 216 32.46 -19.59 -26.54
CA LEU A 216 31.41 -19.33 -27.51
C LEU A 216 31.94 -18.39 -28.58
N TYR A 217 31.45 -18.57 -29.80
CA TYR A 217 31.95 -17.83 -30.95
C TYR A 217 31.10 -16.59 -31.16
N PHE A 218 31.71 -15.43 -30.97
CA PHE A 218 31.07 -14.13 -31.21
C PHE A 218 32.01 -13.34 -32.12
N ASP A 219 31.85 -13.50 -33.42
CA ASP A 219 32.78 -12.93 -34.39
C ASP A 219 32.49 -11.45 -34.56
N TYR A 220 33.42 -10.62 -34.10
CA TYR A 220 33.31 -9.18 -34.19
C TYR A 220 34.34 -8.56 -35.12
N THR A 221 35.13 -9.38 -35.81
CA THR A 221 36.18 -8.85 -36.68
C THR A 221 35.63 -7.84 -37.66
N LYS A 222 34.59 -8.23 -38.41
CA LYS A 222 34.05 -7.36 -39.45
C LYS A 222 33.47 -6.08 -38.85
N ILE A 223 32.78 -6.21 -37.71
CA ILE A 223 32.16 -5.05 -37.08
C ILE A 223 33.23 -4.09 -36.59
N LYS A 224 34.24 -4.61 -35.91
CA LYS A 224 35.35 -3.78 -35.45
C LYS A 224 36.04 -3.09 -36.62
N GLU A 225 36.37 -3.84 -37.66
CA GLU A 225 36.99 -3.27 -38.85
C GLU A 225 36.18 -2.09 -39.38
N PHE A 226 34.90 -2.33 -39.66
CA PHE A 226 34.06 -1.27 -40.20
C PHE A 226 34.00 -0.08 -39.26
N MET A 227 33.83 -0.33 -37.96
CA MET A 227 33.55 0.76 -37.02
C MET A 227 34.79 1.54 -36.63
N SER A 228 35.98 1.01 -36.88
CA SER A 228 37.20 1.75 -36.59
C SER A 228 37.66 2.62 -37.77
N GLU A 229 37.15 2.36 -38.97
CA GLU A 229 37.47 3.18 -40.12
C GLU A 229 37.09 4.64 -39.87
N GLU A 230 37.64 5.53 -40.70
CA GLU A 230 37.33 6.95 -40.61
C GLU A 230 36.14 7.35 -41.46
N LYS A 231 35.99 6.74 -42.64
CA LYS A 231 34.81 7.02 -43.46
C LYS A 231 33.53 6.74 -42.70
N THR A 232 33.54 5.68 -41.88
CA THR A 232 32.40 5.41 -41.02
C THR A 232 32.21 6.52 -39.99
N HIS A 233 33.28 6.90 -39.30
CA HIS A 233 33.18 7.95 -38.29
C HIS A 233 32.71 9.27 -38.88
N GLU A 234 32.87 9.48 -40.19
CA GLU A 234 32.37 10.70 -40.80
C GLU A 234 30.87 10.86 -40.57
N THR A 235 30.13 9.76 -40.68
CA THR A 235 28.69 9.76 -40.47
C THR A 235 28.28 9.20 -39.11
N MET A 236 29.06 8.29 -38.56
CA MET A 236 28.69 7.60 -37.34
C MET A 236 28.87 8.48 -36.11
N MET A 237 27.89 8.42 -35.21
CA MET A 237 28.03 9.00 -33.87
C MET A 237 28.35 7.86 -32.91
N VAL A 238 29.60 7.39 -33.00
CA VAL A 238 30.01 6.21 -32.26
C VAL A 238 29.78 6.37 -30.77
N ASP A 239 29.72 7.59 -30.26
CA ASP A 239 29.41 7.82 -28.85
C ASP A 239 27.97 7.49 -28.53
N ARG A 240 27.16 7.16 -29.53
CA ARG A 240 25.77 6.78 -29.35
C ARG A 240 25.56 5.27 -29.47
N SER A 241 26.64 4.50 -29.44
CA SER A 241 26.58 3.05 -29.63
C SER A 241 26.33 2.35 -28.31
N TYR A 242 25.87 1.10 -28.41
CA TYR A 242 25.58 0.31 -27.22
C TYR A 242 25.66 -1.17 -27.57
N LEU A 243 25.72 -1.98 -26.51
CA LEU A 243 25.85 -3.44 -26.63
C LEU A 243 24.65 -4.11 -25.99
N SER A 244 24.03 -5.03 -26.70
CA SER A 244 22.83 -5.71 -26.22
C SER A 244 23.07 -7.20 -26.15
N PHE A 245 22.47 -7.82 -25.13
CA PHE A 245 22.47 -9.27 -25.02
C PHE A 245 21.16 -9.73 -24.40
N ASP A 246 20.71 -10.90 -24.84
CA ASP A 246 19.57 -11.53 -24.20
C ASP A 246 20.01 -12.24 -22.93
N CYS A 247 19.26 -12.02 -21.86
CA CYS A 247 19.63 -12.54 -20.54
C CYS A 247 19.15 -13.99 -20.42
N LEU A 248 19.90 -14.86 -21.09
CA LEU A 248 19.61 -16.28 -21.16
C LEU A 248 20.92 -17.04 -21.08
N ASP A 249 20.85 -18.35 -21.30
CA ASP A 249 22.04 -19.16 -21.41
C ASP A 249 22.90 -18.66 -22.55
N PRO A 250 24.14 -18.24 -22.31
CA PRO A 250 24.96 -17.65 -23.37
C PRO A 250 25.00 -18.45 -24.65
N ALA A 251 24.74 -19.76 -24.58
CA ALA A 251 24.70 -20.59 -25.77
C ALA A 251 23.40 -20.43 -26.54
N LYS A 252 22.37 -19.89 -25.91
CA LYS A 252 21.11 -19.58 -26.57
C LYS A 252 20.89 -18.08 -26.71
N SER A 253 21.84 -17.26 -26.29
CA SER A 253 21.72 -15.83 -26.32
C SER A 253 22.41 -15.29 -27.58
N ARG A 254 22.50 -13.96 -27.66
CA ARG A 254 23.11 -13.28 -28.79
C ARG A 254 23.99 -12.17 -28.24
N ILE A 255 24.80 -11.58 -29.11
CA ILE A 255 25.39 -10.29 -28.80
C ILE A 255 25.07 -9.37 -29.97
N LYS A 256 24.75 -8.13 -29.68
CA LYS A 256 24.36 -7.19 -30.71
C LYS A 256 25.06 -5.87 -30.46
N ILE A 257 25.65 -5.33 -31.53
CA ILE A 257 26.36 -4.06 -31.45
C ILE A 257 25.53 -3.03 -32.20
N TYR A 258 25.09 -2.00 -31.49
CA TYR A 258 24.28 -0.92 -32.01
C TYR A 258 25.09 0.35 -32.17
N THR A 259 24.84 1.07 -33.26
CA THR A 259 25.39 2.41 -33.43
C THR A 259 24.41 3.28 -34.20
N GLU A 260 24.55 4.58 -34.01
CA GLU A 260 23.75 5.59 -34.69
C GLU A 260 24.53 6.20 -35.85
N ALA A 261 23.83 6.49 -36.94
CA ALA A 261 24.41 7.14 -38.10
C ALA A 261 23.38 8.06 -38.73
N LYS A 262 23.79 9.29 -38.99
CA LYS A 262 22.97 10.26 -39.70
C LYS A 262 23.50 10.33 -41.13
N VAL A 263 22.79 9.70 -42.05
CA VAL A 263 23.26 9.52 -43.42
C VAL A 263 22.39 10.34 -44.36
N LYS A 264 22.75 10.33 -45.63
CA LYS A 264 22.04 11.10 -46.65
C LYS A 264 21.62 10.28 -47.85
N THR A 265 22.30 9.17 -48.13
CA THR A 265 21.99 8.31 -49.26
C THR A 265 21.78 6.89 -48.77
N LEU A 266 21.34 6.04 -49.69
CA LEU A 266 21.28 4.61 -49.42
C LEU A 266 22.60 3.91 -49.65
N GLU A 267 23.56 4.59 -50.28
CA GLU A 267 24.92 4.09 -50.31
C GLU A 267 25.56 4.14 -48.93
N GLU A 268 25.40 5.26 -48.23
CA GLU A 268 25.90 5.37 -46.86
C GLU A 268 25.14 4.44 -45.93
N ALA A 269 23.91 4.08 -46.29
CA ALA A 269 23.15 3.13 -45.48
C ALA A 269 23.61 1.70 -45.72
N TYR A 270 23.84 1.34 -46.99
CA TYR A 270 24.44 0.05 -47.30
C TYR A 270 25.81 -0.10 -46.67
N SER A 271 26.52 1.02 -46.50
CA SER A 271 27.81 0.98 -45.81
C SER A 271 27.67 0.35 -44.44
N PHE A 272 26.65 0.74 -43.67
CA PHE A 272 26.43 0.16 -42.36
C PHE A 272 25.74 -1.20 -42.45
N TRP A 273 24.85 -1.37 -43.43
CA TRP A 273 24.09 -2.61 -43.54
C TRP A 273 24.96 -3.80 -43.91
N SER A 274 26.05 -3.57 -44.64
CA SER A 274 26.93 -4.64 -45.07
C SER A 274 28.34 -4.52 -44.50
N LEU A 275 28.60 -3.56 -43.63
CA LEU A 275 29.93 -3.34 -43.05
C LEU A 275 30.98 -3.13 -44.12
N GLY A 276 30.58 -2.61 -45.28
CA GLY A 276 31.50 -2.35 -46.36
C GLY A 276 31.76 -3.57 -47.20
N GLY A 277 30.70 -4.22 -47.65
CA GLY A 277 30.83 -5.42 -48.45
C GLY A 277 31.31 -6.64 -47.70
N ARG A 278 31.68 -6.49 -46.43
CA ARG A 278 32.17 -7.64 -45.67
C ARG A 278 31.05 -8.66 -45.45
N LEU A 279 29.83 -8.19 -45.24
CA LEU A 279 28.66 -9.06 -45.17
C LEU A 279 27.99 -9.09 -46.53
N SER A 280 27.66 -10.29 -46.99
CA SER A 280 27.08 -10.47 -48.31
C SER A 280 26.15 -11.68 -48.29
N GLY A 281 25.37 -11.82 -49.36
CA GLY A 281 24.48 -12.93 -49.50
C GLY A 281 23.10 -12.51 -49.93
N PRO A 282 22.19 -13.47 -50.07
CA PRO A 282 20.82 -13.12 -50.49
C PRO A 282 20.04 -12.39 -49.41
N GLU A 283 20.24 -12.75 -48.14
CA GLU A 283 19.52 -12.08 -47.06
C GLU A 283 19.86 -10.59 -47.05
N ILE A 284 21.13 -10.25 -47.30
CA ILE A 284 21.56 -8.86 -47.28
C ILE A 284 20.83 -8.07 -48.35
N ASP A 285 20.75 -8.64 -49.56
CA ASP A 285 20.12 -7.94 -50.68
C ASP A 285 18.63 -7.79 -50.47
N TYR A 286 17.96 -8.87 -50.04
CA TYR A 286 16.53 -8.80 -49.75
C TYR A 286 16.25 -7.73 -48.68
N GLY A 287 16.98 -7.78 -47.57
CA GLY A 287 16.77 -6.82 -46.51
C GLY A 287 17.00 -5.40 -46.98
N PHE A 288 17.99 -5.20 -47.84
CA PHE A 288 18.25 -3.84 -48.28
C PHE A 288 17.25 -3.38 -49.33
N LYS A 289 16.65 -4.30 -50.08
CA LYS A 289 15.54 -3.88 -50.93
C LYS A 289 14.36 -3.40 -50.09
N ILE A 290 14.07 -4.13 -49.01
CA ILE A 290 13.06 -3.65 -48.06
C ILE A 290 13.44 -2.29 -47.51
N VAL A 291 14.72 -2.10 -47.18
CA VAL A 291 15.19 -0.85 -46.63
C VAL A 291 14.98 0.28 -47.63
N SER A 292 15.41 0.09 -48.87
CA SER A 292 15.23 1.11 -49.88
C SER A 292 13.76 1.42 -50.11
N GLN A 293 12.91 0.38 -50.14
CA GLN A 293 11.48 0.59 -50.27
C GLN A 293 10.97 1.53 -49.19
N MET A 294 11.25 1.21 -47.92
CA MET A 294 10.75 2.05 -46.83
C MET A 294 11.42 3.43 -46.80
N TRP A 295 12.69 3.52 -47.17
CA TRP A 295 13.36 4.80 -47.32
C TRP A 295 12.62 5.69 -48.29
N ASP A 296 12.47 5.24 -49.53
CA ASP A 296 11.75 6.01 -50.52
C ASP A 296 10.32 6.31 -50.09
N ALA A 297 9.71 5.40 -49.35
CA ALA A 297 8.30 5.58 -49.00
C ALA A 297 8.11 6.57 -47.87
N ILE A 298 9.06 6.69 -46.96
CA ILE A 298 8.90 7.48 -45.74
C ILE A 298 9.69 8.80 -45.81
N TYR A 299 10.98 8.72 -46.14
CA TYR A 299 11.82 9.91 -46.12
C TYR A 299 11.69 10.74 -47.40
N SER A 300 10.93 10.27 -48.39
CA SER A 300 10.60 11.13 -49.52
C SER A 300 9.52 12.13 -49.15
N LYS A 301 8.51 11.68 -48.41
CA LYS A 301 7.42 12.56 -48.00
C LYS A 301 7.96 13.73 -47.20
N GLU A 302 7.22 14.82 -47.21
CA GLU A 302 7.65 16.03 -46.54
C GLU A 302 7.39 15.94 -45.04
N LEU A 303 8.07 16.80 -44.30
CA LEU A 303 8.00 16.86 -42.85
C LEU A 303 6.94 17.86 -42.41
N PRO A 304 6.62 17.89 -41.12
CA PRO A 304 5.74 18.95 -40.61
C PRO A 304 6.47 20.28 -40.56
N GLY A 305 5.68 21.34 -40.45
CA GLY A 305 6.25 22.67 -40.41
C GLY A 305 7.10 23.01 -41.61
N GLY A 306 6.95 22.27 -42.72
CA GLY A 306 7.76 22.50 -43.89
C GLY A 306 9.25 22.42 -43.66
N LYS A 307 9.67 21.84 -42.54
CA LYS A 307 11.09 21.72 -42.25
C LYS A 307 11.75 20.76 -43.24
N GLN A 308 12.99 21.07 -43.61
CA GLN A 308 13.73 20.27 -44.56
C GLN A 308 14.46 19.13 -43.85
N ARG A 309 14.61 18.01 -44.57
CA ARG A 309 15.36 16.87 -44.07
C ARG A 309 16.84 17.15 -44.24
N GLU A 310 17.48 17.67 -43.19
CA GLU A 310 18.92 17.86 -43.23
C GLU A 310 19.62 16.55 -43.57
N ASN A 311 19.33 15.51 -42.80
CA ASN A 311 19.79 14.17 -43.10
C ASN A 311 18.80 13.19 -42.48
N ASN A 312 19.02 11.91 -42.72
CA ASN A 312 18.14 10.84 -42.26
C ASN A 312 18.83 10.07 -41.13
N HIS A 313 18.12 9.94 -40.02
CA HIS A 313 18.65 9.34 -38.80
C HIS A 313 18.34 7.85 -38.78
N ILE A 314 19.38 7.02 -38.75
CA ILE A 314 19.24 5.59 -38.67
C ILE A 314 20.06 5.08 -37.50
N GLN A 315 19.61 3.98 -36.94
CA GLN A 315 20.43 3.15 -36.08
C GLN A 315 20.64 1.81 -36.76
N ILE A 316 21.58 1.04 -36.24
CA ILE A 316 21.96 -0.20 -36.87
C ILE A 316 22.49 -1.12 -35.79
N ASN A 317 22.04 -2.38 -35.81
CA ASN A 317 22.68 -3.39 -35.00
C ASN A 317 23.23 -4.47 -35.90
N TRP A 318 24.32 -5.06 -35.44
CA TRP A 318 24.85 -6.29 -36.02
C TRP A 318 24.80 -7.35 -34.93
N GLU A 319 24.13 -8.45 -35.25
CA GLU A 319 23.86 -9.55 -34.34
C GLU A 319 24.86 -10.66 -34.60
N MET A 320 25.59 -11.03 -33.55
CA MET A 320 26.55 -12.13 -33.57
C MET A 320 25.95 -13.30 -32.80
N SER A 321 26.06 -14.47 -33.42
CA SER A 321 25.48 -15.70 -32.91
C SER A 321 26.51 -16.46 -32.08
N ALA A 322 26.08 -16.97 -30.92
CA ALA A 322 26.94 -17.76 -30.08
C ALA A 322 27.28 -19.11 -30.69
N LYS A 323 26.62 -19.50 -31.77
CA LYS A 323 26.86 -20.77 -32.42
C LYS A 323 27.78 -20.65 -33.62
N ASP A 324 27.63 -19.57 -34.38
CA ASP A 324 28.27 -19.45 -35.69
C ASP A 324 28.99 -18.12 -35.79
N SER A 325 29.75 -17.98 -36.87
CA SER A 325 30.35 -16.70 -37.26
C SER A 325 29.43 -16.04 -38.26
N SER A 326 28.28 -15.55 -37.78
CA SER A 326 27.23 -15.06 -38.67
C SER A 326 26.75 -13.71 -38.13
N VAL A 327 27.30 -12.65 -38.68
CA VAL A 327 26.86 -11.30 -38.38
C VAL A 327 25.65 -11.00 -39.23
N ALA A 328 24.57 -10.56 -38.58
CA ALA A 328 23.35 -10.22 -39.31
C ALA A 328 22.91 -8.80 -38.98
N PRO A 329 22.60 -7.97 -39.96
CA PRO A 329 22.22 -6.59 -39.66
C PRO A 329 20.73 -6.39 -39.44
N LYS A 330 20.42 -5.36 -38.67
CA LYS A 330 19.07 -4.88 -38.47
C LYS A 330 19.11 -3.37 -38.50
N LEU A 331 18.38 -2.78 -39.44
CA LEU A 331 18.45 -1.34 -39.70
C LEU A 331 17.22 -0.65 -39.17
N TYR A 332 17.43 0.37 -38.35
CA TYR A 332 16.35 1.13 -37.72
C TYR A 332 16.25 2.50 -38.39
N LEU A 333 15.09 2.79 -38.95
CA LEU A 333 14.77 4.12 -39.46
C LEU A 333 14.07 4.89 -38.35
N THR A 334 14.56 6.10 -38.06
CA THR A 334 13.92 6.95 -37.08
C THR A 334 12.83 7.77 -37.75
N VAL A 335 11.61 7.70 -37.21
CA VAL A 335 10.44 8.34 -37.81
C VAL A 335 9.70 9.13 -36.75
N ILE A 336 10.37 9.48 -35.66
CA ILE A 336 9.69 10.17 -34.57
C ILE A 336 9.18 11.54 -35.03
N GLU A 337 9.91 12.21 -35.91
CA GLU A 337 9.56 13.55 -36.35
C GLU A 337 8.99 13.54 -37.77
N ASP A 338 8.32 12.45 -38.14
CA ASP A 338 7.58 12.35 -39.39
C ASP A 338 6.09 12.33 -39.09
N TYR A 339 5.29 12.33 -40.16
CA TYR A 339 3.85 12.18 -40.03
C TYR A 339 3.50 10.72 -39.77
N ASP A 340 2.79 10.48 -38.67
CA ASP A 340 2.36 9.12 -38.36
C ASP A 340 1.54 8.53 -39.50
N ALA A 341 0.80 9.37 -40.23
CA ALA A 341 0.00 8.88 -41.35
C ALA A 341 0.88 8.31 -42.45
N TYR A 342 1.95 9.01 -42.81
CA TYR A 342 2.83 8.53 -43.86
C TYR A 342 3.58 7.29 -43.41
N VAL A 343 4.00 7.26 -42.14
CA VAL A 343 4.65 6.07 -41.59
C VAL A 343 3.71 4.87 -41.70
N SER A 344 2.46 5.04 -41.27
CA SER A 344 1.51 3.94 -41.32
C SER A 344 1.23 3.51 -42.74
N SER A 345 1.12 4.47 -43.67
CA SER A 345 0.91 4.11 -45.06
C SER A 345 2.10 3.31 -45.61
N ALA A 346 3.32 3.70 -45.23
CA ALA A 346 4.50 2.96 -45.65
C ALA A 346 4.49 1.54 -45.10
N ILE A 347 4.20 1.40 -43.81
CA ILE A 347 4.11 0.09 -43.18
C ILE A 347 3.08 -0.77 -43.91
N VAL A 348 1.91 -0.19 -44.19
CA VAL A 348 0.83 -0.95 -44.81
C VAL A 348 1.21 -1.36 -46.22
N ASP A 349 1.83 -0.46 -46.99
CA ASP A 349 2.26 -0.82 -48.34
C ASP A 349 3.30 -1.93 -48.29
N LEU A 350 4.23 -1.85 -47.33
CA LEU A 350 5.24 -2.89 -47.20
C LEU A 350 4.61 -4.24 -46.90
N PHE A 351 3.79 -4.30 -45.85
CA PHE A 351 3.11 -5.55 -45.50
C PHE A 351 2.31 -6.08 -46.68
N THR A 352 1.55 -5.21 -47.35
CA THR A 352 0.77 -5.64 -48.50
C THR A 352 1.65 -6.27 -49.56
N GLY A 353 2.76 -5.61 -49.89
CA GLY A 353 3.67 -6.16 -50.87
C GLY A 353 4.22 -7.52 -50.45
N LEU A 354 4.51 -7.68 -49.16
CA LEU A 354 5.04 -8.94 -48.65
C LEU A 354 3.97 -10.01 -48.52
N GLY A 355 2.70 -9.69 -48.76
CA GLY A 355 1.63 -10.64 -48.54
C GLY A 355 1.13 -10.73 -47.12
N TRP A 356 1.40 -9.73 -46.29
CA TRP A 356 1.05 -9.75 -44.87
C TRP A 356 -0.22 -8.92 -44.67
N ALA A 357 -1.37 -9.52 -44.97
CA ALA A 357 -2.63 -8.80 -44.82
C ALA A 357 -3.10 -8.84 -43.38
N ALA A 358 -2.97 -9.99 -42.72
CA ALA A 358 -3.28 -10.08 -41.30
C ALA A 358 -2.48 -9.07 -40.50
N HIS A 359 -1.20 -8.88 -40.86
CA HIS A 359 -0.37 -7.90 -40.17
C HIS A 359 -0.85 -6.48 -40.45
N VAL A 360 -1.31 -6.23 -41.68
CA VAL A 360 -1.88 -4.93 -42.00
C VAL A 360 -3.05 -4.63 -41.08
N GLN A 361 -3.95 -5.59 -40.94
CA GLN A 361 -5.12 -5.36 -40.10
C GLN A 361 -4.76 -5.28 -38.63
N THR A 362 -3.78 -6.05 -38.18
CA THR A 362 -3.31 -5.94 -36.80
C THR A 362 -2.72 -4.55 -36.54
N HIS A 363 -1.90 -4.07 -37.48
CA HIS A 363 -1.29 -2.75 -37.33
C HIS A 363 -2.34 -1.66 -37.32
N LYS A 364 -3.34 -1.77 -38.20
CA LYS A 364 -4.39 -0.77 -38.25
C LYS A 364 -5.27 -0.81 -37.00
N LYS A 365 -5.56 -2.02 -36.51
CA LYS A 365 -6.31 -2.15 -35.26
C LYS A 365 -5.56 -1.52 -34.09
N ILE A 366 -4.26 -1.76 -33.99
CA ILE A 366 -3.47 -1.17 -32.92
C ILE A 366 -3.45 0.35 -33.06
N GLU A 367 -3.28 0.85 -34.29
CA GLU A 367 -3.32 2.29 -34.51
C GLU A 367 -4.66 2.88 -34.06
N LYS A 368 -5.75 2.26 -34.48
CA LYS A 368 -7.08 2.80 -34.20
C LYS A 368 -7.40 2.77 -32.71
N GLU A 369 -7.15 1.64 -32.07
CA GLU A 369 -7.59 1.45 -30.69
C GLU A 369 -6.61 2.06 -29.68
N ALA A 370 -5.31 1.84 -29.87
CA ALA A 370 -4.31 2.24 -28.90
C ALA A 370 -3.67 3.58 -29.22
N TYR A 371 -3.75 4.03 -30.46
CA TYR A 371 -3.18 5.31 -30.88
C TYR A 371 -4.23 6.07 -31.69
N PRO A 372 -5.29 6.53 -31.05
CA PRO A 372 -6.35 7.21 -31.81
C PRO A 372 -5.92 8.54 -32.38
N MET A 373 -4.98 9.22 -31.72
CA MET A 373 -4.48 10.50 -32.22
C MET A 373 -4.03 10.45 -33.66
N CYS A 374 -3.77 9.25 -34.21
CA CYS A 374 -3.31 9.16 -35.58
C CYS A 374 -4.41 9.52 -36.57
N ASP A 375 -5.66 9.20 -36.23
CA ASP A 375 -6.80 9.59 -37.06
C ASP A 375 -7.43 10.88 -36.59
N ALA A 376 -7.61 11.04 -35.28
CA ALA A 376 -8.16 12.28 -34.75
C ALA A 376 -7.38 13.48 -35.22
N ASN A 377 -6.06 13.42 -35.11
CA ASN A 377 -5.17 14.50 -35.53
C ASN A 377 -4.47 14.10 -36.83
N PRO A 378 -4.81 14.71 -37.97
CA PRO A 378 -4.09 14.38 -39.21
C PRO A 378 -2.62 14.74 -39.17
N GLN A 379 -2.24 15.71 -38.35
CA GLN A 379 -0.85 16.12 -38.19
C GLN A 379 -0.23 15.43 -36.97
N SER A 380 -0.29 14.11 -36.97
CA SER A 380 0.16 13.31 -35.84
C SER A 380 1.64 12.98 -36.00
N THR A 381 2.41 13.22 -34.94
CA THR A 381 3.85 13.05 -34.97
C THR A 381 4.40 12.26 -33.80
N HIS A 382 3.55 11.81 -32.87
CA HIS A 382 4.02 11.31 -31.59
C HIS A 382 3.95 9.79 -31.44
N ALA A 383 3.14 9.10 -32.23
CA ALA A 383 2.93 7.68 -31.99
C ALA A 383 4.14 6.85 -32.43
N TYR A 384 4.43 6.88 -33.72
CA TYR A 384 5.49 6.05 -34.27
C TYR A 384 6.85 6.67 -34.03
N VAL A 385 7.83 5.84 -33.71
CA VAL A 385 9.18 6.31 -33.40
C VAL A 385 10.19 5.62 -34.29
N TRP A 386 10.09 4.30 -34.47
CA TRP A 386 11.11 3.58 -35.21
C TRP A 386 10.50 2.49 -36.07
N ILE A 387 11.18 2.19 -37.17
CA ILE A 387 10.89 1.02 -37.99
C ILE A 387 12.18 0.23 -38.14
N SER A 388 12.21 -0.99 -37.60
CA SER A 388 13.33 -1.89 -37.75
C SER A 388 13.07 -2.88 -38.87
N LEU A 389 14.07 -3.07 -39.72
CA LEU A 389 13.98 -3.94 -40.87
C LEU A 389 15.13 -4.93 -40.82
N ALA A 390 14.81 -6.19 -41.07
CA ALA A 390 15.80 -7.24 -41.19
C ALA A 390 15.24 -8.32 -42.09
N TYR A 391 16.14 -9.16 -42.61
CA TYR A 391 15.74 -10.30 -43.43
C TYR A 391 16.51 -11.52 -42.93
N LYS A 392 15.85 -12.29 -42.07
CA LYS A 392 16.40 -13.55 -41.64
C LYS A 392 16.10 -14.62 -42.69
N LYS A 393 16.71 -15.79 -42.51
CA LYS A 393 16.42 -16.88 -43.42
C LYS A 393 14.95 -17.28 -43.36
N THR A 394 14.30 -17.06 -42.21
CA THR A 394 12.86 -17.29 -42.11
C THR A 394 12.09 -16.37 -43.05
N GLY A 395 12.62 -15.17 -43.29
CA GLY A 395 11.95 -14.20 -44.13
C GLY A 395 12.14 -12.81 -43.57
N PRO A 396 11.28 -11.87 -43.97
CA PRO A 396 11.37 -10.51 -43.43
C PRO A 396 11.05 -10.47 -41.96
N TYR A 397 11.54 -9.43 -41.31
CA TYR A 397 11.45 -9.24 -39.86
C TYR A 397 11.33 -7.75 -39.65
N ILE A 398 10.10 -7.27 -39.45
CA ILE A 398 9.83 -5.84 -39.40
C ILE A 398 9.21 -5.51 -38.06
N THR A 399 9.87 -4.66 -37.30
CA THR A 399 9.38 -4.25 -36.00
C THR A 399 8.93 -2.80 -36.07
N VAL A 400 7.72 -2.54 -35.60
CA VAL A 400 7.17 -1.20 -35.54
C VAL A 400 7.24 -0.76 -34.08
N TYR A 401 8.01 0.30 -33.83
CA TYR A 401 8.18 0.86 -32.50
C TYR A 401 7.41 2.16 -32.40
N THR A 402 6.62 2.28 -31.33
CA THR A 402 5.70 3.35 -31.10
C THR A 402 5.96 3.91 -29.72
N ASN A 403 5.55 5.15 -29.50
CA ASN A 403 5.62 5.72 -28.17
C ASN A 403 4.31 5.41 -27.47
N PRO A 404 4.29 4.51 -26.48
CA PRO A 404 3.05 4.17 -25.81
C PRO A 404 2.58 5.22 -24.81
N GLY A 405 3.31 6.33 -24.71
CA GLY A 405 2.90 7.47 -23.91
C GLY A 405 2.57 8.66 -24.77
N ALA A 406 2.15 8.40 -26.00
CA ALA A 406 1.76 9.47 -26.90
C ALA A 406 0.58 10.28 -26.35
N SER A 407 -0.34 9.60 -25.65
CA SER A 407 -1.39 10.25 -24.88
C SER A 407 -0.86 11.46 -24.12
N ILE A 408 0.34 11.33 -23.57
CA ILE A 408 0.89 12.38 -22.72
C ILE A 408 1.34 13.58 -23.54
N LEU A 409 1.73 13.36 -24.78
CA LEU A 409 2.22 14.42 -25.65
C LEU A 409 1.15 15.04 -26.52
N GLU A 410 0.00 14.39 -26.67
CA GLU A 410 -1.12 14.95 -27.42
C GLU A 410 -2.05 15.74 -26.51
N SER B 1 -2.59 9.61 27.17
CA SER B 1 -1.76 10.01 26.00
C SER B 1 -1.04 8.81 25.42
N PRO B 2 -1.35 8.42 24.18
CA PRO B 2 -0.63 7.31 23.57
C PRO B 2 0.81 7.67 23.28
N SER B 3 1.61 6.64 23.13
CA SER B 3 3.01 6.80 22.79
C SER B 3 3.18 6.84 21.28
N PRO B 4 4.27 7.44 20.80
CA PRO B 4 4.45 7.55 19.35
C PRO B 4 4.35 6.23 18.61
N TRP B 5 4.88 5.15 19.18
CA TRP B 5 4.86 3.87 18.48
C TRP B 5 3.47 3.26 18.45
N ASP B 6 2.72 3.37 19.54
CA ASP B 6 1.34 2.90 19.53
C ASP B 6 0.51 3.66 18.49
N PHE B 7 0.49 4.98 18.58
CA PHE B 7 -0.29 5.79 17.66
C PHE B 7 0.14 5.56 16.22
N LEU B 8 1.45 5.46 15.98
CA LEU B 8 1.94 5.29 14.62
C LEU B 8 1.55 3.93 14.07
N GLY B 9 1.70 2.86 14.85
CA GLY B 9 1.22 1.57 14.43
C GLY B 9 -0.26 1.58 14.15
N ARG B 10 -1.01 2.43 14.84
CA ARG B 10 -2.42 2.57 14.55
C ARG B 10 -2.65 3.26 13.21
N VAL B 11 -1.88 4.30 12.92
CA VAL B 11 -2.13 5.08 11.70
C VAL B 11 -1.28 4.61 10.51
N LEU B 12 -0.07 4.13 10.75
CA LEU B 12 0.85 3.89 9.65
C LEU B 12 0.33 2.80 8.73
N GLN B 13 0.52 3.00 7.43
CA GLN B 13 0.20 2.02 6.42
C GLN B 13 1.50 1.33 6.01
N PHE B 14 1.51 0.01 6.10
CA PHE B 14 2.71 -0.76 5.86
C PHE B 14 2.63 -1.48 4.52
N GLN B 15 3.74 -1.47 3.79
CA GLN B 15 3.79 -2.08 2.47
C GLN B 15 3.77 -3.59 2.52
N HIS B 16 4.18 -4.19 3.64
CA HIS B 16 4.25 -5.64 3.75
C HIS B 16 3.98 -6.02 5.20
N GLY B 17 3.34 -7.18 5.37
CA GLY B 17 3.04 -7.65 6.71
C GLY B 17 4.27 -7.83 7.58
N ASP B 18 5.38 -8.25 6.97
CA ASP B 18 6.62 -8.40 7.71
C ASP B 18 7.09 -7.08 8.28
N HIS B 19 6.85 -5.98 7.57
CA HIS B 19 7.17 -4.68 8.12
C HIS B 19 6.33 -4.37 9.34
N LYS B 20 5.05 -4.75 9.30
CA LYS B 20 4.17 -4.55 10.44
C LYS B 20 4.61 -5.39 11.63
N ARG B 21 5.02 -6.63 11.40
CA ARG B 21 5.46 -7.50 12.48
C ARG B 21 6.77 -7.02 13.09
N TRP B 22 7.74 -6.66 12.24
CA TRP B 22 8.96 -6.04 12.74
C TRP B 22 8.65 -4.80 13.54
N TRP B 23 7.70 -3.98 13.08
CA TRP B 23 7.29 -2.81 13.83
C TRP B 23 6.77 -3.19 15.20
N ASP B 24 5.82 -4.13 15.25
CA ASP B 24 5.23 -4.53 16.52
C ASP B 24 6.29 -5.02 17.49
N VAL B 25 7.37 -5.62 16.98
CA VAL B 25 8.44 -6.08 17.85
C VAL B 25 9.35 -4.94 18.29
N LEU B 26 9.77 -4.10 17.35
CA LEU B 26 10.89 -3.19 17.54
C LEU B 26 10.49 -1.78 17.95
N ALA B 27 9.41 -1.25 17.41
CA ALA B 27 9.03 0.12 17.74
C ALA B 27 8.84 0.34 19.24
N PRO B 28 8.19 -0.54 19.98
CA PRO B 28 8.17 -0.35 21.44
C PRO B 28 9.55 -0.33 22.04
N VAL B 29 10.45 -1.22 21.65
CA VAL B 29 11.80 -1.23 22.20
C VAL B 29 12.52 0.07 21.90
N PHE B 30 12.59 0.45 20.62
CA PHE B 30 13.32 1.65 20.24
C PHE B 30 12.71 2.89 20.87
N GLY B 31 11.39 2.99 20.86
CA GLY B 31 10.72 4.12 21.46
C GLY B 31 10.92 4.22 22.96
N ILE B 32 10.80 3.08 23.66
CA ILE B 32 11.03 3.06 25.09
C ILE B 32 12.46 3.48 25.42
N SER B 33 13.42 3.02 24.62
CA SER B 33 14.80 3.41 24.86
C SER B 33 15.01 4.91 24.64
N MET B 34 14.56 5.41 23.48
CA MET B 34 14.67 6.84 23.20
C MET B 34 13.97 7.68 24.26
N ALA B 35 12.82 7.24 24.74
CA ALA B 35 12.08 7.96 25.75
C ALA B 35 12.82 7.94 27.09
N SER B 36 13.29 6.77 27.49
CA SER B 36 14.00 6.64 28.76
C SER B 36 15.26 7.48 28.80
N ILE B 37 15.97 7.58 27.67
CA ILE B 37 17.16 8.41 27.64
C ILE B 37 16.84 9.88 27.43
N GLY B 38 15.60 10.21 27.10
CA GLY B 38 15.13 11.57 27.11
C GLY B 38 14.93 12.23 25.77
N TYR B 39 14.71 11.46 24.71
CA TYR B 39 14.46 12.05 23.41
C TYR B 39 13.08 12.70 23.38
N LYS B 40 13.02 13.88 22.79
CA LYS B 40 11.76 14.58 22.66
C LYS B 40 10.82 13.83 21.71
N LEU B 41 9.53 14.05 21.92
CA LEU B 41 8.52 13.31 21.16
C LEU B 41 8.60 13.60 19.66
N ASP B 42 8.89 14.84 19.29
CA ASP B 42 9.23 15.15 17.90
C ASP B 42 10.27 14.18 17.38
N VAL B 43 11.33 13.97 18.16
CA VAL B 43 12.46 13.15 17.74
C VAL B 43 12.06 11.68 17.70
N GLN B 44 11.28 11.23 18.68
CA GLN B 44 10.79 9.86 18.65
C GLN B 44 9.98 9.59 17.40
N TYR B 45 9.07 10.51 17.05
CA TYR B 45 8.29 10.35 15.83
C TYR B 45 9.19 10.28 14.61
N ARG B 46 10.16 11.21 14.51
CA ARG B 46 11.03 11.23 13.35
C ARG B 46 11.84 9.94 13.23
N HIS B 47 12.39 9.47 14.33
CA HIS B 47 13.23 8.27 14.30
C HIS B 47 12.41 7.01 14.05
N LEU B 48 11.22 6.91 14.64
CA LEU B 48 10.36 5.78 14.38
C LEU B 48 9.86 5.78 12.94
N LEU B 49 9.71 6.95 12.33
CA LEU B 49 9.33 7.00 10.92
C LEU B 49 10.50 6.68 10.01
N VAL B 50 11.72 7.00 10.43
CA VAL B 50 12.91 6.50 9.73
C VAL B 50 12.92 4.98 9.78
N LEU B 51 12.75 4.42 10.98
CA LEU B 51 12.67 2.97 11.14
C LEU B 51 11.60 2.36 10.25
N TYR B 52 10.44 3.04 10.14
CA TYR B 52 9.33 2.55 9.34
C TYR B 52 9.63 2.64 7.84
N ASP B 53 10.32 3.70 7.42
CA ASP B 53 10.50 3.98 6.01
C ASP B 53 11.77 3.36 5.43
N ALA B 54 12.90 3.51 6.12
CA ALA B 54 14.19 3.14 5.56
C ALA B 54 14.71 1.82 6.06
N VAL B 55 14.47 1.48 7.33
CA VAL B 55 15.12 0.34 7.96
C VAL B 55 14.29 -0.92 7.78
N ILE B 56 13.06 -0.91 8.31
CA ILE B 56 12.28 -2.14 8.35
C ILE B 56 12.06 -2.72 6.97
N PRO B 57 11.85 -1.95 5.92
CA PRO B 57 11.74 -2.55 4.58
C PRO B 57 13.01 -3.20 4.09
N ASN B 58 14.15 -2.89 4.71
CA ASN B 58 15.42 -3.50 4.38
C ASN B 58 15.94 -4.40 5.50
N MET B 59 15.05 -4.87 6.37
CA MET B 59 15.41 -5.77 7.46
C MET B 59 15.25 -7.23 7.05
N GLY B 60 14.39 -7.50 6.08
CA GLY B 60 14.17 -8.83 5.60
C GLY B 60 12.94 -9.50 6.16
N PRO B 61 12.77 -10.78 5.80
CA PRO B 61 11.60 -11.53 6.26
C PRO B 61 11.52 -11.59 7.78
N PHE B 62 10.30 -11.57 8.27
CA PHE B 62 10.07 -11.75 9.70
C PHE B 62 9.96 -13.23 10.00
N PRO B 63 10.69 -13.73 11.00
CA PRO B 63 10.74 -15.18 11.21
C PRO B 63 9.41 -15.75 11.65
N ASN B 64 9.01 -16.83 10.99
CA ASN B 64 7.85 -17.59 11.41
C ASN B 64 8.25 -18.59 12.49
N SER B 65 7.35 -19.51 12.82
CA SER B 65 7.61 -20.48 13.87
C SER B 65 8.90 -21.26 13.61
N ASN B 66 8.98 -21.87 12.43
CA ASN B 66 10.12 -22.71 12.06
C ASN B 66 11.21 -21.95 11.32
N ALA B 67 11.07 -20.64 11.12
CA ALA B 67 12.04 -19.85 10.38
C ALA B 67 12.25 -20.41 8.97
N SER B 68 11.21 -21.01 8.41
CA SER B 68 11.25 -21.50 7.04
C SER B 68 11.46 -20.40 6.02
N ASN B 69 11.27 -19.14 6.41
CA ASN B 69 11.30 -18.02 5.48
C ASN B 69 12.62 -17.24 5.52
N ILE B 70 13.49 -17.52 6.49
CA ILE B 70 14.79 -16.87 6.55
C ILE B 70 15.74 -17.59 5.61
N THR B 71 15.74 -17.17 4.34
CA THR B 71 16.58 -17.78 3.32
C THR B 71 18.00 -17.22 3.33
N TRP B 72 18.24 -16.13 4.04
CA TRP B 72 19.55 -15.52 4.17
C TRP B 72 20.19 -16.00 5.47
N THR B 73 21.16 -16.88 5.35
CA THR B 73 21.75 -17.52 6.52
C THR B 73 22.61 -16.55 7.30
N SER B 74 22.60 -16.70 8.63
CA SER B 74 23.35 -15.83 9.52
C SER B 74 23.48 -16.49 10.88
N PRO B 75 24.61 -16.34 11.57
CA PRO B 75 24.67 -16.80 12.97
C PRO B 75 23.83 -15.97 13.90
N PHE B 76 23.45 -14.77 13.48
CA PHE B 76 22.67 -13.86 14.31
C PHE B 76 21.18 -14.06 14.03
N PRO B 77 20.35 -14.01 15.06
CA PRO B 77 18.91 -14.18 14.82
C PRO B 77 18.40 -13.10 13.90
N PRO B 78 17.38 -13.40 13.09
CA PRO B 78 16.86 -12.40 12.16
C PRO B 78 16.51 -11.10 12.86
N GLY B 79 16.75 -10.00 12.16
CA GLY B 79 16.47 -8.69 12.69
C GLY B 79 17.73 -7.91 12.97
N PRO B 80 17.60 -6.82 13.70
CA PRO B 80 18.78 -6.04 14.07
C PRO B 80 19.79 -6.89 14.80
N LEU B 81 21.06 -6.70 14.43
CA LEU B 81 22.14 -7.33 15.16
C LEU B 81 22.18 -6.83 16.60
N GLU B 82 21.72 -5.61 16.82
CA GLU B 82 21.68 -5.03 18.15
C GLU B 82 20.93 -3.72 18.10
N ALA B 83 20.31 -3.38 19.22
CA ALA B 83 19.96 -2.02 19.57
C ALA B 83 20.78 -1.67 20.78
N SER B 84 21.35 -0.48 20.77
CA SER B 84 22.34 -0.12 21.77
C SER B 84 22.01 1.23 22.36
N VAL B 85 22.37 1.38 23.63
CA VAL B 85 22.39 2.68 24.27
C VAL B 85 23.81 2.91 24.76
N ASN B 86 24.41 4.00 24.33
CA ASN B 86 25.72 4.40 24.80
C ASN B 86 25.58 5.44 25.91
N TYR B 87 26.29 5.21 27.00
CA TYR B 87 26.31 6.06 28.17
C TYR B 87 27.70 6.65 28.31
N GLN B 88 27.75 7.96 28.51
CA GLN B 88 28.98 8.68 28.83
C GLN B 88 28.74 9.54 30.05
N ALA B 89 29.71 10.38 30.40
CA ALA B 89 29.53 11.26 31.54
C ALA B 89 28.63 12.43 31.17
N GLY B 90 28.22 13.17 32.19
CA GLY B 90 27.30 14.27 31.99
C GLY B 90 25.90 13.82 31.63
N GLU B 91 25.51 12.63 32.06
CA GLU B 91 24.21 12.06 31.75
C GLU B 91 23.96 12.04 30.24
N SER B 92 25.02 11.87 29.47
CA SER B 92 24.93 11.76 28.02
C SER B 92 24.54 10.33 27.65
N SER B 93 23.54 10.20 26.80
CA SER B 93 23.03 8.91 26.38
C SER B 93 22.57 9.01 24.94
N MET B 94 23.04 8.12 24.09
CA MET B 94 22.63 8.10 22.70
C MET B 94 22.09 6.73 22.33
N PHE B 95 21.04 6.72 21.52
CA PHE B 95 20.45 5.51 21.01
C PHE B 95 21.04 5.20 19.65
N ARG B 96 21.33 3.92 19.43
CA ARG B 96 21.90 3.44 18.18
C ARG B 96 21.24 2.12 17.86
N PHE B 97 21.31 1.73 16.59
CA PHE B 97 20.94 0.37 16.26
C PHE B 97 21.60 -0.07 14.98
N THR B 98 21.91 -1.37 14.92
CA THR B 98 22.66 -1.97 13.83
C THR B 98 21.77 -2.97 13.12
N ILE B 99 21.82 -2.96 11.80
CA ILE B 99 21.05 -3.85 10.95
C ILE B 99 21.97 -4.36 9.86
N GLU B 100 21.91 -5.64 9.59
CA GLU B 100 22.51 -6.12 8.36
C GLU B 100 21.41 -6.05 7.30
N PRO B 101 21.47 -5.07 6.40
CA PRO B 101 20.37 -4.94 5.45
C PRO B 101 20.19 -6.17 4.60
N VAL B 102 19.05 -6.81 4.78
CA VAL B 102 18.69 -8.04 4.11
C VAL B 102 17.47 -7.76 3.25
N GLY B 103 17.54 -8.11 1.99
CA GLY B 103 16.40 -8.02 1.13
C GLY B 103 15.42 -9.12 1.41
N PRO B 104 14.23 -8.97 0.83
CA PRO B 104 13.16 -9.95 1.07
C PRO B 104 13.34 -11.25 0.29
N HIS B 105 14.21 -11.26 -0.72
CA HIS B 105 14.48 -12.44 -1.53
C HIS B 105 15.97 -12.76 -1.52
N ALA B 106 16.65 -12.37 -0.46
CA ALA B 106 18.06 -12.63 -0.30
C ALA B 106 18.30 -14.06 0.15
N GLY B 107 19.28 -14.71 -0.46
CA GLY B 107 19.49 -16.13 -0.27
C GLY B 107 18.74 -16.99 -1.25
N THR B 108 17.89 -16.39 -2.07
CA THR B 108 17.21 -17.05 -3.15
C THR B 108 17.94 -16.84 -4.46
N PRO B 109 17.64 -17.62 -5.49
CA PRO B 109 18.37 -17.50 -6.75
C PRO B 109 18.34 -16.11 -7.36
N ALA B 110 17.44 -15.23 -6.92
CA ALA B 110 17.35 -13.89 -7.49
C ALA B 110 18.27 -12.90 -6.78
N ASP B 111 18.50 -13.06 -5.48
CA ASP B 111 19.40 -12.19 -4.73
C ASP B 111 20.27 -13.08 -3.84
N PRO B 112 21.16 -13.87 -4.44
CA PRO B 112 21.98 -14.79 -3.65
C PRO B 112 23.06 -14.12 -2.81
N VAL B 113 23.30 -12.83 -2.99
CA VAL B 113 24.37 -12.13 -2.31
C VAL B 113 23.87 -10.89 -1.55
N ASN B 114 22.57 -10.61 -1.63
CA ASN B 114 21.97 -9.52 -0.87
C ASN B 114 22.66 -8.20 -1.18
N GLU B 115 22.58 -7.79 -2.46
CA GLU B 115 23.42 -6.71 -2.95
C GLU B 115 22.75 -5.34 -2.87
N LEU B 116 21.42 -5.28 -2.92
CA LEU B 116 20.72 -4.02 -3.07
C LEU B 116 20.27 -3.38 -1.75
N ALA B 117 20.05 -4.18 -0.71
CA ALA B 117 19.33 -3.68 0.45
C ALA B 117 20.10 -2.57 1.16
N ALA B 118 21.41 -2.72 1.33
CA ALA B 118 22.20 -1.66 1.92
C ALA B 118 22.14 -0.39 1.07
N LYS B 119 22.20 -0.55 -0.25
CA LYS B 119 22.11 0.61 -1.13
C LYS B 119 20.74 1.25 -1.09
N GLN B 120 19.68 0.45 -1.07
CA GLN B 120 18.33 0.99 -0.91
C GLN B 120 18.20 1.77 0.39
N LEU B 121 18.69 1.21 1.49
CA LEU B 121 18.66 1.91 2.77
C LEU B 121 19.42 3.22 2.71
N MET B 122 20.63 3.19 2.14
CA MET B 122 21.40 4.41 1.95
C MET B 122 20.59 5.45 1.17
N GLN B 123 20.01 5.06 0.04
CA GLN B 123 19.27 5.99 -0.79
C GLN B 123 18.07 6.57 -0.04
N ARG B 124 17.28 5.72 0.59
CA ARG B 124 16.10 6.18 1.30
C ARG B 124 16.48 7.12 2.43
N LEU B 125 17.52 6.78 3.18
CA LEU B 125 17.97 7.63 4.28
C LEU B 125 18.49 8.97 3.76
N GLY B 126 19.22 8.96 2.65
CA GLY B 126 19.69 10.20 2.07
C GLY B 126 18.55 11.08 1.59
N GLN B 127 17.50 10.48 1.03
CA GLN B 127 16.31 11.24 0.68
C GLN B 127 15.65 11.85 1.92
N LEU B 128 15.56 11.08 3.01
CA LEU B 128 14.93 11.60 4.21
C LEU B 128 15.75 12.72 4.84
N GLN B 129 17.07 12.72 4.61
CA GLN B 129 17.94 13.78 5.11
C GLN B 129 19.02 14.07 4.07
N PRO B 130 18.68 14.87 3.05
CA PRO B 130 19.70 15.28 2.09
C PRO B 130 20.83 16.02 2.78
N GLY B 131 22.06 15.55 2.54
CA GLY B 131 23.23 16.10 3.19
C GLY B 131 23.66 15.37 4.44
N GLY B 132 22.90 14.37 4.87
CA GLY B 132 23.24 13.59 6.04
C GLY B 132 24.05 12.35 5.75
N VAL B 133 24.15 11.96 4.49
CA VAL B 133 24.88 10.77 4.07
C VAL B 133 25.89 11.20 3.02
N ASP B 134 27.17 11.18 3.38
CA ASP B 134 28.26 11.39 2.44
C ASP B 134 28.79 10.03 2.01
N SER B 135 28.85 9.80 0.69
CA SER B 135 29.20 8.51 0.13
C SER B 135 30.66 8.44 -0.30
N THR B 136 31.48 9.44 0.04
CA THR B 136 32.88 9.44 -0.36
C THR B 136 33.61 8.21 0.17
N MET B 137 33.59 8.02 1.48
CA MET B 137 34.23 6.86 2.07
C MET B 137 33.59 5.57 1.58
N PHE B 138 32.27 5.55 1.48
CA PHE B 138 31.58 4.39 0.95
C PHE B 138 32.01 4.11 -0.48
N ASP B 139 32.10 5.15 -1.30
CA ASP B 139 32.45 4.95 -2.71
C ASP B 139 33.88 4.48 -2.86
N HIS B 140 34.78 4.88 -1.97
CA HIS B 140 36.15 4.39 -2.05
C HIS B 140 36.28 2.95 -1.53
N PHE B 141 35.63 2.64 -0.42
CA PHE B 141 35.81 1.35 0.23
C PHE B 141 34.93 0.24 -0.33
N TYR B 142 33.87 0.56 -1.06
CA TYR B 142 32.95 -0.45 -1.53
C TYR B 142 33.58 -1.36 -2.59
N PRO B 143 34.27 -0.81 -3.60
CA PRO B 143 34.88 -1.70 -4.59
C PRO B 143 35.96 -2.59 -4.01
N LEU B 144 36.70 -2.09 -3.03
CA LEU B 144 37.82 -2.82 -2.46
C LEU B 144 37.33 -3.90 -1.50
N LEU B 145 36.59 -3.49 -0.45
CA LEU B 145 36.21 -4.42 0.60
C LEU B 145 34.96 -5.21 0.24
N CYS B 146 33.97 -4.55 -0.35
CA CYS B 146 32.70 -5.19 -0.66
C CYS B 146 32.76 -5.88 -2.02
N VAL B 147 31.87 -6.84 -2.20
CA VAL B 147 31.73 -7.59 -3.45
C VAL B 147 30.36 -7.29 -4.02
N ASP B 148 30.34 -6.89 -5.29
CA ASP B 148 29.08 -6.67 -5.99
C ASP B 148 28.44 -7.99 -6.38
N GLY B 149 27.22 -7.90 -6.89
CA GLY B 149 26.49 -9.06 -7.33
C GLY B 149 27.18 -9.81 -8.44
N PRO B 150 27.56 -9.10 -9.50
CA PRO B 150 28.26 -9.79 -10.60
C PRO B 150 29.50 -10.55 -10.16
N GLU B 151 30.39 -9.91 -9.41
CA GLU B 151 31.61 -10.58 -8.99
C GLU B 151 31.30 -11.79 -8.12
N ALA B 152 30.38 -11.62 -7.16
CA ALA B 152 29.99 -12.75 -6.31
C ALA B 152 29.37 -13.89 -7.10
N ARG B 153 28.71 -13.58 -8.21
CA ARG B 153 28.03 -14.61 -8.98
C ARG B 153 28.97 -15.31 -9.95
N ARG B 154 29.97 -14.61 -10.49
CA ARG B 154 31.00 -15.28 -11.28
C ARG B 154 31.86 -16.15 -10.40
N GLN B 155 32.23 -15.63 -9.22
CA GLN B 155 33.12 -16.28 -8.28
C GLN B 155 32.36 -17.03 -7.19
N TRP B 156 31.21 -17.59 -7.53
CA TRP B 156 30.37 -18.23 -6.52
C TRP B 156 31.06 -19.45 -5.93
N ASP B 157 31.65 -20.29 -6.78
CA ASP B 157 32.32 -21.49 -6.30
C ASP B 157 33.35 -21.18 -5.23
N SER B 158 33.85 -19.94 -5.20
CA SER B 158 34.87 -19.58 -4.23
C SER B 158 34.28 -19.24 -2.87
N ILE B 159 33.02 -18.84 -2.82
CA ILE B 159 32.42 -18.32 -1.59
C ILE B 159 31.18 -19.08 -1.15
N ALA B 160 30.70 -20.05 -1.93
CA ALA B 160 29.49 -20.76 -1.56
C ALA B 160 29.65 -21.50 -0.24
N HIS B 161 30.88 -21.85 0.14
CA HIS B 161 31.10 -22.51 1.41
C HIS B 161 30.87 -21.59 2.60
N ILE B 162 30.85 -20.27 2.38
CA ILE B 162 30.67 -19.33 3.47
C ILE B 162 29.22 -19.36 3.92
N TYR B 163 29.01 -19.49 5.24
CA TYR B 163 27.67 -19.55 5.78
C TYR B 163 27.01 -18.17 5.78
N HIS B 164 27.70 -17.18 6.32
CA HIS B 164 27.19 -15.81 6.36
C HIS B 164 27.88 -15.03 5.26
N LYS B 165 27.19 -14.84 4.15
CA LYS B 165 27.73 -14.10 3.02
C LYS B 165 27.46 -12.61 3.16
N CYS B 166 27.83 -12.07 4.31
CA CYS B 166 27.61 -10.66 4.58
C CYS B 166 28.74 -9.83 4.00
N HIS B 167 28.37 -8.65 3.50
CA HIS B 167 29.32 -7.72 2.90
C HIS B 167 29.13 -6.29 3.34
N THR B 168 27.94 -5.92 3.83
CA THR B 168 27.68 -4.56 4.30
C THR B 168 26.71 -4.63 5.47
N VAL B 169 27.09 -3.98 6.56
CA VAL B 169 26.24 -3.79 7.72
C VAL B 169 26.08 -2.29 7.91
N THR B 170 24.91 -1.86 8.35
CA THR B 170 24.60 -0.46 8.46
C THR B 170 24.07 -0.19 9.85
N ALA B 171 24.65 0.79 10.52
CA ALA B 171 24.18 1.22 11.82
C ALA B 171 23.72 2.67 11.73
N LEU B 172 22.71 2.99 12.53
CA LEU B 172 22.20 4.35 12.62
C LEU B 172 22.38 4.81 14.06
N ASP B 173 23.15 5.89 14.23
CA ASP B 173 23.17 6.65 15.46
C ASP B 173 22.01 7.62 15.39
N MET B 174 20.94 7.31 16.11
CA MET B 174 19.75 8.16 16.14
C MET B 174 19.99 9.23 17.19
N GLN B 175 20.41 10.40 16.73
CA GLN B 175 20.83 11.47 17.61
C GLN B 175 19.62 12.15 18.26
N ARG B 176 19.90 12.77 19.40
CA ARG B 176 18.91 13.60 20.07
C ARG B 176 18.46 14.77 19.20
N SER B 177 19.16 15.05 18.10
CA SER B 177 18.78 16.11 17.17
C SER B 177 17.75 15.67 16.14
N ALA B 178 17.28 14.42 16.19
CA ALA B 178 16.50 13.79 15.14
C ALA B 178 17.30 13.58 13.87
N ALA B 179 18.61 13.77 13.95
CA ALA B 179 19.53 13.44 12.87
C ALA B 179 20.03 12.01 13.06
N CYS B 180 20.13 11.29 11.96
CA CYS B 180 20.60 9.90 11.98
C CYS B 180 21.94 9.85 11.26
N THR B 181 22.99 9.60 12.02
CA THR B 181 24.30 9.35 11.42
C THR B 181 24.38 7.90 10.97
N LEU B 182 24.71 7.70 9.71
CA LEU B 182 24.87 6.37 9.16
C LEU B 182 26.33 5.94 9.27
N LYS B 183 26.53 4.71 9.71
CA LYS B 183 27.84 4.10 9.80
C LYS B 183 27.81 2.80 9.01
N THR B 184 28.84 2.59 8.21
CA THR B 184 28.92 1.43 7.34
C THR B 184 30.06 0.53 7.80
N TYR B 185 29.76 -0.75 7.93
CA TYR B 185 30.73 -1.79 8.23
C TYR B 185 30.85 -2.71 7.03
N PHE B 186 32.08 -3.02 6.67
CA PHE B 186 32.40 -3.93 5.58
C PHE B 186 33.18 -5.10 6.14
N PRO B 187 32.60 -6.30 6.20
CA PRO B 187 33.41 -7.49 6.38
C PRO B 187 33.94 -7.99 5.06
N PRO B 188 35.25 -7.93 4.84
CA PRO B 188 35.80 -8.26 3.52
C PRO B 188 36.04 -9.74 3.28
N LEU B 189 35.40 -10.60 4.08
CA LEU B 189 35.60 -12.04 3.92
C LEU B 189 35.41 -12.51 2.49
N LEU B 190 34.36 -12.01 1.81
CA LEU B 190 34.15 -12.42 0.42
C LEU B 190 35.24 -11.90 -0.49
N ARG B 191 35.63 -10.63 -0.31
CA ARG B 191 36.73 -10.07 -1.07
C ARG B 191 37.99 -10.93 -0.94
N SER B 192 38.35 -11.28 0.30
CA SER B 192 39.53 -12.09 0.52
C SER B 192 39.39 -13.48 -0.06
N THR B 193 38.21 -14.10 0.12
CA THR B 193 38.02 -15.46 -0.35
C THR B 193 38.06 -15.54 -1.87
N ILE B 194 37.63 -14.48 -2.55
CA ILE B 194 37.67 -14.47 -4.00
C ILE B 194 39.07 -14.13 -4.52
N MET B 195 39.69 -13.11 -3.94
CA MET B 195 41.04 -12.72 -4.31
C MET B 195 42.12 -13.52 -3.59
N ASN B 196 41.74 -14.41 -2.68
CA ASN B 196 42.68 -15.18 -1.87
C ASN B 196 43.81 -14.30 -1.35
N THR B 197 43.44 -13.09 -0.98
CA THR B 197 44.30 -12.14 -0.31
C THR B 197 43.92 -12.10 1.17
N SER B 198 44.84 -11.63 2.00
CA SER B 198 44.61 -11.59 3.43
C SER B 198 43.74 -10.39 3.80
N MET B 199 42.92 -10.60 4.84
CA MET B 199 42.09 -9.52 5.37
C MET B 199 42.92 -8.30 5.70
N VAL B 200 43.97 -8.49 6.49
CA VAL B 200 44.85 -7.41 6.89
C VAL B 200 45.27 -6.58 5.68
N ASP B 201 45.75 -7.27 4.64
CA ASP B 201 46.34 -6.57 3.51
C ASP B 201 45.30 -5.76 2.74
N ILE B 202 44.17 -6.38 2.38
CA ILE B 202 43.18 -5.62 1.62
C ILE B 202 42.66 -4.45 2.42
N MET B 203 42.37 -4.66 3.71
CA MET B 203 41.81 -3.59 4.51
C MET B 203 42.78 -2.42 4.62
N PHE B 204 44.03 -2.69 4.99
CA PHE B 204 44.96 -1.60 5.20
C PHE B 204 45.45 -0.99 3.88
N ASP B 205 45.41 -1.74 2.79
CA ASP B 205 45.69 -1.14 1.49
C ASP B 205 44.59 -0.18 1.09
N ALA B 206 43.33 -0.55 1.32
CA ALA B 206 42.22 0.39 1.12
C ALA B 206 42.39 1.63 1.98
N VAL B 207 42.79 1.45 3.24
CA VAL B 207 42.98 2.59 4.13
C VAL B 207 44.09 3.50 3.60
N GLU B 208 45.20 2.91 3.15
CA GLU B 208 46.31 3.72 2.65
C GLU B 208 45.94 4.43 1.36
N SER B 209 45.15 3.79 0.49
CA SER B 209 44.72 4.47 -0.73
C SER B 209 43.81 5.64 -0.41
N PHE B 210 42.95 5.49 0.59
CA PHE B 210 42.13 6.61 1.01
C PHE B 210 42.99 7.74 1.56
N ARG B 211 43.97 7.40 2.40
CA ARG B 211 44.96 8.37 2.83
C ARG B 211 45.52 9.15 1.64
N LYS B 212 46.11 8.42 0.70
CA LYS B 212 46.72 9.05 -0.47
C LYS B 212 45.74 10.01 -1.15
N GLN B 213 44.61 9.47 -1.63
CA GLN B 213 43.71 10.27 -2.46
C GLN B 213 42.78 11.16 -1.65
N SER B 214 43.04 11.36 -0.36
CA SER B 214 42.26 12.29 0.46
C SER B 214 43.10 13.26 1.26
N GLY B 215 44.37 12.96 1.53
CA GLY B 215 45.19 13.84 2.32
C GLY B 215 44.85 13.82 3.80
N LEU B 216 44.30 12.72 4.29
CA LEU B 216 43.90 12.58 5.67
C LEU B 216 44.75 11.53 6.34
N TYR B 217 45.02 11.73 7.62
CA TYR B 217 45.92 10.87 8.37
C TYR B 217 45.12 9.76 9.05
N PHE B 218 45.34 8.52 8.62
CA PHE B 218 44.73 7.34 9.22
C PHE B 218 45.86 6.36 9.53
N ASP B 219 46.45 6.50 10.72
CA ASP B 219 47.64 5.74 11.07
C ASP B 219 47.24 4.31 11.44
N TYR B 220 47.63 3.36 10.59
CA TYR B 220 47.35 1.95 10.79
C TYR B 220 48.60 1.14 11.07
N THR B 221 49.76 1.78 11.19
CA THR B 221 51.01 1.04 11.39
C THR B 221 50.91 0.09 12.57
N LYS B 222 50.51 0.61 13.74
CA LYS B 222 50.46 -0.21 14.94
C LYS B 222 49.45 -1.35 14.80
N ILE B 223 48.30 -1.05 14.19
CA ILE B 223 47.26 -2.07 14.05
C ILE B 223 47.73 -3.17 13.11
N LYS B 224 48.30 -2.78 11.97
CA LYS B 224 48.83 -3.76 11.03
C LYS B 224 49.91 -4.61 11.69
N GLU B 225 50.86 -3.97 12.36
CA GLU B 225 51.92 -4.70 13.06
C GLU B 225 51.34 -5.74 14.00
N PHE B 226 50.46 -5.31 14.90
CA PHE B 226 49.88 -6.24 15.85
C PHE B 226 49.13 -7.37 15.15
N MET B 227 48.33 -7.03 14.13
CA MET B 227 47.43 -8.01 13.54
C MET B 227 48.12 -8.96 12.58
N SER B 228 49.33 -8.66 12.13
CA SER B 228 50.07 -9.57 11.28
C SER B 228 50.93 -10.55 12.07
N GLU B 229 51.19 -10.27 13.35
CA GLU B 229 51.94 -11.19 14.19
C GLU B 229 51.25 -12.55 14.24
N GLU B 230 52.00 -13.55 14.70
CA GLU B 230 51.46 -14.90 14.85
C GLU B 230 50.86 -15.15 16.23
N LYS B 231 51.46 -14.57 17.28
CA LYS B 231 50.87 -14.70 18.61
C LYS B 231 49.45 -14.18 18.63
N THR B 232 49.19 -13.10 17.88
CA THR B 232 47.83 -12.60 17.75
C THR B 232 46.94 -13.61 17.03
N HIS B 233 47.42 -14.13 15.90
CA HIS B 233 46.63 -15.10 15.14
C HIS B 233 46.31 -16.35 15.96
N GLU B 234 47.12 -16.65 16.99
CA GLU B 234 46.82 -17.80 17.83
C GLU B 234 45.44 -17.69 18.43
N THR B 235 45.06 -16.49 18.87
CA THR B 235 43.74 -16.25 19.46
C THR B 235 42.77 -15.57 18.50
N MET B 236 43.29 -14.77 17.57
CA MET B 236 42.43 -13.97 16.71
C MET B 236 41.79 -14.81 15.62
N MET B 237 40.51 -14.54 15.36
CA MET B 237 39.81 -15.08 14.20
C MET B 237 39.77 -13.96 13.15
N VAL B 238 40.92 -13.71 12.54
CA VAL B 238 41.06 -12.58 11.64
C VAL B 238 40.05 -12.62 10.50
N ASP B 239 39.54 -13.79 10.17
CA ASP B 239 38.49 -13.90 9.16
C ASP B 239 37.18 -13.32 9.64
N ARG B 240 37.09 -12.92 10.90
CA ARG B 240 35.89 -12.29 11.45
C ARG B 240 36.04 -10.79 11.60
N SER B 241 37.05 -10.20 10.96
CA SER B 241 37.34 -8.78 11.09
C SER B 241 36.54 -7.98 10.08
N TYR B 242 36.42 -6.68 10.34
CA TYR B 242 35.68 -5.79 9.45
C TYR B 242 36.17 -4.37 9.63
N LEU B 243 35.79 -3.52 8.67
CA LEU B 243 36.20 -2.12 8.63
C LEU B 243 34.97 -1.23 8.69
N SER B 244 34.98 -0.26 9.58
CA SER B 244 33.85 0.63 9.78
C SER B 244 34.24 2.07 9.51
N PHE B 245 33.31 2.83 8.95
CA PHE B 245 33.49 4.26 8.79
C PHE B 245 32.15 4.96 8.94
N ASP B 246 32.19 6.16 9.50
CA ASP B 246 31.01 7.00 9.53
C ASP B 246 30.83 7.69 8.18
N CYS B 247 29.60 7.64 7.69
CA CYS B 247 29.29 8.15 6.36
C CYS B 247 29.07 9.67 6.44
N LEU B 248 30.18 10.37 6.56
CA LEU B 248 30.21 11.82 6.71
C LEU B 248 31.38 12.35 5.91
N ASP B 249 31.65 13.64 6.07
CA ASP B 249 32.83 14.25 5.49
C ASP B 249 34.08 13.56 6.03
N PRO B 250 34.91 12.95 5.18
CA PRO B 250 36.05 12.19 5.67
C PRO B 250 36.91 12.90 6.70
N ALA B 251 36.86 14.24 6.71
CA ALA B 251 37.60 15.01 7.69
C ALA B 251 36.90 15.03 9.05
N LYS B 252 35.62 14.69 9.09
CA LYS B 252 34.88 14.56 10.33
C LYS B 252 34.52 13.12 10.64
N SER B 253 34.95 12.17 9.81
CA SER B 253 34.64 10.78 9.98
C SER B 253 35.79 10.08 10.70
N ARG B 254 35.69 8.75 10.79
CA ARG B 254 36.68 7.92 11.44
C ARG B 254 36.94 6.72 10.57
N ILE B 255 37.97 5.95 10.89
CA ILE B 255 38.10 4.60 10.39
C ILE B 255 38.30 3.70 11.59
N LYS B 256 37.67 2.53 11.57
CA LYS B 256 37.74 1.62 12.69
C LYS B 256 37.99 0.23 12.17
N ILE B 257 38.94 -0.46 12.79
CA ILE B 257 39.28 -1.82 12.41
C ILE B 257 38.83 -2.73 13.53
N TYR B 258 37.91 -3.65 13.21
CA TYR B 258 37.34 -4.60 14.14
C TYR B 258 37.90 -5.99 13.90
N THR B 259 38.14 -6.71 15.00
CA THR B 259 38.47 -8.12 14.90
C THR B 259 37.93 -8.86 16.12
N GLU B 260 37.72 -10.16 15.95
CA GLU B 260 37.25 -11.05 17.00
C GLU B 260 38.41 -11.83 17.59
N ALA B 261 38.36 -12.06 18.90
CA ALA B 261 39.36 -12.85 19.60
C ALA B 261 38.68 -13.62 20.72
N LYS B 262 38.96 -14.91 20.78
CA LYS B 262 38.50 -15.77 21.87
C LYS B 262 39.69 -15.99 22.80
N VAL B 263 39.69 -15.30 23.93
CA VAL B 263 40.83 -15.26 24.83
C VAL B 263 40.48 -15.98 26.12
N LYS B 264 41.46 -16.08 27.01
CA LYS B 264 41.28 -16.78 28.28
C LYS B 264 41.70 -15.95 29.48
N THR B 265 42.60 -14.98 29.31
CA THR B 265 43.08 -14.14 30.39
C THR B 265 42.88 -12.68 30.01
N LEU B 266 43.14 -11.81 30.99
CA LEU B 266 43.17 -10.39 30.73
C LEU B 266 44.52 -9.93 30.19
N GLU B 267 45.54 -10.78 30.24
CA GLU B 267 46.77 -10.51 29.52
C GLU B 267 46.55 -10.60 28.01
N GLU B 268 45.87 -11.65 27.56
CA GLU B 268 45.54 -11.77 26.14
C GLU B 268 44.56 -10.68 25.71
N ALA B 269 43.80 -10.14 26.65
CA ALA B 269 42.89 -9.05 26.32
C ALA B 269 43.64 -7.73 26.22
N TYR B 270 44.56 -7.46 27.15
CA TYR B 270 45.43 -6.31 27.04
C TYR B 270 46.26 -6.36 25.76
N SER B 271 46.58 -7.57 25.30
CA SER B 271 47.29 -7.71 24.03
C SER B 271 46.55 -6.99 22.91
N PHE B 272 45.23 -7.18 22.82
CA PHE B 272 44.44 -6.50 21.81
C PHE B 272 44.15 -5.06 22.18
N TRP B 273 43.95 -4.79 23.47
CA TRP B 273 43.58 -3.46 23.92
C TRP B 273 44.70 -2.44 23.71
N SER B 274 45.95 -2.88 23.76
CA SER B 274 47.09 -1.99 23.60
C SER B 274 47.94 -2.31 22.38
N LEU B 275 47.53 -3.26 21.55
CA LEU B 275 48.29 -3.66 20.37
C LEU B 275 49.70 -4.10 20.72
N GLY B 276 49.90 -4.60 21.94
CA GLY B 276 51.19 -5.06 22.37
C GLY B 276 52.06 -3.94 22.89
N GLY B 277 51.52 -3.14 23.81
CA GLY B 277 52.24 -2.02 24.36
C GLY B 277 52.45 -0.87 23.41
N ARG B 278 52.06 -1.01 22.14
CA ARG B 278 52.25 0.08 21.18
C ARG B 278 51.38 1.27 21.55
N LEU B 279 50.17 1.03 22.05
CA LEU B 279 49.30 2.07 22.56
C LEU B 279 49.48 2.15 24.06
N SER B 280 49.64 3.37 24.57
CA SER B 280 49.88 3.57 25.99
C SER B 280 49.31 4.92 26.41
N GLY B 281 49.25 5.13 27.72
CA GLY B 281 48.76 6.37 28.26
C GLY B 281 47.77 6.16 29.37
N PRO B 282 47.24 7.25 29.93
CA PRO B 282 46.28 7.10 31.03
C PRO B 282 44.94 6.57 30.57
N GLU B 283 44.49 6.95 29.37
CA GLU B 283 43.21 6.46 28.87
C GLU B 283 43.24 4.94 28.75
N ILE B 284 44.37 4.39 28.31
CA ILE B 284 44.49 2.95 28.12
C ILE B 284 44.32 2.24 29.46
N ASP B 285 44.99 2.75 30.49
CA ASP B 285 44.95 2.11 31.81
C ASP B 285 43.56 2.22 32.44
N TYR B 286 42.96 3.42 32.37
CA TYR B 286 41.61 3.59 32.88
C TYR B 286 40.63 2.64 32.19
N GLY B 287 40.66 2.62 30.85
CA GLY B 287 39.76 1.76 30.12
C GLY B 287 39.97 0.30 30.45
N PHE B 288 41.22 -0.11 30.67
CA PHE B 288 41.43 -1.51 30.97
C PHE B 288 41.10 -1.85 32.41
N LYS B 289 41.14 -0.89 33.31
CA LYS B 289 40.60 -1.15 34.65
C LYS B 289 39.10 -1.38 34.58
N ILE B 290 38.40 -0.58 33.78
CA ILE B 290 36.98 -0.83 33.55
C ILE B 290 36.78 -2.21 32.95
N VAL B 291 37.64 -2.59 31.99
CA VAL B 291 37.53 -3.88 31.34
C VAL B 291 37.70 -5.01 32.34
N SER B 292 38.74 -4.94 33.16
CA SER B 292 38.97 -5.97 34.16
C SER B 292 37.82 -6.04 35.15
N GLN B 293 37.31 -4.88 35.58
CA GLN B 293 36.14 -4.86 36.45
C GLN B 293 35.00 -5.65 35.85
N MET B 294 34.60 -5.33 34.62
CA MET B 294 33.48 -6.02 34.01
C MET B 294 33.78 -7.48 33.68
N TRP B 295 35.02 -7.79 33.33
CA TRP B 295 35.45 -9.18 33.15
C TRP B 295 35.20 -9.98 34.42
N ASP B 296 35.81 -9.56 35.52
CA ASP B 296 35.62 -10.25 36.79
C ASP B 296 34.15 -10.30 37.18
N ALA B 297 33.39 -9.26 36.85
CA ALA B 297 32.01 -9.19 37.31
C ALA B 297 31.07 -10.09 36.50
N ILE B 298 31.37 -10.32 35.21
CA ILE B 298 30.46 -11.01 34.31
C ILE B 298 30.94 -12.44 34.03
N TYR B 299 32.20 -12.59 33.61
CA TYR B 299 32.70 -13.90 33.21
C TYR B 299 33.13 -14.76 34.39
N SER B 300 33.10 -14.22 35.61
CA SER B 300 33.28 -15.06 36.79
C SER B 300 32.03 -15.86 37.10
N LYS B 301 30.87 -15.21 36.98
CA LYS B 301 29.61 -15.88 37.26
C LYS B 301 29.43 -17.09 36.34
N GLU B 302 28.64 -18.04 36.80
CA GLU B 302 28.45 -19.27 36.07
C GLU B 302 27.46 -19.07 34.93
N LEU B 303 27.48 -19.99 33.98
CA LEU B 303 26.64 -19.96 32.80
C LEU B 303 25.37 -20.75 33.04
N PRO B 304 24.41 -20.67 32.12
CA PRO B 304 23.23 -21.54 32.21
C PRO B 304 23.59 -22.98 31.84
N GLY B 305 22.70 -23.89 32.21
CA GLY B 305 22.94 -25.29 31.95
C GLY B 305 24.23 -25.82 32.52
N GLY B 306 24.81 -25.11 33.49
CA GLY B 306 26.07 -25.54 34.07
C GLY B 306 27.20 -25.69 33.08
N LYS B 307 27.05 -25.13 31.89
CA LYS B 307 28.10 -25.23 30.88
C LYS B 307 29.33 -24.44 31.32
N GLN B 308 30.51 -24.96 30.99
CA GLN B 308 31.77 -24.34 31.36
C GLN B 308 32.18 -23.31 30.33
N ARG B 309 32.86 -22.27 30.80
CA ARG B 309 33.40 -21.24 29.92
C ARG B 309 34.68 -21.77 29.29
N GLU B 310 34.57 -22.33 28.10
CA GLU B 310 35.76 -22.76 27.37
C GLU B 310 36.74 -21.60 27.22
N ASN B 311 36.26 -20.49 26.67
CA ASN B 311 37.01 -19.26 26.62
C ASN B 311 36.03 -18.11 26.58
N ASN B 312 36.55 -16.89 26.60
CA ASN B 312 35.75 -15.67 26.62
C ASN B 312 35.85 -14.97 25.28
N HIS B 313 34.69 -14.67 24.70
CA HIS B 313 34.59 -14.11 23.36
C HIS B 313 34.56 -12.59 23.44
N ILE B 314 35.54 -11.94 22.82
CA ILE B 314 35.62 -10.50 22.76
C ILE B 314 35.76 -10.08 21.31
N GLN B 315 35.27 -8.89 21.02
CA GLN B 315 35.63 -8.17 19.81
C GLN B 315 36.39 -6.93 20.22
N ILE B 316 37.02 -6.29 19.24
CA ILE B 316 37.87 -5.15 19.51
C ILE B 316 37.89 -4.29 18.27
N ASN B 317 37.73 -2.98 18.47
CA ASN B 317 38.00 -2.05 17.40
C ASN B 317 39.12 -1.11 17.82
N TRP B 318 39.87 -0.69 16.83
CA TRP B 318 40.82 0.41 16.97
C TRP B 318 40.38 1.51 16.03
N GLU B 319 40.17 2.69 16.60
CA GLU B 319 39.64 3.86 15.92
C GLU B 319 40.79 4.78 15.56
N MET B 320 40.90 5.08 14.27
CA MET B 320 41.89 5.99 13.72
C MET B 320 41.18 7.28 13.33
N SER B 321 41.79 8.40 13.74
CA SER B 321 41.24 9.73 13.56
C SER B 321 41.78 10.34 12.28
N ALA B 322 40.89 10.97 11.50
CA ALA B 322 41.28 11.65 10.29
C ALA B 322 42.11 12.89 10.56
N LYS B 323 42.20 13.33 11.80
CA LYS B 323 42.95 14.52 12.17
C LYS B 323 44.34 14.19 12.71
N ASP B 324 44.44 13.12 13.49
CA ASP B 324 45.65 12.83 14.26
C ASP B 324 46.08 11.39 14.02
N SER B 325 47.26 11.08 14.54
CA SER B 325 47.75 9.70 14.60
C SER B 325 47.41 9.16 15.97
N SER B 326 46.13 8.88 16.20
CA SER B 326 45.65 8.53 17.54
C SER B 326 44.74 7.31 17.40
N VAL B 327 45.31 6.15 17.62
CA VAL B 327 44.56 4.90 17.66
C VAL B 327 43.96 4.75 19.05
N ALA B 328 42.65 4.53 19.09
CA ALA B 328 41.97 4.37 20.37
C ALA B 328 41.19 3.06 20.39
N PRO B 329 41.32 2.24 21.42
CA PRO B 329 40.61 0.96 21.44
C PRO B 329 39.23 1.02 22.05
N LYS B 330 38.39 0.09 21.61
CA LYS B 330 37.07 -0.15 22.19
C LYS B 330 36.89 -1.65 22.26
N LEU B 331 36.68 -2.16 23.46
CA LEU B 331 36.65 -3.59 23.72
C LEU B 331 35.22 -4.05 23.95
N TYR B 332 34.80 -5.05 23.20
CA TYR B 332 33.44 -5.60 23.27
C TYR B 332 33.49 -6.96 23.97
N LEU B 333 32.77 -7.08 25.07
CA LEU B 333 32.56 -8.36 25.73
C LEU B 333 31.27 -8.95 25.20
N THR B 334 31.32 -10.21 24.75
CA THR B 334 30.12 -10.90 24.30
C THR B 334 29.44 -11.56 25.49
N VAL B 335 28.16 -11.26 25.68
CA VAL B 335 27.39 -11.73 26.84
C VAL B 335 26.08 -12.34 26.37
N ILE B 336 26.00 -12.74 25.10
CA ILE B 336 24.74 -13.26 24.58
C ILE B 336 24.35 -14.54 25.30
N GLU B 337 25.30 -15.37 25.69
CA GLU B 337 25.03 -16.65 26.32
C GLU B 337 25.31 -16.62 27.82
N ASP B 338 25.13 -15.46 28.43
CA ASP B 338 25.20 -15.29 29.88
C ASP B 338 23.80 -15.01 30.42
N TYR B 339 23.70 -14.93 31.74
CA TYR B 339 22.46 -14.53 32.39
C TYR B 339 22.27 -13.03 32.28
N ASP B 340 21.13 -12.62 31.72
CA ASP B 340 20.84 -11.20 31.63
C ASP B 340 20.86 -10.53 33.00
N ALA B 341 20.50 -11.27 34.05
CA ALA B 341 20.50 -10.72 35.39
C ALA B 341 21.90 -10.36 35.84
N TYR B 342 22.87 -11.24 35.60
CA TYR B 342 24.25 -10.96 36.00
C TYR B 342 24.84 -9.84 35.17
N VAL B 343 24.52 -9.82 33.87
CA VAL B 343 24.96 -8.72 33.01
C VAL B 343 24.44 -7.39 33.53
N SER B 344 23.14 -7.33 33.84
CA SER B 344 22.55 -6.10 34.33
C SER B 344 23.15 -5.69 35.67
N SER B 345 23.40 -6.66 36.56
CA SER B 345 24.02 -6.34 37.83
C SER B 345 25.42 -5.78 37.63
N ALA B 346 26.16 -6.34 36.68
CA ALA B 346 27.50 -5.82 36.37
C ALA B 346 27.43 -4.40 35.84
N ILE B 347 26.52 -4.16 34.89
CA ILE B 347 26.34 -2.81 34.35
C ILE B 347 26.01 -1.84 35.47
N VAL B 348 25.09 -2.23 36.36
CA VAL B 348 24.64 -1.33 37.42
C VAL B 348 25.78 -1.06 38.40
N ASP B 349 26.55 -2.08 38.75
CA ASP B 349 27.69 -1.86 39.64
C ASP B 349 28.70 -0.94 39.01
N LEU B 350 28.96 -1.12 37.71
CA LEU B 350 29.90 -0.26 37.00
C LEU B 350 29.44 1.19 37.02
N PHE B 351 28.20 1.43 36.57
CA PHE B 351 27.65 2.79 36.57
C PHE B 351 27.71 3.39 37.97
N THR B 352 27.28 2.63 38.98
CA THR B 352 27.32 3.12 40.35
C THR B 352 28.72 3.54 40.75
N GLY B 353 29.71 2.70 40.47
CA GLY B 353 31.08 3.05 40.79
C GLY B 353 31.54 4.31 40.07
N LEU B 354 31.11 4.48 38.82
CA LEU B 354 31.49 5.66 38.06
C LEU B 354 30.71 6.90 38.46
N GLY B 355 29.72 6.78 39.35
CA GLY B 355 28.88 7.90 39.70
C GLY B 355 27.72 8.14 38.76
N TRP B 356 27.34 7.15 37.94
CA TRP B 356 26.30 7.29 36.95
C TRP B 356 25.00 6.69 37.47
N ALA B 357 24.31 7.46 38.31
CA ALA B 357 23.07 6.97 38.89
C ALA B 357 21.90 7.15 37.91
N ALA B 358 21.86 8.30 37.24
CA ALA B 358 20.86 8.50 36.19
C ALA B 358 20.94 7.41 35.14
N HIS B 359 22.16 7.00 34.78
CA HIS B 359 22.31 5.93 33.81
C HIS B 359 21.84 4.60 34.37
N VAL B 360 22.07 4.37 35.66
CA VAL B 360 21.56 3.17 36.30
C VAL B 360 20.04 3.11 36.15
N GLN B 361 19.37 4.21 36.46
CA GLN B 361 17.91 4.22 36.39
C GLN B 361 17.43 4.14 34.95
N THR B 362 18.13 4.76 34.01
CA THR B 362 17.77 4.64 32.60
C THR B 362 17.90 3.19 32.14
N HIS B 363 18.99 2.53 32.51
CA HIS B 363 19.20 1.15 32.12
C HIS B 363 18.15 0.24 32.73
N LYS B 364 17.80 0.47 34.00
CA LYS B 364 16.78 -0.34 34.65
C LYS B 364 15.41 -0.10 34.06
N LYS B 365 15.08 1.16 33.74
CA LYS B 365 13.83 1.47 33.07
C LYS B 365 13.73 0.78 31.72
N ILE B 366 14.80 0.82 30.93
CA ILE B 366 14.79 0.15 29.64
C ILE B 366 14.63 -1.35 29.82
N GLU B 367 15.34 -1.93 30.78
CA GLU B 367 15.19 -3.36 31.06
C GLU B 367 13.75 -3.70 31.42
N LYS B 368 13.16 -2.93 32.33
CA LYS B 368 11.82 -3.23 32.82
C LYS B 368 10.77 -3.07 31.74
N GLU B 369 10.82 -1.97 30.99
CA GLU B 369 9.75 -1.65 30.05
C GLU B 369 9.94 -2.36 28.72
N ALA B 370 11.15 -2.36 28.18
CA ALA B 370 11.39 -2.88 26.83
C ALA B 370 11.88 -4.31 26.82
N TYR B 371 12.40 -4.81 27.94
CA TYR B 371 12.88 -6.18 28.06
C TYR B 371 12.32 -6.78 29.34
N PRO B 372 11.01 -7.05 29.37
CA PRO B 372 10.43 -7.57 30.61
C PRO B 372 10.87 -8.99 30.93
N MET B 373 11.20 -9.78 29.92
CA MET B 373 11.67 -11.15 30.12
C MET B 373 12.82 -11.23 31.11
N CYS B 374 13.51 -10.13 31.37
CA CYS B 374 14.64 -10.17 32.28
C CYS B 374 14.19 -10.40 33.72
N ASP B 375 13.03 -9.87 34.09
CA ASP B 375 12.46 -10.09 35.42
C ASP B 375 11.47 -11.24 35.42
N ALA B 376 10.60 -11.30 34.40
CA ALA B 376 9.66 -12.41 34.31
C ALA B 376 10.36 -13.75 34.34
N ASN B 377 11.41 -13.90 33.55
CA ASN B 377 12.20 -15.13 33.49
C ASN B 377 13.52 -14.92 34.19
N PRO B 378 13.76 -15.52 35.37
CA PRO B 378 15.07 -15.36 36.02
C PRO B 378 16.21 -15.96 35.22
N GLN B 379 15.92 -16.94 34.37
CA GLN B 379 16.94 -17.56 33.53
C GLN B 379 16.92 -16.93 32.13
N SER B 380 17.08 -15.61 32.10
CA SER B 380 16.99 -14.85 30.87
C SER B 380 18.36 -14.78 30.20
N THR B 381 18.39 -15.09 28.90
CA THR B 381 19.63 -15.16 28.15
C THR B 381 19.60 -14.41 26.83
N HIS B 382 18.47 -13.79 26.48
CA HIS B 382 18.26 -13.31 25.13
C HIS B 382 18.38 -11.80 24.96
N ALA B 383 18.23 -11.02 26.02
CA ALA B 383 18.17 -9.57 25.86
C ALA B 383 19.54 -8.98 25.55
N TYR B 384 20.47 -9.12 26.49
CA TYR B 384 21.78 -8.49 26.36
C TYR B 384 22.68 -9.33 25.46
N VAL B 385 23.46 -8.64 24.63
CA VAL B 385 24.33 -9.31 23.68
C VAL B 385 25.77 -8.84 23.86
N TRP B 386 25.99 -7.53 24.00
CA TRP B 386 27.35 -7.02 24.05
C TRP B 386 27.47 -5.89 25.05
N ILE B 387 28.68 -5.76 25.61
CA ILE B 387 29.07 -4.60 26.40
C ILE B 387 30.35 -4.04 25.81
N SER B 388 30.28 -2.82 25.27
CA SER B 388 31.45 -2.12 24.76
C SER B 388 31.98 -1.16 25.80
N LEU B 389 33.30 -1.18 25.98
CA LEU B 389 33.98 -0.36 26.96
C LEU B 389 35.07 0.43 26.26
N ALA B 390 35.14 1.72 26.58
CA ALA B 390 36.20 2.58 26.10
C ALA B 390 36.39 3.69 27.12
N TYR B 391 37.55 4.35 27.04
CA TYR B 391 37.84 5.50 27.89
C TYR B 391 38.41 6.60 27.00
N LYS B 392 37.54 7.50 26.58
CA LYS B 392 37.97 8.68 25.87
C LYS B 392 38.46 9.73 26.86
N LYS B 393 39.06 10.79 26.34
CA LYS B 393 39.48 11.88 27.20
C LYS B 393 38.29 12.51 27.92
N THR B 394 37.10 12.45 27.30
CA THR B 394 35.89 12.92 27.97
C THR B 394 35.59 12.09 29.21
N GLY B 395 35.96 10.82 29.20
CA GLY B 395 35.70 9.92 30.30
C GLY B 395 35.33 8.55 29.79
N PRO B 396 34.68 7.75 30.64
CA PRO B 396 34.25 6.43 30.20
C PRO B 396 33.18 6.51 29.13
N TYR B 397 33.08 5.43 28.36
CA TYR B 397 32.21 5.33 27.20
C TYR B 397 31.74 3.89 27.16
N ILE B 398 30.54 3.63 27.66
CA ILE B 398 30.06 2.26 27.84
C ILE B 398 28.78 2.10 27.04
N THR B 399 28.78 1.20 26.09
CA THR B 399 27.61 0.93 25.27
C THR B 399 27.04 -0.43 25.63
N VAL B 400 25.75 -0.46 25.90
CA VAL B 400 25.03 -1.69 26.19
C VAL B 400 24.24 -2.06 24.95
N TYR B 401 24.58 -3.22 24.37
CA TYR B 401 23.92 -3.73 23.18
C TYR B 401 23.02 -4.89 23.57
N THR B 402 21.78 -4.82 23.09
CA THR B 402 20.71 -5.73 23.44
C THR B 402 20.10 -6.24 22.15
N ASN B 403 19.44 -7.39 22.25
CA ASN B 403 18.69 -7.90 21.11
C ASN B 403 17.28 -7.34 21.19
N PRO B 404 16.89 -6.42 20.32
CA PRO B 404 15.55 -5.84 20.40
C PRO B 404 14.47 -6.75 19.86
N GLY B 405 14.83 -7.96 19.44
CA GLY B 405 13.88 -8.96 19.04
C GLY B 405 13.87 -10.13 20.00
N ALA B 406 14.22 -9.87 21.26
CA ALA B 406 14.20 -10.91 22.26
C ALA B 406 12.79 -11.47 22.46
N SER B 407 11.77 -10.63 22.32
CA SER B 407 10.38 -11.06 22.27
C SER B 407 10.22 -12.30 21.40
N ILE B 408 10.95 -12.35 20.29
CA ILE B 408 10.78 -13.43 19.33
C ILE B 408 11.39 -14.72 19.84
N LEU B 409 12.41 -14.63 20.68
CA LEU B 409 13.10 -15.80 21.19
C LEU B 409 12.58 -16.27 22.54
N GLU B 410 11.80 -15.45 23.24
CA GLU B 410 11.18 -15.86 24.50
C GLU B 410 9.80 -16.44 24.26
N SER C 1 16.13 21.93 9.79
CA SER C 1 15.10 21.06 10.39
C SER C 1 13.85 21.03 9.54
N PRO C 2 13.51 19.88 8.97
CA PRO C 2 12.27 19.80 8.18
C PRO C 2 11.04 19.94 9.06
N SER C 3 9.96 20.29 8.43
CA SER C 3 8.68 20.41 9.10
C SER C 3 7.95 19.08 9.09
N PRO C 4 7.04 18.87 10.03
CA PRO C 4 6.34 17.58 10.09
C PRO C 4 5.70 17.16 8.79
N TRP C 5 5.11 18.10 8.05
CA TRP C 5 4.41 17.73 6.82
C TRP C 5 5.39 17.36 5.71
N ASP C 6 6.49 18.08 5.59
CA ASP C 6 7.52 17.72 4.63
C ASP C 6 8.07 16.32 4.91
N PHE C 7 8.57 16.11 6.13
CA PHE C 7 9.15 14.82 6.49
C PHE C 7 8.14 13.70 6.34
N LEU C 8 6.88 13.94 6.74
CA LEU C 8 5.87 12.90 6.68
C LEU C 8 5.53 12.56 5.24
N GLY C 9 5.35 13.57 4.39
CA GLY C 9 5.16 13.29 2.99
C GLY C 9 6.32 12.53 2.39
N ARG C 10 7.52 12.74 2.93
CA ARG C 10 8.68 11.96 2.48
C ARG C 10 8.56 10.51 2.92
N VAL C 11 8.14 10.26 4.16
CA VAL C 11 8.13 8.90 4.68
C VAL C 11 6.79 8.19 4.49
N LEU C 12 5.68 8.93 4.55
CA LEU C 12 4.39 8.28 4.60
C LEU C 12 4.09 7.50 3.33
N GLN C 13 3.50 6.34 3.50
CA GLN C 13 3.04 5.51 2.40
C GLN C 13 1.54 5.73 2.26
N PHE C 14 1.12 6.09 1.05
CA PHE C 14 -0.27 6.44 0.80
C PHE C 14 -0.96 5.34 0.01
N GLN C 15 -2.20 5.05 0.41
CA GLN C 15 -2.97 3.99 -0.23
C GLN C 15 -3.44 4.36 -1.62
N HIS C 16 -3.55 5.65 -1.92
CA HIS C 16 -4.04 6.09 -3.21
C HIS C 16 -3.38 7.41 -3.57
N GLY C 17 -3.15 7.61 -4.87
CA GLY C 17 -2.53 8.84 -5.32
C GLY C 17 -3.30 10.09 -4.94
N ASP C 18 -4.63 9.98 -4.93
CA ASP C 18 -5.46 11.12 -4.53
C ASP C 18 -5.17 11.51 -3.09
N HIS C 19 -4.88 10.54 -2.23
CA HIS C 19 -4.51 10.86 -0.86
C HIS C 19 -3.21 11.64 -0.83
N LYS C 20 -2.26 11.26 -1.67
CA LYS C 20 -0.99 11.96 -1.77
C LYS C 20 -1.16 13.39 -2.27
N ARG C 21 -2.04 13.58 -3.26
CA ARG C 21 -2.28 14.91 -3.81
C ARG C 21 -3.00 15.80 -2.81
N TRP C 22 -4.04 15.27 -2.16
CA TRP C 22 -4.68 16.00 -1.08
C TRP C 22 -3.68 16.37 0.00
N TRP C 23 -2.78 15.44 0.34
CA TRP C 23 -1.74 15.74 1.32
C TRP C 23 -0.88 16.90 0.86
N ASP C 24 -0.36 16.83 -0.37
CA ASP C 24 0.50 17.88 -0.87
C ASP C 24 -0.19 19.23 -0.84
N VAL C 25 -1.51 19.26 -1.01
CA VAL C 25 -2.24 20.52 -0.95
C VAL C 25 -2.46 20.97 0.50
N LEU C 26 -2.91 20.07 1.36
CA LEU C 26 -3.48 20.42 2.65
C LEU C 26 -2.51 20.37 3.81
N ALA C 27 -1.62 19.39 3.84
CA ALA C 27 -0.71 19.26 4.97
C ALA C 27 0.12 20.52 5.21
N PRO C 28 0.67 21.18 4.19
CA PRO C 28 1.32 22.47 4.47
C PRO C 28 0.39 23.49 5.09
N VAL C 29 -0.84 23.61 4.58
CA VAL C 29 -1.78 24.58 5.14
C VAL C 29 -2.07 24.26 6.61
N PHE C 30 -2.50 23.03 6.88
CA PHE C 30 -2.87 22.66 8.24
C PHE C 30 -1.69 22.77 9.18
N GLY C 31 -0.53 22.28 8.76
CA GLY C 31 0.65 22.37 9.57
C GLY C 31 1.10 23.79 9.85
N ILE C 32 1.10 24.64 8.81
CA ILE C 32 1.46 26.03 8.99
C ILE C 32 0.51 26.72 9.95
N SER C 33 -0.78 26.42 9.85
CA SER C 33 -1.75 27.01 10.78
C SER C 33 -1.50 26.55 12.21
N MET C 34 -1.40 25.23 12.41
CA MET C 34 -1.13 24.70 13.74
C MET C 34 0.17 25.26 14.33
N ALA C 35 1.19 25.40 13.49
CA ALA C 35 2.47 25.93 13.95
C ALA C 35 2.35 27.40 14.31
N SER C 36 1.72 28.19 13.46
CA SER C 36 1.57 29.61 13.70
C SER C 36 0.78 29.89 14.97
N ILE C 37 -0.23 29.08 15.27
CA ILE C 37 -0.98 29.27 16.50
C ILE C 37 -0.30 28.64 17.70
N GLY C 38 0.74 27.85 17.49
CA GLY C 38 1.61 27.41 18.55
C GLY C 38 1.47 25.97 18.98
N TYR C 39 0.98 25.09 18.10
CA TYR C 39 0.88 23.68 18.46
C TYR C 39 2.26 23.07 18.52
N LYS C 40 2.49 22.23 19.51
CA LYS C 40 3.75 21.54 19.65
C LYS C 40 3.93 20.53 18.53
N LEU C 41 5.19 20.23 18.23
CA LEU C 41 5.51 19.35 17.10
C LEU C 41 4.94 17.96 17.30
N ASP C 42 4.97 17.44 18.52
CA ASP C 42 4.24 16.22 18.84
C ASP C 42 2.81 16.29 18.31
N VAL C 43 2.15 17.41 18.60
CA VAL C 43 0.74 17.58 18.26
C VAL C 43 0.57 17.74 16.76
N GLN C 44 1.47 18.47 16.10
CA GLN C 44 1.42 18.57 14.65
C GLN C 44 1.53 17.20 14.00
N TYR C 45 2.47 16.38 14.45
CA TYR C 45 2.61 15.04 13.91
C TYR C 45 1.34 14.24 14.12
N ARG C 46 0.78 14.27 15.34
CA ARG C 46 -0.42 13.50 15.62
C ARG C 46 -1.59 13.93 14.74
N HIS C 47 -1.79 15.24 14.60
CA HIS C 47 -2.92 15.75 13.83
C HIS C 47 -2.73 15.52 12.34
N LEU C 48 -1.52 15.69 11.83
CA LEU C 48 -1.26 15.40 10.43
C LEU C 48 -1.41 13.91 10.13
N LEU C 49 -1.12 13.05 11.10
CA LEU C 49 -1.34 11.62 10.89
C LEU C 49 -2.80 11.25 11.00
N VAL C 50 -3.57 11.97 11.80
CA VAL C 50 -5.03 11.84 11.75
C VAL C 50 -5.53 12.22 10.36
N LEU C 51 -5.10 13.38 9.87
CA LEU C 51 -5.46 13.81 8.53
C LEU C 51 -5.09 12.76 7.49
N TYR C 52 -3.93 12.15 7.64
CA TYR C 52 -3.46 11.14 6.69
C TYR C 52 -4.26 9.85 6.79
N ASP C 53 -4.67 9.46 7.99
CA ASP C 53 -5.29 8.17 8.22
C ASP C 53 -6.81 8.20 8.11
N ALA C 54 -7.45 9.17 8.74
CA ALA C 54 -8.89 9.18 8.87
C ALA C 54 -9.59 10.10 7.90
N VAL C 55 -9.01 11.25 7.59
CA VAL C 55 -9.69 12.30 6.85
C VAL C 55 -9.47 12.13 5.35
N ILE C 56 -8.21 12.21 4.92
CA ILE C 56 -7.94 12.24 3.48
C ILE C 56 -8.49 11.03 2.76
N PRO C 57 -8.46 9.82 3.32
CA PRO C 57 -9.09 8.70 2.62
C PRO C 57 -10.60 8.82 2.50
N ASN C 58 -11.23 9.70 3.26
CA ASN C 58 -12.65 9.97 3.19
C ASN C 58 -12.95 11.36 2.64
N MET C 59 -12.01 11.95 1.93
CA MET C 59 -12.18 13.27 1.32
C MET C 59 -12.69 13.16 -0.11
N GLY C 60 -12.44 12.03 -0.76
CA GLY C 60 -12.89 11.81 -2.11
C GLY C 60 -11.85 12.06 -3.17
N PRO C 61 -12.26 11.95 -4.43
CA PRO C 61 -11.34 12.14 -5.54
C PRO C 61 -10.69 13.52 -5.52
N PHE C 62 -9.43 13.55 -5.94
CA PHE C 62 -8.74 14.82 -6.09
C PHE C 62 -9.02 15.39 -7.47
N PRO C 63 -9.43 16.66 -7.57
CA PRO C 63 -9.88 17.18 -8.86
C PRO C 63 -8.76 17.27 -9.88
N ASN C 64 -9.03 16.76 -11.07
CA ASN C 64 -8.14 16.92 -12.20
C ASN C 64 -8.39 18.27 -12.86
N SER C 65 -7.80 18.46 -14.05
CA SER C 65 -7.94 19.73 -14.75
C SER C 65 -9.40 20.08 -14.98
N ASN C 66 -10.14 19.17 -15.59
CA ASN C 66 -11.54 19.39 -15.94
C ASN C 66 -12.51 18.92 -14.87
N ALA C 67 -12.03 18.40 -13.75
CA ALA C 67 -12.89 17.88 -12.69
C ALA C 67 -13.80 16.79 -13.21
N SER C 68 -13.34 16.05 -14.22
CA SER C 68 -14.08 14.91 -14.76
C SER C 68 -14.29 13.80 -13.74
N ASN C 69 -13.55 13.82 -12.63
CA ASN C 69 -13.57 12.75 -11.67
C ASN C 69 -14.42 13.05 -10.43
N ILE C 70 -14.88 14.29 -10.27
CA ILE C 70 -15.74 14.63 -9.15
C ILE C 70 -17.17 14.25 -9.52
N THR C 71 -17.53 13.01 -9.22
CA THR C 71 -18.86 12.49 -9.52
C THR C 71 -19.87 12.84 -8.46
N TRP C 72 -19.43 13.34 -7.31
CA TRP C 72 -20.30 13.76 -6.22
C TRP C 72 -20.49 15.27 -6.32
N THR C 73 -21.67 15.69 -6.75
CA THR C 73 -21.93 17.09 -7.02
C THR C 73 -22.04 17.90 -5.73
N SER C 74 -21.54 19.14 -5.78
CA SER C 74 -21.56 20.01 -4.62
C SER C 74 -21.34 21.44 -5.08
N PRO C 75 -22.00 22.42 -4.44
CA PRO C 75 -21.65 23.83 -4.73
C PRO C 75 -20.29 24.21 -4.24
N PHE C 76 -19.72 23.45 -3.32
CA PHE C 76 -18.43 23.74 -2.73
C PHE C 76 -17.33 23.03 -3.52
N PRO C 77 -16.18 23.68 -3.73
CA PRO C 77 -15.12 23.02 -4.46
C PRO C 77 -14.68 21.76 -3.74
N PRO C 78 -14.22 20.75 -4.48
CA PRO C 78 -13.81 19.50 -3.84
C PRO C 78 -12.80 19.74 -2.73
N GLY C 79 -12.91 18.95 -1.68
CA GLY C 79 -12.02 19.06 -0.55
C GLY C 79 -12.72 19.56 0.67
N PRO C 80 -11.96 19.95 1.68
CA PRO C 80 -12.56 20.51 2.88
C PRO C 80 -13.43 21.72 2.56
N LEU C 81 -14.59 21.76 3.21
CA LEU C 81 -15.44 22.93 3.11
C LEU C 81 -14.74 24.15 3.69
N GLU C 82 -13.85 23.93 4.64
CA GLU C 82 -13.10 25.01 5.26
C GLU C 82 -12.04 24.42 6.15
N ALA C 83 -10.95 25.17 6.30
CA ALA C 83 -10.06 25.08 7.44
C ALA C 83 -10.17 26.39 8.18
N SER C 84 -10.26 26.31 9.49
CA SER C 84 -10.60 27.47 10.28
C SER C 84 -9.63 27.61 11.43
N VAL C 85 -9.38 28.86 11.80
CA VAL C 85 -8.71 29.18 13.05
C VAL C 85 -9.65 30.06 13.86
N ASN C 86 -9.97 29.62 15.06
CA ASN C 86 -10.77 30.41 15.98
C ASN C 86 -9.87 31.15 16.95
N TYR C 87 -10.13 32.44 17.10
CA TYR C 87 -9.40 33.33 17.97
C TYR C 87 -10.33 33.81 19.08
N GLN C 88 -9.86 33.72 20.31
CA GLN C 88 -10.54 34.27 21.47
C GLN C 88 -9.56 35.11 22.26
N ALA C 89 -9.98 35.58 23.43
CA ALA C 89 -9.08 36.37 24.26
C ALA C 89 -8.06 35.47 24.95
N GLY C 90 -7.06 36.11 25.54
CA GLY C 90 -5.98 35.38 26.17
C GLY C 90 -5.08 34.67 25.18
N GLU C 91 -4.97 35.20 23.97
CA GLU C 91 -4.18 34.60 22.91
C GLU C 91 -4.56 33.14 22.68
N SER C 92 -5.83 32.83 22.89
CA SER C 92 -6.36 31.50 22.64
C SER C 92 -6.65 31.33 21.15
N SER C 93 -6.17 30.24 20.58
CA SER C 93 -6.33 29.97 19.16
C SER C 93 -6.47 28.47 18.97
N MET C 94 -7.52 28.05 18.28
CA MET C 94 -7.72 26.64 17.99
C MET C 94 -7.86 26.42 16.50
N PHE C 95 -7.27 25.33 16.03
CA PHE C 95 -7.38 24.92 14.64
C PHE C 95 -8.53 23.94 14.48
N ARG C 96 -9.29 24.12 13.41
CA ARG C 96 -10.43 23.27 13.10
C ARG C 96 -10.44 23.04 11.61
N PHE C 97 -11.13 21.99 11.19
CA PHE C 97 -11.40 21.86 9.77
C PHE C 97 -12.63 21.00 9.54
N THR C 98 -13.34 21.33 8.46
CA THR C 98 -14.61 20.71 8.13
C THR C 98 -14.46 19.98 6.81
N ILE C 99 -15.03 18.79 6.74
CA ILE C 99 -14.99 17.94 5.56
C ILE C 99 -16.38 17.36 5.38
N GLU C 100 -16.87 17.38 4.16
CA GLU C 100 -18.02 16.56 3.85
C GLU C 100 -17.48 15.20 3.42
N PRO C 101 -17.56 14.18 4.27
CA PRO C 101 -16.94 12.91 3.89
C PRO C 101 -17.54 12.34 2.63
N VAL C 102 -16.70 12.26 1.61
CA VAL C 102 -17.08 11.79 0.29
C VAL C 102 -16.27 10.54 0.01
N GLY C 103 -16.95 9.48 -0.38
CA GLY C 103 -16.29 8.29 -0.81
C GLY C 103 -15.70 8.46 -2.19
N PRO C 104 -14.85 7.49 -2.56
CA PRO C 104 -14.19 7.56 -3.86
C PRO C 104 -15.08 7.19 -5.04
N HIS C 105 -16.22 6.57 -4.78
CA HIS C 105 -17.17 6.18 -5.80
C HIS C 105 -18.55 6.74 -5.53
N ALA C 106 -18.58 7.86 -4.82
CA ALA C 106 -19.82 8.55 -4.48
C ALA C 106 -20.32 9.35 -5.67
N GLY C 107 -21.61 9.26 -5.93
CA GLY C 107 -22.20 9.80 -7.12
C GLY C 107 -22.24 8.84 -8.28
N THR C 108 -21.63 7.68 -8.13
CA THR C 108 -21.68 6.60 -9.09
C THR C 108 -22.77 5.61 -8.70
N PRO C 109 -23.17 4.73 -9.62
CA PRO C 109 -24.25 3.78 -9.30
C PRO C 109 -24.00 2.92 -8.09
N ALA C 110 -22.75 2.83 -7.60
CA ALA C 110 -22.45 1.99 -6.45
C ALA C 110 -22.64 2.73 -5.13
N ASP C 111 -22.36 4.03 -5.10
CA ASP C 111 -22.56 4.84 -3.89
C ASP C 111 -23.25 6.13 -4.29
N PRO C 112 -24.51 6.06 -4.71
CA PRO C 112 -25.20 7.27 -5.18
C PRO C 112 -25.59 8.24 -4.07
N VAL C 113 -25.43 7.88 -2.81
CA VAL C 113 -25.83 8.72 -1.69
C VAL C 113 -24.69 8.97 -0.71
N ASN C 114 -23.51 8.40 -0.96
CA ASN C 114 -22.33 8.66 -0.15
C ASN C 114 -22.61 8.31 1.32
N GLU C 115 -22.90 7.04 1.57
CA GLU C 115 -23.45 6.62 2.85
C GLU C 115 -22.38 6.18 3.84
N LEU C 116 -21.24 5.66 3.37
CA LEU C 116 -20.28 5.02 4.25
C LEU C 116 -19.17 5.94 4.74
N ALA C 117 -18.84 6.99 4.01
CA ALA C 117 -17.60 7.70 4.27
C ALA C 117 -17.61 8.37 5.64
N ALA C 118 -18.71 9.00 6.03
CA ALA C 118 -18.80 9.58 7.35
C ALA C 118 -18.65 8.51 8.43
N LYS C 119 -19.28 7.35 8.22
CA LYS C 119 -19.16 6.25 9.18
C LYS C 119 -17.76 5.69 9.22
N GLN C 120 -17.10 5.54 8.06
CA GLN C 120 -15.71 5.11 8.06
C GLN C 120 -14.81 6.10 8.80
N LEU C 121 -15.00 7.38 8.57
CA LEU C 121 -14.23 8.40 9.30
C LEU C 121 -14.48 8.30 10.79
N MET C 122 -15.74 8.19 11.20
CA MET C 122 -16.07 8.01 12.60
C MET C 122 -15.33 6.80 13.19
N GLN C 123 -15.41 5.66 12.51
CA GLN C 123 -14.78 4.45 13.02
C GLN C 123 -13.27 4.60 13.13
N ARG C 124 -12.63 5.10 12.08
CA ARG C 124 -11.19 5.25 12.09
C ARG C 124 -10.75 6.21 13.19
N LEU C 125 -11.46 7.33 13.34
CA LEU C 125 -11.13 8.28 14.38
C LEU C 125 -11.33 7.71 15.78
N GLY C 126 -12.40 6.94 15.97
CA GLY C 126 -12.60 6.29 17.24
C GLY C 126 -11.53 5.27 17.57
N GLN C 127 -11.05 4.54 16.57
CA GLN C 127 -9.91 3.66 16.76
C GLN C 127 -8.67 4.44 17.16
N LEU C 128 -8.41 5.57 16.49
CA LEU C 128 -7.22 6.35 16.82
C LEU C 128 -7.30 6.96 18.21
N GLN C 129 -8.52 7.19 18.71
CA GLN C 129 -8.72 7.71 20.07
C GLN C 129 -9.94 7.05 20.68
N PRO C 130 -9.79 5.83 21.20
CA PRO C 130 -10.90 5.20 21.92
C PRO C 130 -11.35 6.06 23.08
N GLY C 131 -12.65 6.36 23.13
CA GLY C 131 -13.21 7.21 24.13
C GLY C 131 -13.34 8.67 23.72
N GLY C 132 -12.85 9.03 22.54
CA GLY C 132 -12.95 10.39 22.05
C GLY C 132 -14.17 10.66 21.21
N VAL C 133 -14.88 9.63 20.80
CA VAL C 133 -16.07 9.74 19.96
C VAL C 133 -17.20 9.02 20.68
N ASP C 134 -18.17 9.79 21.18
CA ASP C 134 -19.40 9.25 21.74
C ASP C 134 -20.48 9.33 20.66
N SER C 135 -21.12 8.18 20.38
CA SER C 135 -22.08 8.07 19.30
C SER C 135 -23.52 8.18 19.78
N THR C 136 -23.75 8.56 21.04
CA THR C 136 -25.11 8.66 21.56
C THR C 136 -25.94 9.65 20.76
N MET C 137 -25.47 10.89 20.67
CA MET C 137 -26.17 11.90 19.91
C MET C 137 -26.26 11.52 18.44
N PHE C 138 -25.17 10.98 17.90
CA PHE C 138 -25.18 10.52 16.52
C PHE C 138 -26.20 9.41 16.32
N ASP C 139 -26.25 8.47 17.26
CA ASP C 139 -27.17 7.35 17.10
C ASP C 139 -28.62 7.78 17.22
N HIS C 140 -28.90 8.82 18.01
CA HIS C 140 -30.27 9.31 18.09
C HIS C 140 -30.66 10.14 16.87
N PHE C 141 -29.77 11.01 16.40
CA PHE C 141 -30.10 11.94 15.35
C PHE C 141 -29.94 11.38 13.94
N TYR C 142 -29.22 10.29 13.76
CA TYR C 142 -28.95 9.76 12.43
C TYR C 142 -30.21 9.21 11.77
N PRO C 143 -31.01 8.39 12.47
CA PRO C 143 -32.23 7.88 11.83
C PRO C 143 -33.22 8.97 11.48
N LEU C 144 -33.30 10.00 12.31
CA LEU C 144 -34.28 11.07 12.11
C LEU C 144 -33.84 12.02 11.01
N LEU C 145 -32.67 12.64 11.16
CA LEU C 145 -32.23 13.67 10.24
C LEU C 145 -31.57 13.09 9.00
N CYS C 146 -30.74 12.08 9.17
CA CYS C 146 -29.99 11.51 8.06
C CYS C 146 -30.80 10.44 7.35
N VAL C 147 -30.42 10.17 6.11
CA VAL C 147 -31.06 9.15 5.28
C VAL C 147 -30.01 8.10 4.97
N ASP C 148 -30.35 6.84 5.23
CA ASP C 148 -29.48 5.73 4.89
C ASP C 148 -29.53 5.45 3.40
N GLY C 149 -28.66 4.55 2.97
CA GLY C 149 -28.60 4.16 1.58
C GLY C 149 -29.87 3.53 1.09
N PRO C 150 -30.38 2.54 1.81
CA PRO C 150 -31.64 1.90 1.37
C PRO C 150 -32.78 2.89 1.20
N GLU C 151 -33.04 3.74 2.19
CA GLU C 151 -34.13 4.68 2.08
C GLU C 151 -33.93 5.64 0.91
N ALA C 152 -32.72 6.17 0.77
CA ALA C 152 -32.43 7.07 -0.35
C ALA C 152 -32.59 6.38 -1.69
N ARG C 153 -32.36 5.07 -1.75
CA ARG C 153 -32.43 4.37 -3.02
C ARG C 153 -33.86 3.94 -3.36
N ARG C 154 -34.68 3.62 -2.36
CA ARG C 154 -36.10 3.40 -2.63
C ARG C 154 -36.78 4.69 -3.02
N GLN C 155 -36.46 5.77 -2.32
CA GLN C 155 -37.08 7.08 -2.50
C GLN C 155 -36.24 7.98 -3.40
N TRP C 156 -35.57 7.41 -4.40
CA TRP C 156 -34.68 8.19 -5.24
C TRP C 156 -35.44 9.23 -6.04
N ASP C 157 -36.57 8.83 -6.64
CA ASP C 157 -37.36 9.76 -7.44
C ASP C 157 -37.70 11.02 -6.67
N SER C 158 -37.71 10.94 -5.33
CA SER C 158 -38.08 12.10 -4.53
C SER C 158 -36.93 13.08 -4.36
N ILE C 159 -35.68 12.61 -4.48
CA ILE C 159 -34.52 13.42 -4.15
C ILE C 159 -33.54 13.58 -5.30
N ALA C 160 -33.77 12.91 -6.44
CA ALA C 160 -32.82 12.99 -7.54
C ALA C 160 -32.68 14.42 -8.06
N HIS C 161 -33.71 15.25 -7.86
CA HIS C 161 -33.62 16.64 -8.28
C HIS C 161 -32.65 17.45 -7.45
N ILE C 162 -32.28 16.96 -6.26
CA ILE C 162 -31.37 17.69 -5.39
C ILE C 162 -29.97 17.63 -5.96
N TYR C 163 -29.31 18.78 -6.06
CA TYR C 163 -27.96 18.85 -6.60
C TYR C 163 -26.95 18.33 -5.60
N HIS C 164 -26.98 18.83 -4.39
CA HIS C 164 -26.08 18.41 -3.32
C HIS C 164 -26.84 17.46 -2.41
N LYS C 165 -26.61 16.16 -2.60
CA LYS C 165 -27.27 15.15 -1.79
C LYS C 165 -26.49 14.86 -0.52
N CYS C 166 -26.17 15.93 0.21
CA CYS C 166 -25.40 15.79 1.43
C CYS C 166 -26.32 15.46 2.59
N HIS C 167 -25.81 14.62 3.49
CA HIS C 167 -26.54 14.19 4.67
C HIS C 167 -25.72 14.22 5.95
N THR C 168 -24.39 14.19 5.85
CA THR C 168 -23.52 14.23 7.02
C THR C 168 -22.26 14.99 6.67
N VAL C 169 -21.94 15.97 7.49
CA VAL C 169 -20.69 16.71 7.42
C VAL C 169 -19.98 16.51 8.75
N THR C 170 -18.66 16.42 8.71
CA THR C 170 -17.87 16.12 9.89
C THR C 170 -16.78 17.16 10.02
N ALA C 171 -16.68 17.75 11.19
CA ALA C 171 -15.63 18.69 11.50
C ALA C 171 -14.79 18.14 12.64
N LEU C 172 -13.50 18.46 12.60
CA LEU C 172 -12.57 18.08 13.65
C LEU C 172 -12.00 19.36 14.25
N ASP C 173 -12.24 19.53 15.55
CA ASP C 173 -11.51 20.51 16.35
C ASP C 173 -10.22 19.84 16.78
N MET C 174 -9.12 20.20 16.14
CA MET C 174 -7.81 19.65 16.43
C MET C 174 -7.25 20.46 17.58
N GLN C 175 -7.40 19.92 18.79
CA GLN C 175 -7.04 20.65 19.99
C GLN C 175 -5.53 20.68 20.19
N ARG C 176 -5.11 21.68 20.95
CA ARG C 176 -3.72 21.79 21.38
C ARG C 176 -3.28 20.58 22.21
N SER C 177 -4.22 19.74 22.67
CA SER C 177 -3.90 18.54 23.41
C SER C 177 -3.57 17.34 22.53
N ALA C 178 -3.59 17.51 21.22
CA ALA C 178 -3.53 16.41 20.24
C ALA C 178 -4.79 15.56 20.27
N ALA C 179 -5.81 16.04 20.97
CA ALA C 179 -7.13 15.43 20.94
C ALA C 179 -7.97 16.08 19.85
N CYS C 180 -8.73 15.27 19.14
CA CYS C 180 -9.59 15.74 18.06
C CYS C 180 -11.03 15.54 18.48
N THR C 181 -11.72 16.64 18.72
CA THR C 181 -13.16 16.60 18.97
C THR C 181 -13.90 16.52 17.64
N LEU C 182 -14.74 15.52 17.49
CA LEU C 182 -15.54 15.36 16.29
C LEU C 182 -16.89 16.04 16.48
N LYS C 183 -17.30 16.78 15.47
CA LYS C 183 -18.59 17.44 15.43
C LYS C 183 -19.31 16.98 14.18
N THR C 184 -20.58 16.65 14.32
CA THR C 184 -21.38 16.13 13.23
C THR C 184 -22.47 17.13 12.88
N TYR C 185 -22.60 17.43 11.60
CA TYR C 185 -23.66 18.25 11.06
C TYR C 185 -24.54 17.40 10.17
N PHE C 186 -25.85 17.55 10.35
CA PHE C 186 -26.85 16.85 9.56
C PHE C 186 -27.69 17.88 8.83
N PRO C 187 -27.57 18.00 7.51
CA PRO C 187 -28.60 18.70 6.75
C PRO C 187 -29.74 17.77 6.40
N PRO C 188 -30.93 18.00 6.96
CA PRO C 188 -32.02 17.04 6.77
C PRO C 188 -32.82 17.24 5.49
N LEU C 189 -32.25 17.93 4.51
CA LEU C 189 -32.97 18.17 3.26
C LEU C 189 -33.52 16.89 2.65
N LEU C 190 -32.73 15.82 2.64
CA LEU C 190 -33.22 14.56 2.08
C LEU C 190 -34.34 13.98 2.92
N ARG C 191 -34.18 14.00 4.25
CA ARG C 191 -35.24 13.55 5.15
C ARG C 191 -36.54 14.28 4.86
N SER C 192 -36.49 15.61 4.77
CA SER C 192 -37.69 16.39 4.52
C SER C 192 -38.25 16.11 3.14
N THR C 193 -37.39 16.01 2.12
CA THR C 193 -37.86 15.81 0.76
C THR C 193 -38.52 14.45 0.59
N ILE C 194 -38.07 13.46 1.35
CA ILE C 194 -38.68 12.13 1.26
C ILE C 194 -39.95 12.06 2.09
N MET C 195 -39.92 12.58 3.31
CA MET C 195 -41.09 12.60 4.18
C MET C 195 -42.00 13.80 3.92
N ASN C 196 -41.62 14.70 3.02
CA ASN C 196 -42.36 15.92 2.74
C ASN C 196 -42.83 16.59 4.03
N THR C 197 -41.96 16.54 5.03
CA THR C 197 -42.11 17.24 6.29
C THR C 197 -41.19 18.46 6.27
N SER C 198 -41.49 19.42 7.13
CA SER C 198 -40.72 20.65 7.18
C SER C 198 -39.43 20.44 7.96
N MET C 199 -38.39 21.16 7.53
CA MET C 199 -37.10 21.13 8.23
C MET C 199 -37.28 21.44 9.70
N VAL C 200 -37.93 22.56 9.99
CA VAL C 200 -38.16 23.00 11.36
C VAL C 200 -38.72 21.84 12.20
N ASP C 201 -39.77 21.20 11.67
CA ASP C 201 -40.48 20.21 12.47
C ASP C 201 -39.62 18.98 12.75
N ILE C 202 -38.99 18.41 11.71
CA ILE C 202 -38.20 17.21 11.95
C ILE C 202 -37.05 17.52 12.89
N MET C 203 -36.36 18.64 12.67
CA MET C 203 -35.21 18.96 13.49
C MET C 203 -35.60 19.13 14.95
N PHE C 204 -36.62 19.95 15.23
CA PHE C 204 -36.97 20.21 16.61
C PHE C 204 -37.70 19.04 17.26
N ASP C 205 -38.35 18.19 16.48
CA ASP C 205 -38.89 16.96 17.04
C ASP C 205 -37.79 16.01 17.46
N ALA C 206 -36.74 15.89 16.64
CA ALA C 206 -35.57 15.13 17.05
C ALA C 206 -34.95 15.69 18.32
N VAL C 207 -34.86 17.03 18.40
CA VAL C 207 -34.29 17.66 19.59
C VAL C 207 -35.14 17.35 20.81
N GLU C 208 -36.47 17.43 20.68
CA GLU C 208 -37.34 17.17 21.81
C GLU C 208 -37.29 15.71 22.23
N SER C 209 -37.16 14.79 21.27
CA SER C 209 -37.06 13.38 21.63
C SER C 209 -35.76 13.12 22.37
N PHE C 210 -34.68 13.77 21.97
CA PHE C 210 -33.43 13.64 22.71
C PHE C 210 -33.58 14.19 24.12
N ARG C 211 -34.20 15.35 24.26
CA ARG C 211 -34.56 15.87 25.57
C ARG C 211 -35.24 14.81 26.42
N LYS C 212 -36.36 14.29 25.91
CA LYS C 212 -37.13 13.29 26.64
C LYS C 212 -36.23 12.13 27.09
N GLN C 213 -35.64 11.43 26.12
CA GLN C 213 -34.93 10.19 26.43
C GLN C 213 -33.51 10.43 26.94
N SER C 214 -33.16 11.66 27.32
CA SER C 214 -31.86 11.94 27.91
C SER C 214 -31.94 12.74 29.21
N GLY C 215 -33.02 13.49 29.44
CA GLY C 215 -33.11 14.30 30.63
C GLY C 215 -32.25 15.54 30.59
N LEU C 216 -31.95 16.04 29.40
CA LEU C 216 -31.11 17.20 29.22
C LEU C 216 -31.93 18.33 28.63
N TYR C 217 -31.59 19.56 29.02
CA TYR C 217 -32.36 20.73 28.63
C TYR C 217 -31.78 21.32 27.36
N PHE C 218 -32.55 21.27 26.28
CA PHE C 218 -32.18 21.88 25.01
C PHE C 218 -33.36 22.76 24.58
N ASP C 219 -33.35 24.01 25.01
CA ASP C 219 -34.49 24.90 24.81
C ASP C 219 -34.48 25.41 23.37
N TYR C 220 -35.47 24.97 22.60
CA TYR C 220 -35.62 25.37 21.21
C TYR C 220 -36.86 26.21 20.97
N THR C 221 -37.59 26.58 22.03
CA THR C 221 -38.82 27.34 21.86
C THR C 221 -38.59 28.59 21.03
N LYS C 222 -37.62 29.42 21.44
CA LYS C 222 -37.38 30.69 20.76
C LYS C 222 -36.95 30.47 19.31
N ILE C 223 -36.11 29.46 19.08
CA ILE C 223 -35.61 29.20 17.73
C ILE C 223 -36.75 28.73 16.84
N LYS C 224 -37.56 27.80 17.33
CA LYS C 224 -38.72 27.33 16.58
C LYS C 224 -39.66 28.48 16.27
N GLU C 225 -40.00 29.28 17.28
CA GLU C 225 -40.87 30.43 17.08
C GLU C 225 -40.36 31.32 15.96
N PHE C 226 -39.10 31.76 16.08
CA PHE C 226 -38.54 32.65 15.06
C PHE C 226 -38.56 31.99 13.69
N MET C 227 -38.17 30.71 13.61
CA MET C 227 -37.95 30.08 12.31
C MET C 227 -39.24 29.63 11.63
N SER C 228 -40.35 29.57 12.37
CA SER C 228 -41.63 29.24 11.76
C SER C 228 -42.38 30.47 11.25
N GLU C 229 -42.01 31.66 11.71
CA GLU C 229 -42.62 32.88 11.22
C GLU C 229 -42.47 33.01 9.71
N GLU C 230 -43.27 33.89 9.11
CA GLU C 230 -43.20 34.14 7.68
C GLU C 230 -42.23 35.24 7.32
N LYS C 231 -42.13 36.29 8.16
CA LYS C 231 -41.15 37.34 7.91
C LYS C 231 -39.75 36.77 7.83
N THR C 232 -39.46 35.76 8.67
CA THR C 232 -38.18 35.07 8.58
C THR C 232 -38.04 34.34 7.25
N HIS C 233 -39.06 33.57 6.87
CA HIS C 233 -39.01 32.83 5.62
C HIS C 233 -38.85 33.74 4.41
N GLU C 234 -39.23 35.02 4.53
CA GLU C 234 -39.03 35.94 3.42
C GLU C 234 -37.58 36.00 3.02
N THR C 235 -36.67 36.02 4.00
CA THR C 235 -35.24 36.06 3.75
C THR C 235 -34.56 34.71 3.92
N MET C 236 -35.09 33.85 4.78
CA MET C 236 -34.43 32.61 5.12
C MET C 236 -34.59 31.57 4.02
N MET C 237 -33.50 30.86 3.74
CA MET C 237 -33.54 29.67 2.88
C MET C 237 -33.54 28.45 3.81
N VAL C 238 -34.69 28.22 4.46
CA VAL C 238 -34.79 27.20 5.49
C VAL C 238 -34.38 25.83 4.96
N ASP C 239 -34.47 25.60 3.66
CA ASP C 239 -34.01 24.35 3.08
C ASP C 239 -32.50 24.22 3.13
N ARG C 240 -31.79 25.25 3.55
CA ARG C 240 -30.34 25.23 3.70
C ARG C 240 -29.90 25.09 5.15
N SER C 241 -30.82 24.71 6.03
CA SER C 241 -30.54 24.62 7.46
C SER C 241 -29.99 23.24 7.80
N TYR C 242 -29.34 23.16 8.97
CA TYR C 242 -28.76 21.91 9.42
C TYR C 242 -28.63 21.92 10.94
N LEU C 243 -28.40 20.74 11.49
CA LEU C 243 -28.29 20.53 12.93
C LEU C 243 -26.91 19.98 13.27
N SER C 244 -26.25 20.58 14.23
CA SER C 244 -24.90 20.20 14.61
C SER C 244 -24.87 19.78 16.06
N PHE C 245 -24.04 18.78 16.36
CA PHE C 245 -23.77 18.37 17.72
C PHE C 245 -22.33 17.91 17.85
N ASP C 246 -21.74 18.18 19.01
CA ASP C 246 -20.44 17.63 19.32
C ASP C 246 -20.58 16.18 19.77
N CYS C 247 -19.73 15.32 19.21
CA CYS C 247 -19.82 13.89 19.46
C CYS C 247 -19.10 13.56 20.77
N LEU C 248 -19.76 13.90 21.86
CA LEU C 248 -19.24 13.72 23.21
C LEU C 248 -20.38 13.27 24.10
N ASP C 249 -20.11 13.23 25.40
CA ASP C 249 -21.15 12.96 26.38
C ASP C 249 -22.23 14.02 26.28
N PRO C 250 -23.49 13.65 25.99
CA PRO C 250 -24.53 14.66 25.77
C PRO C 250 -24.61 15.72 26.84
N ALA C 251 -24.12 15.43 28.05
CA ALA C 251 -24.11 16.42 29.11
C ALA C 251 -22.97 17.42 28.96
N LYS C 252 -21.97 17.09 28.14
CA LYS C 252 -20.89 18.01 27.83
C LYS C 252 -20.94 18.49 26.39
N SER C 253 -21.95 18.08 25.63
CA SER C 253 -22.10 18.43 24.24
C SER C 253 -23.03 19.63 24.10
N ARG C 254 -23.36 19.97 22.86
CA ARG C 254 -24.22 21.08 22.53
C ARG C 254 -25.20 20.63 21.47
N ILE C 255 -26.21 21.44 21.20
CA ILE C 255 -26.96 21.32 19.97
C ILE C 255 -26.97 22.68 19.31
N LYS C 256 -26.83 22.71 17.99
CA LYS C 256 -26.76 23.96 17.27
C LYS C 256 -27.63 23.87 16.04
N ILE C 257 -28.45 24.90 15.84
CA ILE C 257 -29.35 24.97 14.70
C ILE C 257 -28.82 26.04 13.77
N TYR C 258 -28.47 25.64 12.54
CA TYR C 258 -27.94 26.50 11.52
C TYR C 258 -28.97 26.77 10.43
N THR C 259 -28.99 28.01 9.96
CA THR C 259 -29.78 28.35 8.79
C THR C 259 -29.08 29.44 7.98
N GLU C 260 -29.42 29.50 6.70
CA GLU C 260 -28.90 30.49 5.77
C GLU C 260 -29.93 31.60 5.56
N ALA C 261 -29.45 32.83 5.43
CA ALA C 261 -30.28 33.98 5.15
C ALA C 261 -29.53 34.95 4.26
N LYS C 262 -30.17 35.38 3.19
CA LYS C 262 -29.64 36.41 2.30
C LYS C 262 -30.37 37.71 2.64
N VAL C 263 -29.69 38.59 3.36
CA VAL C 263 -30.30 39.79 3.90
C VAL C 263 -29.73 41.01 3.20
N LYS C 264 -30.25 42.17 3.56
CA LYS C 264 -29.84 43.43 2.94
C LYS C 264 -29.45 44.49 3.96
N THR C 265 -29.95 44.42 5.18
CA THR C 265 -29.66 45.39 6.23
C THR C 265 -29.15 44.67 7.45
N LEU C 266 -28.69 45.46 8.42
CA LEU C 266 -28.34 44.93 9.72
C LEU C 266 -29.56 44.78 10.63
N GLU C 267 -30.70 45.36 10.26
CA GLU C 267 -31.94 45.04 10.93
C GLU C 267 -32.38 43.61 10.66
N GLU C 268 -32.32 43.19 9.40
CA GLU C 268 -32.64 41.82 9.05
C GLU C 268 -31.61 40.85 9.63
N ALA C 269 -30.40 41.34 9.89
CA ALA C 269 -29.39 40.50 10.51
C ALA C 269 -29.62 40.36 12.01
N TYR C 270 -29.96 41.47 12.69
CA TYR C 270 -30.36 41.41 14.08
C TYR C 270 -31.59 40.53 14.26
N SER C 271 -32.45 40.48 13.25
CA SER C 271 -33.60 39.58 13.31
C SER C 271 -33.17 38.15 13.59
N PHE C 272 -32.14 37.67 12.88
CA PHE C 272 -31.64 36.33 13.13
C PHE C 272 -30.76 36.26 14.36
N TRP C 273 -29.99 37.31 14.62
CA TRP C 273 -29.05 37.30 15.74
C TRP C 273 -29.75 37.28 17.08
N SER C 274 -30.94 37.83 17.18
CA SER C 274 -31.68 37.88 18.44
C SER C 274 -33.00 37.11 18.39
N LEU C 275 -33.29 36.42 17.29
CA LEU C 275 -34.54 35.68 17.13
C LEU C 275 -35.76 36.57 17.32
N GLY C 276 -35.61 37.86 17.02
CA GLY C 276 -36.71 38.80 17.15
C GLY C 276 -36.87 39.32 18.55
N GLY C 277 -35.78 39.81 19.14
CA GLY C 277 -35.81 40.31 20.50
C GLY C 277 -35.97 39.26 21.56
N ARG C 278 -36.18 38.00 21.19
CA ARG C 278 -36.35 36.95 22.18
C ARG C 278 -35.06 36.73 22.96
N LEU C 279 -33.92 36.83 22.30
CA LEU C 279 -32.62 36.79 22.95
C LEU C 279 -32.15 38.20 23.20
N SER C 280 -31.68 38.46 24.42
CA SER C 280 -31.27 39.80 24.81
C SER C 280 -30.15 39.69 25.84
N GLY C 281 -29.51 40.82 26.12
CA GLY C 281 -28.47 40.89 27.10
C GLY C 281 -27.25 41.62 26.60
N PRO C 282 -26.22 41.72 27.43
CA PRO C 282 -25.01 42.43 27.00
C PRO C 282 -24.22 41.68 25.95
N GLU C 283 -24.18 40.34 26.03
CA GLU C 283 -23.45 39.56 25.04
C GLU C 283 -24.03 39.80 23.65
N ILE C 284 -25.35 39.89 23.56
CA ILE C 284 -26.02 40.07 22.27
C ILE C 284 -25.59 41.39 21.65
N ASP C 285 -25.58 42.45 22.46
CA ASP C 285 -25.24 43.78 21.95
C ASP C 285 -23.77 43.87 21.56
N TYR C 286 -22.88 43.35 22.41
CA TYR C 286 -21.47 43.32 22.07
C TYR C 286 -21.22 42.57 20.77
N GLY C 287 -21.78 41.36 20.66
CA GLY C 287 -21.59 40.57 19.47
C GLY C 287 -22.12 41.27 18.24
N PHE C 288 -23.24 41.97 18.37
CA PHE C 288 -23.79 42.63 17.19
C PHE C 288 -23.04 43.91 16.85
N LYS C 289 -22.40 44.54 17.82
CA LYS C 289 -21.50 45.64 17.47
C LYS C 289 -20.32 45.13 16.66
N ILE C 290 -19.77 43.98 17.06
CA ILE C 290 -18.73 43.35 16.26
C ILE C 290 -19.26 43.02 14.87
N VAL C 291 -20.49 42.53 14.79
CA VAL C 291 -21.09 42.17 13.52
C VAL C 291 -21.22 43.39 12.62
N SER C 292 -21.77 44.48 13.15
CA SER C 292 -21.91 45.70 12.37
C SER C 292 -20.56 46.23 11.93
N GLN C 293 -19.57 46.20 12.82
CA GLN C 293 -18.21 46.61 12.45
C GLN C 293 -17.74 45.84 11.23
N MET C 294 -17.78 44.51 11.28
CA MET C 294 -17.29 43.72 10.16
C MET C 294 -18.17 43.85 8.91
N TRP C 295 -19.48 44.01 9.09
CA TRP C 295 -20.38 44.29 7.97
C TRP C 295 -19.93 45.54 7.23
N ASP C 296 -19.88 46.66 7.94
CA ASP C 296 -19.45 47.91 7.32
C ASP C 296 -18.05 47.79 6.73
N ALA C 297 -17.19 47.00 7.36
CA ALA C 297 -15.80 46.94 6.91
C ALA C 297 -15.62 46.08 5.66
N ILE C 298 -16.46 45.05 5.48
CA ILE C 298 -16.27 44.07 4.41
C ILE C 298 -17.27 44.28 3.28
N TYR C 299 -18.56 44.36 3.60
CA TYR C 299 -19.58 44.44 2.57
C TYR C 299 -19.78 45.86 2.03
N SER C 300 -19.09 46.85 2.61
CA SER C 300 -19.07 48.17 2.00
C SER C 300 -18.14 48.20 0.80
N LYS C 301 -16.98 47.57 0.92
CA LYS C 301 -16.01 47.55 -0.16
C LYS C 301 -16.62 46.92 -1.40
N GLU C 302 -16.09 47.28 -2.56
CA GLU C 302 -16.62 46.80 -3.82
C GLU C 302 -16.15 45.38 -4.10
N LEU C 303 -16.86 44.72 -5.00
CA LEU C 303 -16.60 43.35 -5.40
C LEU C 303 -15.68 43.32 -6.61
N PRO C 304 -15.19 42.14 -6.98
CA PRO C 304 -14.45 42.01 -8.24
C PRO C 304 -15.37 42.10 -9.44
N GLY C 305 -14.78 42.34 -10.60
CA GLY C 305 -15.55 42.49 -11.80
C GLY C 305 -16.61 43.56 -11.73
N GLY C 306 -16.49 44.49 -10.79
CA GLY C 306 -17.48 45.54 -10.64
C GLY C 306 -18.89 45.04 -10.41
N LYS C 307 -19.04 43.78 -10.04
CA LYS C 307 -20.37 43.23 -9.80
C LYS C 307 -20.99 43.87 -8.56
N GLN C 308 -22.30 44.08 -8.60
CA GLN C 308 -23.01 44.71 -7.51
C GLN C 308 -23.43 43.67 -6.47
N ARG C 309 -23.48 44.11 -5.22
CA ARG C 309 -23.95 43.27 -4.12
C ARG C 309 -25.46 43.23 -4.15
N GLU C 310 -26.03 42.22 -4.80
CA GLU C 310 -27.48 42.05 -4.78
C GLU C 310 -27.98 41.99 -3.34
N ASN C 311 -27.42 41.08 -2.56
CA ASN C 311 -27.67 41.02 -1.13
C ASN C 311 -26.45 40.40 -0.47
N ASN C 312 -26.49 40.33 0.86
CA ASN C 312 -25.38 39.81 1.66
C ASN C 312 -25.76 38.46 2.24
N HIS C 313 -24.89 37.48 2.02
CA HIS C 313 -25.14 36.10 2.40
C HIS C 313 -24.58 35.83 3.78
N ILE C 314 -25.45 35.45 4.72
CA ILE C 314 -25.05 35.11 6.06
C ILE C 314 -25.61 33.73 6.40
N GLN C 315 -24.90 33.05 7.27
CA GLN C 315 -25.44 31.90 7.98
C GLN C 315 -25.51 32.25 9.46
N ILE C 316 -26.22 31.44 10.21
CA ILE C 316 -26.46 31.72 11.61
C ILE C 316 -26.67 30.41 12.32
N ASN C 317 -26.02 30.25 13.47
CA ASN C 317 -26.36 29.15 14.35
C ASN C 317 -26.84 29.71 15.68
N TRP C 318 -27.73 28.96 16.29
CA TRP C 318 -28.11 29.17 17.68
C TRP C 318 -27.74 27.92 18.45
N GLU C 319 -26.94 28.12 19.49
CA GLU C 319 -26.36 27.06 20.30
C GLU C 319 -27.18 26.92 21.57
N MET C 320 -27.69 25.71 21.80
CA MET C 320 -28.44 25.34 22.98
C MET C 320 -27.55 24.46 23.86
N SER C 321 -27.53 24.80 25.14
CA SER C 321 -26.69 24.16 26.13
C SER C 321 -27.45 23.03 26.81
N ALA C 322 -26.78 21.90 26.98
CA ALA C 322 -27.38 20.76 27.68
C ALA C 322 -27.56 21.02 29.16
N LYS C 323 -26.98 22.09 29.69
CA LYS C 323 -27.09 22.42 31.10
C LYS C 323 -28.17 23.45 31.38
N ASP C 324 -28.32 24.43 30.49
CA ASP C 324 -29.15 25.60 30.76
C ASP C 324 -30.10 25.84 29.60
N SER C 325 -31.01 26.79 29.81
CA SER C 325 -31.86 27.31 28.75
C SER C 325 -31.22 28.58 28.21
N SER C 326 -30.12 28.41 27.48
CA SER C 326 -29.30 29.55 27.07
C SER C 326 -28.99 29.38 25.58
N VAL C 327 -29.78 30.03 24.75
CA VAL C 327 -29.54 30.08 23.32
C VAL C 327 -28.53 31.18 23.05
N ALA C 328 -27.46 30.83 22.34
CA ALA C 328 -26.43 31.82 22.02
C ALA C 328 -26.20 31.85 20.51
N PRO C 329 -26.18 33.02 19.89
CA PRO C 329 -26.00 33.08 18.43
C PRO C 329 -24.55 33.16 17.99
N LYS C 330 -24.32 32.68 16.78
CA LYS C 330 -23.05 32.82 16.08
C LYS C 330 -23.36 33.15 14.64
N LEU C 331 -22.88 34.30 14.18
CA LEU C 331 -23.24 34.83 12.87
C LEU C 331 -22.07 34.67 11.91
N TYR C 332 -22.35 34.05 10.77
CA TYR C 332 -21.34 33.78 9.74
C TYR C 332 -21.57 34.72 8.57
N LEU C 333 -20.56 35.52 8.25
CA LEU C 333 -20.55 36.34 7.04
C LEU C 333 -19.85 35.55 5.95
N THR C 334 -20.49 35.43 4.79
CA THR C 334 -19.87 34.76 3.65
C THR C 334 -19.05 35.77 2.86
N VAL C 335 -17.77 35.44 2.65
CA VAL C 335 -16.83 36.35 2.00
C VAL C 335 -16.10 35.61 0.89
N ILE C 336 -16.66 34.51 0.40
CA ILE C 336 -15.96 33.72 -0.61
C ILE C 336 -15.76 34.53 -1.89
N GLU C 337 -16.71 35.39 -2.24
CA GLU C 337 -16.65 36.15 -3.48
C GLU C 337 -16.29 37.61 -3.22
N ASP C 338 -15.51 37.86 -2.19
CA ASP C 338 -14.94 39.16 -1.90
C ASP C 338 -13.44 39.14 -2.15
N TYR C 339 -12.81 40.30 -2.02
CA TYR C 339 -11.36 40.40 -2.11
C TYR C 339 -10.74 39.90 -0.81
N ASP C 340 -9.84 38.92 -0.91
CA ASP C 340 -9.15 38.43 0.26
C ASP C 340 -8.40 39.54 0.98
N ALA C 341 -7.93 40.54 0.24
CA ALA C 341 -7.22 41.65 0.84
C ALA C 341 -8.13 42.46 1.77
N TYR C 342 -9.34 42.76 1.32
CA TYR C 342 -10.27 43.52 2.14
C TYR C 342 -10.72 42.71 3.34
N VAL C 343 -10.95 41.41 3.14
CA VAL C 343 -11.30 40.53 4.25
C VAL C 343 -10.20 40.54 5.30
N SER C 344 -8.95 40.38 4.87
CA SER C 344 -7.84 40.37 5.81
C SER C 344 -7.68 41.70 6.51
N SER C 345 -7.87 42.81 5.78
CA SER C 345 -7.80 44.12 6.42
C SER C 345 -8.89 44.28 7.47
N ALA C 346 -10.10 43.78 7.18
CA ALA C 346 -11.18 43.84 8.15
C ALA C 346 -10.85 43.02 9.39
N ILE C 347 -10.36 41.79 9.19
CA ILE C 347 -9.97 40.94 10.31
C ILE C 347 -8.92 41.64 11.15
N VAL C 348 -7.92 42.23 10.50
CA VAL C 348 -6.81 42.86 11.22
C VAL C 348 -7.31 44.08 11.99
N ASP C 349 -8.17 44.89 11.39
CA ASP C 349 -8.72 46.03 12.10
C ASP C 349 -9.53 45.59 13.30
N LEU C 350 -10.32 44.52 13.14
CA LEU C 350 -11.11 44.01 14.24
C LEU C 350 -10.23 43.56 15.39
N PHE C 351 -9.27 42.67 15.10
CA PHE C 351 -8.35 42.20 16.12
C PHE C 351 -7.64 43.37 16.80
N THR C 352 -7.14 44.32 16.01
CA THR C 352 -6.45 45.47 16.57
C THR C 352 -7.36 46.22 17.54
N GLY C 353 -8.60 46.48 17.13
CA GLY C 353 -9.53 47.16 18.02
C GLY C 353 -9.78 46.39 19.31
N LEU C 354 -9.84 45.05 19.20
CA LEU C 354 -10.07 44.22 20.37
C LEU C 354 -8.83 44.06 21.23
N GLY C 355 -7.68 44.57 20.80
CA GLY C 355 -6.44 44.36 21.52
C GLY C 355 -5.75 43.05 21.22
N TRP C 356 -6.07 42.41 20.10
CA TRP C 356 -5.52 41.10 19.75
C TRP C 356 -4.40 41.29 18.73
N ALA C 357 -3.22 41.66 19.22
CA ALA C 357 -2.10 41.87 18.32
C ALA C 357 -1.43 40.55 17.95
N ALA C 358 -1.27 39.66 18.94
CA ALA C 358 -0.76 38.33 18.66
C ALA C 358 -1.60 37.63 17.62
N HIS C 359 -2.93 37.79 17.69
CA HIS C 359 -3.81 37.18 16.70
C HIS C 359 -3.63 37.83 15.33
N VAL C 360 -3.39 39.14 15.30
CA VAL C 360 -3.10 39.81 14.05
C VAL C 360 -1.89 39.19 13.39
N GLN C 361 -0.81 39.00 14.16
CA GLN C 361 0.40 38.44 13.60
C GLN C 361 0.23 36.98 13.22
N THR C 362 -0.53 36.22 14.00
CA THR C 362 -0.82 34.84 13.64
C THR C 362 -1.60 34.77 12.33
N HIS C 363 -2.61 35.62 12.18
CA HIS C 363 -3.41 35.64 10.97
C HIS C 363 -2.57 36.04 9.76
N LYS C 364 -1.70 37.03 9.93
CA LYS C 364 -0.85 37.47 8.84
C LYS C 364 0.18 36.41 8.48
N LYS C 365 0.75 35.74 9.48
CA LYS C 365 1.67 34.63 9.21
C LYS C 365 0.99 33.52 8.45
N ILE C 366 -0.22 33.14 8.85
CA ILE C 366 -0.94 32.09 8.13
C ILE C 366 -1.24 32.53 6.71
N GLU C 367 -1.66 33.79 6.53
CA GLU C 367 -1.90 34.30 5.18
C GLU C 367 -0.64 34.22 4.33
N LYS C 368 0.48 34.69 4.87
CA LYS C 368 1.71 34.75 4.10
C LYS C 368 2.24 33.37 3.75
N GLU C 369 2.27 32.47 4.73
CA GLU C 369 2.93 31.17 4.53
C GLU C 369 2.00 30.17 3.85
N ALA C 370 0.75 30.08 4.29
CA ALA C 370 -0.15 29.05 3.83
C ALA C 370 -1.06 29.51 2.68
N TYR C 371 -1.23 30.82 2.52
CA TYR C 371 -2.06 31.39 1.46
C TYR C 371 -1.28 32.50 0.79
N PRO C 372 -0.23 32.15 0.03
CA PRO C 372 0.58 33.20 -0.59
C PRO C 372 -0.15 33.96 -1.68
N MET C 373 -1.10 33.31 -2.36
CA MET C 373 -1.88 33.94 -3.41
C MET C 373 -2.50 35.26 -2.97
N CYS C 374 -2.61 35.49 -1.66
CA CYS C 374 -3.24 36.72 -1.18
C CYS C 374 -2.37 37.93 -1.47
N ASP C 375 -1.05 37.76 -1.41
CA ASP C 375 -0.12 38.83 -1.74
C ASP C 375 0.35 38.76 -3.19
N ALA C 376 0.67 37.55 -3.65
CA ALA C 376 1.07 37.39 -5.05
C ALA C 376 0.03 37.95 -6.00
N ASN C 377 -1.24 37.61 -5.79
CA ASN C 377 -2.34 38.08 -6.61
C ASN C 377 -3.13 39.13 -5.83
N PRO C 378 -3.06 40.42 -6.21
CA PRO C 378 -3.87 41.41 -5.50
C PRO C 378 -5.37 41.20 -5.66
N GLN C 379 -5.79 40.54 -6.73
CA GLN C 379 -7.20 40.23 -6.96
C GLN C 379 -7.52 38.81 -6.50
N SER C 380 -7.23 38.55 -5.23
CA SER C 380 -7.38 37.22 -4.65
C SER C 380 -8.79 37.05 -4.10
N THR C 381 -9.43 35.95 -4.46
CA THR C 381 -10.81 35.70 -4.10
C THR C 381 -11.05 34.31 -3.52
N HIS C 382 -10.02 33.47 -3.43
CA HIS C 382 -10.21 32.06 -3.16
C HIS C 382 -9.87 31.61 -1.75
N ALA C 383 -9.06 32.38 -1.01
CA ALA C 383 -8.59 31.89 0.28
C ALA C 383 -9.68 31.93 1.33
N TYR C 384 -10.15 33.14 1.65
CA TYR C 384 -11.12 33.32 2.72
C TYR C 384 -12.53 32.99 2.26
N VAL C 385 -13.29 32.33 3.12
CA VAL C 385 -14.63 31.90 2.78
C VAL C 385 -15.63 32.44 3.79
N TRP C 386 -15.33 32.36 5.08
CA TRP C 386 -16.30 32.75 6.09
C TRP C 386 -15.63 33.47 7.25
N ILE C 387 -16.40 34.36 7.89
CA ILE C 387 -16.03 34.95 9.16
C ILE C 387 -17.17 34.71 10.14
N SER C 388 -16.92 33.94 11.18
CA SER C 388 -17.88 33.72 12.25
C SER C 388 -17.61 34.64 13.41
N LEU C 389 -18.67 35.25 13.93
CA LEU C 389 -18.59 36.20 15.02
C LEU C 389 -19.53 35.75 16.13
N ALA C 390 -19.04 35.79 17.35
CA ALA C 390 -19.84 35.52 18.53
C ALA C 390 -19.23 36.27 19.70
N TYR C 391 -20.03 36.44 20.74
CA TYR C 391 -19.57 37.07 21.98
C TYR C 391 -20.03 36.21 23.14
N LYS C 392 -19.15 35.33 23.59
CA LYS C 392 -19.40 34.57 24.80
C LYS C 392 -19.07 35.42 26.02
N LYS C 393 -19.44 34.91 27.19
CA LYS C 393 -19.09 35.61 28.42
C LYS C 393 -17.58 35.72 28.58
N THR C 394 -16.83 34.77 28.01
CA THR C 394 -15.38 34.88 28.02
C THR C 394 -14.91 36.09 27.23
N GLY C 395 -15.66 36.49 26.22
CA GLY C 395 -15.30 37.60 25.36
C GLY C 395 -15.65 37.31 23.92
N PRO C 396 -15.02 38.04 23.00
CA PRO C 396 -15.27 37.78 21.58
C PRO C 396 -14.75 36.42 21.16
N TYR C 397 -15.33 35.92 20.08
CA TYR C 397 -15.07 34.59 19.55
C TYR C 397 -15.18 34.70 18.05
N ILE C 398 -14.04 34.81 17.37
CA ILE C 398 -14.01 35.11 15.95
C ILE C 398 -13.28 33.99 15.24
N THR C 399 -13.97 33.31 14.34
CA THR C 399 -13.38 32.23 13.57
C THR C 399 -13.20 32.67 12.13
N VAL C 400 -12.00 32.48 11.61
CA VAL C 400 -11.69 32.78 10.22
C VAL C 400 -11.62 31.46 9.48
N TYR C 401 -12.53 31.29 8.51
CA TYR C 401 -12.60 30.09 7.69
C TYR C 401 -12.06 30.40 6.31
N THR C 402 -11.17 29.52 5.85
CA THR C 402 -10.42 29.68 4.62
C THR C 402 -10.58 28.40 3.82
N ASN C 403 -10.36 28.53 2.51
CA ASN C 403 -10.34 27.34 1.66
C ASN C 403 -8.91 26.83 1.63
N PRO C 404 -8.61 25.69 2.26
CA PRO C 404 -7.24 25.20 2.27
C PRO C 404 -6.83 24.53 0.97
N GLY C 405 -7.72 24.53 -0.03
CA GLY C 405 -7.40 24.06 -1.35
C GLY C 405 -7.40 25.19 -2.36
N ALA C 406 -7.12 26.40 -1.89
CA ALA C 406 -7.04 27.54 -2.78
C ALA C 406 -5.96 27.38 -3.82
N SER C 407 -4.86 26.73 -3.47
CA SER C 407 -3.84 26.31 -4.41
C SER C 407 -4.45 25.72 -5.68
N ILE C 408 -5.54 24.96 -5.52
CA ILE C 408 -6.13 24.26 -6.64
C ILE C 408 -6.88 25.21 -7.55
N LEU C 409 -7.40 26.30 -7.00
CA LEU C 409 -8.18 27.25 -7.77
C LEU C 409 -7.36 28.42 -8.31
N GLU C 410 -6.15 28.63 -7.81
CA GLU C 410 -5.26 29.65 -8.33
C GLU C 410 -4.36 29.10 -9.43
N SER D 1 4.61 -23.80 -15.80
CA SER D 1 3.58 -22.73 -15.81
C SER D 1 3.00 -22.53 -14.41
N PRO D 2 3.20 -21.37 -13.81
CA PRO D 2 2.60 -21.13 -12.49
C PRO D 2 1.09 -21.02 -12.58
N SER D 3 0.48 -21.22 -11.44
CA SER D 3 -0.97 -21.11 -11.33
C SER D 3 -1.35 -19.67 -11.00
N PRO D 4 -2.57 -19.28 -11.32
CA PRO D 4 -2.97 -17.88 -11.07
C PRO D 4 -2.75 -17.43 -9.64
N TRP D 5 -3.00 -18.28 -8.65
CA TRP D 5 -2.87 -17.86 -7.26
C TRP D 5 -1.40 -17.71 -6.86
N ASP D 6 -0.54 -18.62 -7.32
CA ASP D 6 0.89 -18.46 -7.06
C ASP D 6 1.42 -17.17 -7.66
N PHE D 7 1.23 -16.99 -8.96
CA PHE D 7 1.72 -15.80 -9.64
C PHE D 7 1.15 -14.52 -9.03
N LEU D 8 -0.15 -14.55 -8.70
CA LEU D 8 -0.78 -13.35 -8.16
C LEU D 8 -0.24 -13.03 -6.77
N GLY D 9 -0.11 -14.03 -5.90
CA GLY D 9 0.53 -13.80 -4.63
C GLY D 9 1.93 -13.27 -4.77
N ARG D 10 2.61 -13.64 -5.85
CA ARG D 10 3.92 -13.10 -6.13
C ARG D 10 3.84 -11.62 -6.51
N VAL D 11 2.87 -11.25 -7.35
CA VAL D 11 2.81 -9.89 -7.85
C VAL D 11 1.91 -8.98 -7.01
N LEU D 12 0.84 -9.51 -6.44
CA LEU D 12 -0.17 -8.66 -5.82
C LEU D 12 0.40 -7.90 -4.64
N GLN D 13 0.00 -6.65 -4.52
CA GLN D 13 0.34 -5.81 -3.38
C GLN D 13 -0.86 -5.78 -2.45
N PHE D 14 -0.63 -6.14 -1.19
CA PHE D 14 -1.70 -6.26 -0.22
C PHE D 14 -1.68 -5.11 0.76
N GLN D 15 -2.87 -4.59 1.07
CA GLN D 15 -3.00 -3.46 1.96
C GLN D 15 -2.72 -3.80 3.41
N HIS D 16 -2.86 -5.07 3.78
CA HIS D 16 -2.66 -5.48 5.17
C HIS D 16 -2.13 -6.92 5.17
N GLY D 17 -1.29 -7.22 6.16
CA GLY D 17 -0.72 -8.55 6.26
C GLY D 17 -1.77 -9.63 6.41
N ASP D 18 -2.87 -9.31 7.11
CA ASP D 18 -3.96 -10.27 7.26
C ASP D 18 -4.56 -10.63 5.92
N HIS D 19 -4.60 -9.68 4.99
CA HIS D 19 -5.07 -10.01 3.65
C HIS D 19 -4.14 -10.98 2.96
N LYS D 20 -2.83 -10.80 3.16
CA LYS D 20 -1.84 -11.70 2.59
C LYS D 20 -1.96 -13.10 3.18
N ARG D 21 -2.19 -13.19 4.49
CA ARG D 21 -2.31 -14.49 5.14
C ARG D 21 -3.60 -15.21 4.72
N TRP D 22 -4.71 -14.48 4.70
CA TRP D 22 -5.94 -15.05 4.16
C TRP D 22 -5.75 -15.52 2.74
N TRP D 23 -5.03 -14.74 1.92
CA TRP D 23 -4.72 -15.15 0.57
C TRP D 23 -3.96 -16.46 0.55
N ASP D 24 -2.88 -16.53 1.31
CA ASP D 24 -2.06 -17.74 1.34
C ASP D 24 -2.87 -18.96 1.73
N VAL D 25 -3.88 -18.77 2.57
CA VAL D 25 -4.73 -19.90 2.97
C VAL D 25 -5.75 -20.24 1.89
N LEU D 26 -6.43 -19.23 1.35
CA LEU D 26 -7.66 -19.43 0.58
C LEU D 26 -7.45 -19.47 -0.92
N ALA D 27 -6.57 -18.65 -1.46
CA ALA D 27 -6.39 -18.63 -2.91
C ALA D 27 -6.03 -19.99 -3.48
N PRO D 28 -5.15 -20.78 -2.89
CA PRO D 28 -4.96 -22.14 -3.41
C PRO D 28 -6.23 -22.96 -3.39
N VAL D 29 -7.01 -22.91 -2.31
CA VAL D 29 -8.25 -23.68 -2.23
C VAL D 29 -9.21 -23.25 -3.33
N PHE D 30 -9.51 -21.95 -3.39
CA PHE D 30 -10.48 -21.47 -4.36
C PHE D 30 -10.02 -21.72 -5.78
N GLY D 31 -8.75 -21.46 -6.06
CA GLY D 31 -8.21 -21.70 -7.38
C GLY D 31 -8.22 -23.15 -7.78
N ILE D 32 -7.81 -24.04 -6.86
CA ILE D 32 -7.83 -25.46 -7.14
C ILE D 32 -9.25 -25.94 -7.42
N SER D 33 -10.22 -25.43 -6.66
CA SER D 33 -11.61 -25.81 -6.91
C SER D 33 -12.09 -25.34 -8.27
N MET D 34 -11.90 -24.04 -8.56
CA MET D 34 -12.29 -23.50 -9.85
C MET D 34 -11.61 -24.23 -11.00
N ALA D 35 -10.34 -24.58 -10.84
CA ALA D 35 -9.61 -25.29 -11.87
C ALA D 35 -10.14 -26.70 -12.05
N SER D 36 -10.34 -27.41 -10.95
CA SER D 36 -10.83 -28.79 -11.01
C SER D 36 -12.21 -28.86 -11.66
N ILE D 37 -13.07 -27.88 -11.40
CA ILE D 37 -14.38 -27.89 -12.03
C ILE D 37 -14.34 -27.33 -13.45
N GLY D 38 -13.24 -26.73 -13.85
CA GLY D 38 -13.01 -26.38 -15.24
C GLY D 38 -13.12 -24.92 -15.60
N TYR D 39 -12.92 -24.02 -14.64
CA TYR D 39 -12.96 -22.60 -14.95
C TYR D 39 -11.73 -22.21 -15.76
N LYS D 40 -11.94 -21.39 -16.77
CA LYS D 40 -10.85 -20.91 -17.59
C LYS D 40 -9.94 -19.99 -16.79
N LEU D 41 -8.69 -19.91 -17.22
CA LEU D 41 -7.67 -19.16 -16.47
C LEU D 41 -8.02 -17.68 -16.39
N ASP D 42 -8.57 -17.11 -17.48
CA ASP D 42 -9.14 -15.77 -17.41
C ASP D 42 -10.06 -15.64 -16.21
N VAL D 43 -10.95 -16.62 -16.03
CA VAL D 43 -11.97 -16.58 -15.00
C VAL D 43 -11.34 -16.77 -13.62
N GLN D 44 -10.36 -17.67 -13.52
CA GLN D 44 -9.65 -17.83 -12.26
C GLN D 44 -8.99 -16.54 -11.83
N TYR D 45 -8.31 -15.86 -12.76
CA TYR D 45 -7.68 -14.59 -12.44
C TYR D 45 -8.72 -13.57 -11.97
N ARG D 46 -9.84 -13.46 -12.71
CA ARG D 46 -10.85 -12.48 -12.34
C ARG D 46 -11.44 -12.77 -10.96
N HIS D 47 -11.74 -14.03 -10.68
CA HIS D 47 -12.35 -14.38 -9.40
C HIS D 47 -11.37 -14.25 -8.25
N LEU D 48 -10.12 -14.64 -8.45
CA LEU D 48 -9.12 -14.47 -7.42
C LEU D 48 -8.83 -12.99 -7.16
N LEU D 49 -8.97 -12.15 -8.17
CA LEU D 49 -8.80 -10.71 -7.95
C LEU D 49 -10.02 -10.09 -7.27
N VAL D 50 -11.20 -10.65 -7.51
CA VAL D 50 -12.36 -10.28 -6.70
C VAL D 50 -12.11 -10.64 -5.25
N LEU D 51 -11.68 -11.88 -5.00
CA LEU D 51 -11.34 -12.31 -3.65
C LEU D 51 -10.31 -11.39 -3.01
N TYR D 52 -9.31 -10.95 -3.80
CA TYR D 52 -8.26 -10.09 -3.29
C TYR D 52 -8.77 -8.68 -3.00
N ASP D 53 -9.69 -8.18 -3.83
CA ASP D 53 -10.10 -6.79 -3.76
C ASP D 53 -11.31 -6.57 -2.85
N ALA D 54 -12.34 -7.40 -3.00
CA ALA D 54 -13.61 -7.16 -2.34
C ALA D 54 -13.83 -8.01 -1.10
N VAL D 55 -13.36 -9.25 -1.10
CA VAL D 55 -13.71 -10.19 -0.06
C VAL D 55 -12.71 -10.14 1.08
N ILE D 56 -11.44 -10.44 0.78
CA ILE D 56 -10.46 -10.60 1.85
C ILE D 56 -10.34 -9.34 2.70
N PRO D 57 -10.41 -8.14 2.16
CA PRO D 57 -10.38 -6.94 3.03
C PRO D 57 -11.58 -6.83 3.94
N ASN D 58 -12.66 -7.56 3.67
CA ASN D 58 -13.84 -7.59 4.50
C ASN D 58 -14.03 -8.94 5.19
N MET D 59 -12.97 -9.71 5.32
CA MET D 59 -13.01 -11.01 5.99
C MET D 59 -12.66 -10.89 7.46
N GLY D 60 -11.91 -9.86 7.83
CA GLY D 60 -11.53 -9.62 9.19
C GLY D 60 -10.14 -10.09 9.54
N PRO D 61 -9.80 -9.98 10.83
CA PRO D 61 -8.47 -10.37 11.29
C PRO D 61 -8.18 -11.83 10.99
N PHE D 62 -6.92 -12.09 10.69
CA PHE D 62 -6.47 -13.46 10.50
C PHE D 62 -6.07 -14.04 11.85
N PRO D 63 -6.55 -15.23 12.21
CA PRO D 63 -6.33 -15.73 13.57
C PRO D 63 -4.87 -16.05 13.83
N ASN D 64 -4.38 -15.56 14.97
CA ASN D 64 -3.06 -15.91 15.45
C ASN D 64 -3.13 -17.23 16.21
N SER D 65 -2.06 -17.58 16.91
CA SER D 65 -2.01 -18.84 17.64
C SER D 65 -3.15 -18.96 18.62
N ASN D 66 -3.30 -17.96 19.49
CA ASN D 66 -4.31 -17.98 20.54
C ASN D 66 -5.61 -17.29 20.13
N ALA D 67 -5.71 -16.81 18.90
CA ALA D 67 -6.90 -16.10 18.43
C ALA D 67 -7.21 -14.90 19.32
N SER D 68 -6.16 -14.30 19.88
CA SER D 68 -6.30 -13.09 20.68
C SER D 68 -6.84 -11.91 19.87
N ASN D 69 -6.83 -11.99 18.54
CA ASN D 69 -7.17 -10.89 17.68
C ASN D 69 -8.59 -10.99 17.10
N ILE D 70 -9.26 -12.13 17.27
CA ILE D 70 -10.63 -12.27 16.80
C ILE D 70 -11.55 -11.68 17.85
N THR D 71 -11.81 -10.38 17.73
CA THR D 71 -12.66 -9.66 18.66
C THR D 71 -14.14 -9.80 18.33
N TRP D 72 -14.46 -10.30 17.14
CA TRP D 72 -15.83 -10.53 16.70
C TRP D 72 -16.19 -11.98 16.96
N THR D 73 -17.01 -12.22 17.97
CA THR D 73 -17.30 -13.58 18.40
C THR D 73 -18.21 -14.28 17.41
N SER D 74 -17.99 -15.60 17.25
CA SER D 74 -18.75 -16.40 16.31
C SER D 74 -18.57 -17.87 16.65
N PRO D 75 -19.60 -18.70 16.51
CA PRO D 75 -19.39 -20.14 16.65
C PRO D 75 -18.58 -20.73 15.51
N PHE D 76 -18.48 -20.03 14.40
CA PHE D 76 -17.76 -20.50 13.23
C PHE D 76 -16.31 -20.02 13.28
N PRO D 77 -15.36 -20.86 12.88
CA PRO D 77 -13.97 -20.41 12.90
C PRO D 77 -13.78 -19.21 12.00
N PRO D 78 -12.85 -18.32 12.33
CA PRO D 78 -12.64 -17.13 11.51
C PRO D 78 -12.43 -17.49 10.05
N GLY D 79 -12.95 -16.64 9.18
CA GLY D 79 -12.82 -16.82 7.76
C GLY D 79 -14.14 -17.15 7.12
N PRO D 80 -14.11 -17.61 5.88
CA PRO D 80 -15.34 -18.02 5.21
C PRO D 80 -16.08 -19.06 6.00
N LEU D 81 -17.40 -18.89 6.07
CA LEU D 81 -18.24 -19.91 6.66
C LEU D 81 -18.18 -21.20 5.86
N GLU D 82 -17.90 -21.09 4.57
CA GLU D 82 -17.78 -22.24 3.71
C GLU D 82 -17.28 -21.80 2.35
N ALA D 83 -16.58 -22.71 1.69
CA ALA D 83 -16.43 -22.70 0.25
C ALA D 83 -17.12 -23.94 -0.26
N SER D 84 -17.89 -23.78 -1.33
CA SER D 84 -18.77 -24.84 -1.75
C SER D 84 -18.60 -25.09 -3.24
N VAL D 85 -18.80 -26.34 -3.63
CA VAL D 85 -18.96 -26.70 -5.02
C VAL D 85 -20.31 -27.37 -5.16
N ASN D 86 -21.15 -26.83 -6.03
CA ASN D 86 -22.43 -27.44 -6.34
C ASN D 86 -22.32 -28.27 -7.61
N TYR D 87 -22.83 -29.49 -7.55
CA TYR D 87 -22.83 -30.44 -8.63
C TYR D 87 -24.27 -30.71 -9.04
N GLN D 88 -24.51 -30.64 -10.34
CA GLN D 88 -25.78 -31.01 -10.93
C GLN D 88 -25.53 -31.97 -12.08
N ALA D 89 -26.58 -32.31 -12.83
CA ALA D 89 -26.40 -33.19 -13.96
C ALA D 89 -25.77 -32.44 -15.13
N GLY D 90 -25.36 -33.21 -16.13
CA GLY D 90 -24.68 -32.63 -17.27
C GLY D 90 -23.28 -32.14 -16.95
N GLU D 91 -22.64 -32.72 -15.95
CA GLU D 91 -21.31 -32.31 -15.51
C GLU D 91 -21.28 -30.83 -15.19
N SER D 92 -22.39 -30.30 -14.70
CA SER D 92 -22.48 -28.91 -14.28
C SER D 92 -21.90 -28.78 -12.87
N SER D 93 -21.02 -27.80 -12.69
CA SER D 93 -20.35 -27.58 -11.42
C SER D 93 -20.13 -26.09 -11.26
N MET D 94 -20.56 -25.53 -10.13
CA MET D 94 -20.34 -24.12 -9.86
C MET D 94 -19.63 -23.96 -8.52
N PHE D 95 -18.71 -23.00 -8.48
CA PHE D 95 -18.00 -22.65 -7.28
C PHE D 95 -18.70 -21.49 -6.57
N ARG D 96 -18.81 -21.60 -5.26
CA ARG D 96 -19.44 -20.59 -4.43
C ARG D 96 -18.63 -20.43 -3.18
N PHE D 97 -18.80 -19.30 -2.51
CA PHE D 97 -18.25 -19.20 -1.17
C PHE D 97 -19.01 -18.17 -0.36
N THR D 98 -19.08 -18.43 0.94
CA THR D 98 -19.86 -17.62 1.87
C THR D 98 -18.91 -16.99 2.88
N ILE D 99 -19.15 -15.73 3.18
CA ILE D 99 -18.36 -14.95 4.11
C ILE D 99 -19.33 -14.16 4.97
N GLU D 100 -19.08 -14.15 6.27
CA GLU D 100 -19.75 -13.17 7.11
C GLU D 100 -18.84 -11.95 7.11
N PRO D 101 -19.19 -10.89 6.39
CA PRO D 101 -18.27 -9.75 6.33
C PRO D 101 -18.00 -9.15 7.68
N VAL D 102 -16.75 -9.26 8.10
CA VAL D 102 -16.28 -8.80 9.39
C VAL D 102 -15.26 -7.71 9.14
N GLY D 103 -15.45 -6.58 9.78
CA GLY D 103 -14.47 -5.54 9.73
C GLY D 103 -13.27 -5.86 10.59
N PRO D 104 -12.21 -5.07 10.41
CA PRO D 104 -10.99 -5.30 11.17
C PRO D 104 -11.04 -4.85 12.61
N HIS D 105 -12.02 -4.04 12.97
CA HIS D 105 -12.20 -3.54 14.33
C HIS D 105 -13.60 -3.87 14.85
N ALA D 106 -14.18 -4.93 14.32
CA ALA D 106 -15.49 -5.38 14.73
C ALA D 106 -15.41 -6.15 16.04
N GLY D 107 -16.34 -5.86 16.94
CA GLY D 107 -16.28 -6.36 18.30
C GLY D 107 -15.54 -5.46 19.24
N THR D 108 -14.92 -4.41 18.73
CA THR D 108 -14.29 -3.38 19.52
C THR D 108 -15.22 -2.21 19.72
N PRO D 109 -14.93 -1.31 20.67
CA PRO D 109 -15.84 -0.19 20.93
C PRO D 109 -16.13 0.67 19.73
N ALA D 110 -15.34 0.58 18.65
CA ALA D 110 -15.57 1.42 17.48
C ALA D 110 -16.54 0.78 16.49
N ASP D 111 -16.54 -0.54 16.38
CA ASP D 111 -17.48 -1.25 15.51
C ASP D 111 -18.05 -2.43 16.27
N PRO D 112 -18.87 -2.17 17.29
CA PRO D 112 -19.40 -3.26 18.11
C PRO D 112 -20.45 -4.11 17.44
N VAL D 113 -20.94 -3.72 16.26
CA VAL D 113 -22.01 -4.43 15.56
C VAL D 113 -21.62 -4.81 14.15
N ASN D 114 -20.42 -4.46 13.71
CA ASN D 114 -19.91 -4.87 12.40
C ASN D 114 -20.86 -4.41 11.29
N GLU D 115 -21.03 -3.09 11.18
CA GLU D 115 -22.09 -2.54 10.36
C GLU D 115 -21.67 -2.23 8.93
N LEU D 116 -20.39 -1.93 8.70
CA LEU D 116 -19.94 -1.42 7.42
C LEU D 116 -19.43 -2.48 6.45
N ALA D 117 -18.94 -3.61 6.95
CA ALA D 117 -18.16 -4.51 6.11
C ALA D 117 -19.00 -5.09 4.98
N ALA D 118 -20.23 -5.51 5.28
CA ALA D 118 -21.10 -6.00 4.22
C ALA D 118 -21.38 -4.91 3.18
N LYS D 119 -21.60 -3.69 3.64
CA LYS D 119 -21.83 -2.58 2.71
C LYS D 119 -20.59 -2.26 1.90
N GLN D 120 -19.42 -2.26 2.52
CA GLN D 120 -18.18 -2.08 1.78
C GLN D 120 -18.00 -3.15 0.71
N LEU D 121 -18.24 -4.41 1.07
CA LEU D 121 -18.14 -5.49 0.10
C LEU D 121 -19.13 -5.29 -1.04
N MET D 122 -20.37 -4.96 -0.72
CA MET D 122 -21.37 -4.66 -1.75
C MET D 122 -20.86 -3.56 -2.69
N GLN D 123 -20.38 -2.45 -2.13
CA GLN D 123 -19.93 -1.33 -2.94
C GLN D 123 -18.76 -1.73 -3.83
N ARG D 124 -17.76 -2.38 -3.27
CA ARG D 124 -16.58 -2.77 -4.04
C ARG D 124 -16.96 -3.73 -5.15
N LEU D 125 -17.82 -4.70 -4.85
CA LEU D 125 -18.25 -5.66 -5.85
C LEU D 125 -19.06 -4.98 -6.96
N GLY D 126 -19.93 -4.04 -6.59
CA GLY D 126 -20.67 -3.31 -7.59
C GLY D 126 -19.78 -2.47 -8.48
N GLN D 127 -18.73 -1.87 -7.93
CA GLN D 127 -17.74 -1.18 -8.75
C GLN D 127 -17.05 -2.14 -9.70
N LEU D 128 -16.66 -3.32 -9.22
CA LEU D 128 -15.97 -4.27 -10.09
C LEU D 128 -16.88 -4.79 -11.19
N GLN D 129 -18.20 -4.80 -10.96
CA GLN D 129 -19.17 -5.21 -11.98
C GLN D 129 -20.41 -4.33 -11.87
N PRO D 130 -20.35 -3.13 -12.46
CA PRO D 130 -21.55 -2.30 -12.49
C PRO D 130 -22.69 -3.01 -13.21
N GLY D 131 -23.84 -3.08 -12.53
CA GLY D 131 -24.98 -3.80 -13.04
C GLY D 131 -25.11 -5.23 -12.57
N GLY D 132 -24.14 -5.71 -11.80
CA GLY D 132 -24.18 -7.06 -11.28
C GLY D 132 -24.79 -7.17 -9.90
N VAL D 133 -25.00 -6.05 -9.23
CA VAL D 133 -25.56 -6.01 -7.89
C VAL D 133 -26.76 -5.08 -7.93
N ASP D 134 -27.96 -5.66 -7.80
CA ASP D 134 -29.19 -4.90 -7.64
C ASP D 134 -29.53 -4.85 -6.16
N SER D 135 -29.73 -3.63 -5.63
CA SER D 135 -29.93 -3.41 -4.22
C SER D 135 -31.40 -3.26 -3.85
N THR D 136 -32.32 -3.53 -4.78
CA THR D 136 -33.74 -3.39 -4.49
C THR D 136 -34.17 -4.27 -3.32
N MET D 137 -33.94 -5.57 -3.44
CA MET D 137 -34.28 -6.49 -2.37
C MET D 137 -33.51 -6.16 -1.10
N PHE D 138 -32.23 -5.84 -1.24
CA PHE D 138 -31.43 -5.45 -0.10
C PHE D 138 -31.99 -4.20 0.56
N ASP D 139 -32.38 -3.22 -0.25
CA ASP D 139 -32.88 -1.96 0.31
C ASP D 139 -34.21 -2.15 1.00
N HIS D 140 -35.04 -3.09 0.54
CA HIS D 140 -36.29 -3.35 1.21
C HIS D 140 -36.11 -4.16 2.50
N PHE D 141 -35.26 -5.18 2.46
CA PHE D 141 -35.14 -6.10 3.58
C PHE D 141 -34.15 -5.64 4.65
N TYR D 142 -33.28 -4.69 4.37
CA TYR D 142 -32.27 -4.28 5.32
C TYR D 142 -32.88 -3.55 6.53
N PRO D 143 -33.78 -2.59 6.32
CA PRO D 143 -34.37 -1.91 7.49
C PRO D 143 -35.18 -2.84 8.36
N LEU D 144 -35.86 -3.81 7.75
CA LEU D 144 -36.74 -4.70 8.49
C LEU D 144 -35.95 -5.76 9.24
N LEU D 145 -35.16 -6.56 8.51
CA LEU D 145 -34.48 -7.70 9.11
C LEU D 145 -33.17 -7.29 9.78
N CYS D 146 -32.40 -6.43 9.15
CA CYS D 146 -31.10 -6.04 9.66
C CYS D 146 -31.22 -4.88 10.64
N VAL D 147 -30.21 -4.73 11.48
CA VAL D 147 -30.13 -3.68 12.46
C VAL D 147 -28.91 -2.82 12.13
N ASP D 148 -29.13 -1.51 12.02
CA ASP D 148 -28.05 -0.58 11.79
C ASP D 148 -27.25 -0.36 13.07
N GLY D 149 -26.15 0.36 12.93
CA GLY D 149 -25.29 0.67 14.05
C GLY D 149 -25.99 1.48 15.12
N PRO D 150 -26.63 2.57 14.73
CA PRO D 150 -27.34 3.38 15.74
C PRO D 150 -28.36 2.59 16.54
N GLU D 151 -29.24 1.84 15.88
CA GLU D 151 -30.26 1.08 16.59
C GLU D 151 -29.62 0.05 17.53
N ALA D 152 -28.62 -0.67 17.03
CA ALA D 152 -27.93 -1.66 17.85
C ALA D 152 -27.24 -1.02 19.04
N ARG D 153 -26.81 0.23 18.91
CA ARG D 153 -26.07 0.87 19.99
C ARG D 153 -27.01 1.51 21.02
N ARG D 154 -28.17 2.00 20.60
CA ARG D 154 -29.16 2.45 21.56
C ARG D 154 -29.74 1.27 22.32
N GLN D 155 -30.02 0.18 21.61
CA GLN D 155 -30.65 -1.01 22.14
C GLN D 155 -29.63 -2.08 22.51
N TRP D 156 -28.45 -1.67 22.97
CA TRP D 156 -27.38 -2.63 23.24
C TRP D 156 -27.76 -3.56 24.38
N ASP D 157 -28.32 -3.02 25.46
CA ASP D 157 -28.70 -3.84 26.60
C ASP D 157 -29.60 -4.99 26.19
N SER D 158 -30.31 -4.85 25.06
CA SER D 158 -31.23 -5.89 24.64
C SER D 158 -30.53 -7.03 23.92
N ILE D 159 -29.36 -6.78 23.35
CA ILE D 159 -28.69 -7.75 22.49
C ILE D 159 -27.29 -8.13 22.95
N ALA D 160 -26.77 -7.48 23.99
CA ALA D 160 -25.41 -7.78 24.43
C ALA D 160 -25.26 -9.23 24.86
N HIS D 161 -26.35 -9.87 25.28
CA HIS D 161 -26.28 -11.28 25.66
C HIS D 161 -26.05 -12.19 24.47
N ILE D 162 -26.28 -11.71 23.25
CA ILE D 162 -26.12 -12.54 22.07
C ILE D 162 -24.63 -12.73 21.80
N TYR D 163 -24.23 -13.99 21.59
CA TYR D 163 -22.84 -14.30 21.34
C TYR D 163 -22.43 -13.90 19.93
N HIS D 164 -23.19 -14.34 18.94
CA HIS D 164 -22.93 -14.01 17.54
C HIS D 164 -23.89 -12.91 17.13
N LYS D 165 -23.40 -11.68 17.11
CA LYS D 165 -24.21 -10.54 16.72
C LYS D 165 -24.18 -10.32 15.22
N CYS D 166 -24.48 -11.38 14.49
CA CYS D 166 -24.47 -11.32 13.04
C CYS D 166 -25.79 -10.79 12.52
N HIS D 167 -25.71 -10.01 11.45
CA HIS D 167 -26.87 -9.40 10.83
C HIS D 167 -26.87 -9.50 9.32
N THR D 168 -25.72 -9.70 8.69
CA THR D 168 -25.62 -9.83 7.23
C THR D 168 -24.51 -10.80 6.90
N VAL D 169 -24.84 -11.78 6.07
CA VAL D 169 -23.88 -12.72 5.51
C VAL D 169 -23.96 -12.57 4.00
N THR D 170 -22.83 -12.70 3.33
CA THR D 170 -22.75 -12.48 1.90
C THR D 170 -22.08 -13.67 1.26
N ALA D 171 -22.73 -14.22 0.24
CA ALA D 171 -22.17 -15.31 -0.54
C ALA D 171 -21.98 -14.84 -1.97
N LEU D 172 -20.94 -15.37 -2.61
CA LEU D 172 -20.67 -15.10 -4.01
C LEU D 172 -20.72 -16.43 -4.75
N ASP D 173 -21.64 -16.50 -5.72
CA ASP D 173 -21.61 -17.53 -6.73
C ASP D 173 -20.66 -17.07 -7.82
N MET D 174 -19.47 -17.64 -7.83
CA MET D 174 -18.44 -17.30 -8.82
C MET D 174 -18.72 -18.13 -10.05
N GLN D 175 -19.40 -17.52 -11.02
CA GLN D 175 -19.86 -18.23 -12.19
C GLN D 175 -18.72 -18.51 -13.16
N ARG D 176 -18.93 -19.53 -13.98
CA ARG D 176 -18.02 -19.84 -15.07
C ARG D 176 -17.90 -18.68 -16.06
N SER D 177 -18.78 -17.69 -15.99
CA SER D 177 -18.72 -16.51 -16.85
C SER D 177 -17.78 -15.43 -16.33
N ALA D 178 -17.12 -15.65 -15.21
CA ALA D 178 -16.38 -14.63 -14.47
C ALA D 178 -17.30 -13.58 -13.87
N ALA D 179 -18.59 -13.85 -13.89
CA ALA D 179 -19.58 -13.04 -13.20
C ALA D 179 -19.80 -13.59 -11.79
N CYS D 180 -19.92 -12.70 -10.83
CA CYS D 180 -20.15 -13.08 -9.43
C CYS D 180 -21.54 -12.63 -9.04
N THR D 181 -22.43 -13.58 -8.82
CA THR D 181 -23.74 -13.30 -8.27
C THR D 181 -23.63 -13.16 -6.76
N LEU D 182 -24.09 -12.04 -6.23
CA LEU D 182 -24.09 -11.81 -4.80
C LEU D 182 -25.42 -12.25 -4.21
N LYS D 183 -25.35 -12.96 -3.09
CA LYS D 183 -26.51 -13.40 -2.34
C LYS D 183 -26.37 -12.90 -0.92
N THR D 184 -27.45 -12.35 -0.39
CA THR D 184 -27.44 -11.76 0.93
C THR D 184 -28.34 -12.58 1.85
N TYR D 185 -27.81 -12.91 3.02
CA TYR D 185 -28.53 -13.58 4.09
C TYR D 185 -28.67 -12.63 5.26
N PHE D 186 -29.86 -12.55 5.81
CA PHE D 186 -30.16 -11.74 6.98
C PHE D 186 -30.64 -12.66 8.09
N PRO D 187 -29.86 -12.86 9.15
CA PRO D 187 -30.42 -13.41 10.37
C PRO D 187 -31.04 -12.33 11.23
N PRO D 188 -32.36 -12.33 11.40
CA PRO D 188 -33.02 -11.22 12.10
C PRO D 188 -33.03 -11.33 13.62
N LEU D 189 -32.14 -12.16 14.18
CA LEU D 189 -32.12 -12.34 15.62
C LEU D 189 -32.04 -11.02 16.37
N LEU D 190 -31.21 -10.09 15.90
CA LEU D 190 -31.10 -8.80 16.58
C LEU D 190 -32.40 -8.00 16.44
N ARG D 191 -32.97 -7.98 15.23
CA ARG D 191 -34.25 -7.32 15.01
C ARG D 191 -35.31 -7.84 15.98
N SER D 192 -35.43 -9.16 16.09
CA SER D 192 -36.41 -9.75 16.98
C SER D 192 -36.11 -9.44 18.43
N THR D 193 -34.83 -9.54 18.83
CA THR D 193 -34.47 -9.33 20.22
C THR D 193 -34.71 -7.89 20.65
N ILE D 194 -34.57 -6.95 19.73
CA ILE D 194 -34.81 -5.55 20.05
C ILE D 194 -36.30 -5.22 20.03
N MET D 195 -37.01 -5.68 19.01
CA MET D 195 -38.44 -5.48 18.89
C MET D 195 -39.26 -6.52 19.65
N ASN D 196 -38.61 -7.51 20.25
CA ASN D 196 -39.28 -8.60 20.95
C ASN D 196 -40.46 -9.13 20.13
N THR D 197 -40.26 -9.17 18.82
CA THR D 197 -41.17 -9.78 17.87
C THR D 197 -40.60 -11.13 17.45
N SER D 198 -41.47 -11.99 16.93
CA SER D 198 -41.05 -13.32 16.54
C SER D 198 -40.36 -13.29 15.18
N MET D 199 -39.38 -14.19 15.03
CA MET D 199 -38.68 -14.34 13.75
C MET D 199 -39.66 -14.55 12.61
N VAL D 200 -40.54 -15.53 12.76
CA VAL D 200 -41.53 -15.86 11.75
C VAL D 200 -42.25 -14.59 11.29
N ASP D 201 -42.73 -13.81 12.26
CA ASP D 201 -43.59 -12.68 11.92
C ASP D 201 -42.82 -11.60 11.17
N ILE D 202 -41.66 -11.18 11.69
CA ILE D 202 -40.93 -10.12 11.00
C ILE D 202 -40.52 -10.57 9.61
N MET D 203 -40.01 -11.79 9.49
CA MET D 203 -39.55 -12.26 8.19
C MET D 203 -40.68 -12.30 7.17
N PHE D 204 -41.80 -12.93 7.52
CA PHE D 204 -42.87 -13.06 6.55
C PHE D 204 -43.63 -11.76 6.33
N ASP D 205 -43.62 -10.84 7.29
CA ASP D 205 -44.17 -9.52 7.05
C ASP D 205 -43.31 -8.75 6.07
N ALA D 206 -41.99 -8.83 6.20
CA ALA D 206 -41.10 -8.25 5.19
C ALA D 206 -41.36 -8.86 3.82
N VAL D 207 -41.54 -10.18 3.76
CA VAL D 207 -41.80 -10.84 2.48
C VAL D 207 -43.11 -10.34 1.88
N GLU D 208 -44.16 -10.21 2.71
CA GLU D 208 -45.45 -9.75 2.20
C GLU D 208 -45.38 -8.31 1.75
N SER D 209 -44.62 -7.46 2.46
CA SER D 209 -44.49 -6.08 2.02
C SER D 209 -43.76 -5.99 0.69
N PHE D 210 -42.75 -6.84 0.49
CA PHE D 210 -42.09 -6.88 -0.80
C PHE D 210 -43.05 -7.32 -1.90
N ARG D 211 -43.83 -8.36 -1.63
CA ARG D 211 -44.92 -8.75 -2.52
C ARG D 211 -45.75 -7.55 -2.92
N LYS D 212 -46.33 -6.89 -1.93
CA LYS D 212 -47.19 -5.73 -2.19
C LYS D 212 -46.50 -4.72 -3.09
N GLN D 213 -45.37 -4.17 -2.62
CA GLN D 213 -44.74 -3.06 -3.32
C GLN D 213 -43.88 -3.50 -4.49
N SER D 214 -43.98 -4.75 -4.94
CA SER D 214 -43.27 -5.21 -6.12
C SER D 214 -44.15 -5.93 -7.14
N GLY D 215 -45.30 -6.47 -6.73
CA GLY D 215 -46.14 -7.20 -7.64
C GLY D 215 -45.60 -8.56 -8.01
N LEU D 216 -44.81 -9.16 -7.13
CA LEU D 216 -44.20 -10.46 -7.37
C LEU D 216 -44.76 -11.46 -6.39
N TYR D 217 -44.88 -12.71 -6.84
CA TYR D 217 -45.51 -13.76 -6.05
C TYR D 217 -44.45 -14.49 -5.25
N PHE D 218 -44.50 -14.37 -3.93
CA PHE D 218 -43.62 -15.08 -3.02
C PHE D 218 -44.51 -15.78 -1.99
N ASP D 219 -44.95 -17.00 -2.31
CA ASP D 219 -45.93 -17.69 -1.49
C ASP D 219 -45.25 -18.27 -0.25
N TYR D 220 -45.58 -17.71 0.91
CA TYR D 220 -45.04 -18.14 2.19
C TYR D 220 -46.08 -18.78 3.09
N THR D 221 -47.31 -18.98 2.60
CA THR D 221 -48.37 -19.53 3.43
C THR D 221 -47.95 -20.85 4.06
N LYS D 222 -47.49 -21.80 3.24
CA LYS D 222 -47.13 -23.11 3.76
C LYS D 222 -45.97 -23.04 4.74
N ILE D 223 -44.98 -22.20 4.44
CA ILE D 223 -43.81 -22.08 5.30
C ILE D 223 -44.20 -21.48 6.64
N LYS D 224 -44.98 -20.41 6.61
CA LYS D 224 -45.47 -19.79 7.84
C LYS D 224 -46.28 -20.78 8.66
N GLU D 225 -47.23 -21.46 8.02
CA GLU D 225 -48.04 -22.46 8.71
C GLU D 225 -47.16 -23.48 9.43
N PHE D 226 -46.25 -24.11 8.68
CA PHE D 226 -45.39 -25.12 9.28
C PHE D 226 -44.57 -24.54 10.42
N MET D 227 -44.00 -23.35 10.22
CA MET D 227 -43.02 -22.82 11.18
C MET D 227 -43.66 -22.21 12.41
N SER D 228 -44.96 -21.93 12.38
CA SER D 228 -45.64 -21.42 13.56
C SER D 228 -46.21 -22.53 14.44
N GLU D 229 -46.33 -23.75 13.91
CA GLU D 229 -46.79 -24.87 14.71
C GLU D 229 -45.87 -25.08 15.91
N GLU D 230 -46.37 -25.86 16.88
CA GLU D 230 -45.59 -26.19 18.07
C GLU D 230 -44.77 -27.46 17.92
N LYS D 231 -45.31 -28.45 17.20
CA LYS D 231 -44.53 -29.66 16.94
C LYS D 231 -43.23 -29.33 16.24
N THR D 232 -43.27 -28.35 15.33
CA THR D 232 -42.05 -27.89 14.69
C THR D 232 -41.11 -27.25 15.71
N HIS D 233 -41.63 -26.34 16.53
CA HIS D 233 -40.79 -25.68 17.53
C HIS D 233 -40.18 -26.66 18.51
N GLU D 234 -40.76 -27.86 18.67
CA GLU D 234 -40.17 -28.84 19.55
C GLU D 234 -38.74 -29.17 19.12
N THR D 235 -38.52 -29.28 17.81
CA THR D 235 -37.20 -29.57 17.26
C THR D 235 -36.50 -28.34 16.69
N MET D 236 -37.26 -27.37 16.21
CA MET D 236 -36.69 -26.24 15.51
C MET D 236 -36.07 -25.24 16.48
N MET D 237 -34.91 -24.72 16.10
CA MET D 237 -34.29 -23.59 16.79
C MET D 237 -34.58 -22.35 15.95
N VAL D 238 -35.83 -21.90 16.00
CA VAL D 238 -36.29 -20.83 15.13
C VAL D 238 -35.46 -19.57 15.29
N ASP D 239 -34.79 -19.40 16.43
CA ASP D 239 -33.89 -18.27 16.62
C ASP D 239 -32.65 -18.38 15.77
N ARG D 240 -32.45 -19.50 15.08
CA ARG D 240 -31.32 -19.70 14.19
C ARG D 240 -31.70 -19.57 12.72
N SER D 241 -32.87 -19.01 12.44
CA SER D 241 -33.38 -18.89 11.08
C SER D 241 -32.88 -17.61 10.43
N TYR D 242 -32.95 -17.58 9.10
CA TYR D 242 -32.50 -16.42 8.35
C TYR D 242 -33.20 -16.39 7.00
N LEU D 243 -33.11 -15.22 6.35
CA LEU D 243 -33.75 -14.97 5.06
C LEU D 243 -32.70 -14.64 4.02
N SER D 244 -32.75 -15.30 2.89
CA SER D 244 -31.77 -15.12 1.83
C SER D 244 -32.45 -14.64 0.55
N PHE D 245 -31.75 -13.78 -0.17
CA PHE D 245 -32.19 -13.36 -1.49
C PHE D 245 -30.98 -13.13 -2.38
N ASP D 246 -31.15 -13.43 -3.66
CA ASP D 246 -30.14 -13.10 -4.65
C ASP D 246 -30.27 -11.63 -5.02
N CYS D 247 -29.12 -10.95 -5.04
CA CYS D 247 -29.09 -9.50 -5.27
C CYS D 247 -29.13 -9.24 -6.78
N LEU D 248 -30.32 -9.41 -7.33
CA LEU D 248 -30.57 -9.26 -8.76
C LEU D 248 -31.92 -8.58 -8.93
N ASP D 249 -32.38 -8.52 -10.17
CA ASP D 249 -33.72 -8.04 -10.46
C ASP D 249 -34.74 -8.92 -9.75
N PRO D 250 -35.57 -8.37 -8.86
CA PRO D 250 -36.48 -9.19 -8.07
C PRO D 250 -37.30 -10.19 -8.88
N ALA D 251 -37.48 -9.91 -10.18
CA ALA D 251 -38.20 -10.83 -11.04
C ALA D 251 -37.33 -12.02 -11.46
N LYS D 252 -36.02 -11.90 -11.32
CA LYS D 252 -35.10 -12.99 -11.58
C LYS D 252 -34.46 -13.52 -10.32
N SER D 253 -34.83 -13.00 -9.16
CA SER D 253 -34.26 -13.38 -7.89
C SER D 253 -35.17 -14.42 -7.22
N ARG D 254 -34.84 -14.75 -5.98
CA ARG D 254 -35.56 -15.73 -5.19
C ARG D 254 -35.73 -15.17 -3.79
N ILE D 255 -36.56 -15.82 -3.00
CA ILE D 255 -36.52 -15.63 -1.55
C ILE D 255 -36.39 -17.01 -0.93
N LYS D 256 -35.59 -17.12 0.11
CA LYS D 256 -35.34 -18.39 0.74
C LYS D 256 -35.41 -18.22 2.24
N ILE D 257 -36.14 -19.12 2.90
CA ILE D 257 -36.30 -19.08 4.34
C ILE D 257 -35.54 -20.27 4.90
N TYR D 258 -34.53 -19.99 5.73
CA TYR D 258 -33.69 -20.98 6.36
C TYR D 258 -34.02 -21.12 7.83
N THR D 259 -33.99 -22.37 8.31
CA THR D 259 -34.08 -22.62 9.73
C THR D 259 -33.26 -23.85 10.10
N GLU D 260 -32.86 -23.91 11.37
CA GLU D 260 -32.10 -25.03 11.92
C GLU D 260 -33.02 -25.95 12.69
N ALA D 261 -32.75 -27.26 12.61
CA ALA D 261 -33.48 -28.27 13.35
C ALA D 261 -32.54 -29.39 13.74
N LYS D 262 -32.58 -29.76 15.01
CA LYS D 262 -31.83 -30.90 15.53
C LYS D 262 -32.82 -32.04 15.70
N VAL D 263 -32.79 -32.99 14.77
CA VAL D 263 -33.79 -34.05 14.69
C VAL D 263 -33.14 -35.38 15.04
N LYS D 264 -33.95 -36.42 15.07
CA LYS D 264 -33.49 -37.76 15.42
C LYS D 264 -33.88 -38.82 14.41
N THR D 265 -34.94 -38.61 13.64
CA THR D 265 -35.40 -39.57 12.66
C THR D 265 -35.52 -38.88 11.30
N LEU D 266 -35.78 -39.68 10.28
CA LEU D 266 -36.09 -39.15 8.97
C LEU D 266 -37.56 -38.76 8.83
N GLU D 267 -38.41 -39.16 9.79
CA GLU D 267 -39.75 -38.62 9.87
C GLU D 267 -39.73 -37.15 10.26
N GLU D 268 -38.95 -36.81 11.27
CA GLU D 268 -38.80 -35.42 11.67
C GLU D 268 -38.09 -34.60 10.59
N ALA D 269 -37.31 -35.27 9.75
CA ALA D 269 -36.66 -34.58 8.64
C ALA D 269 -37.63 -34.34 7.49
N TYR D 270 -38.44 -35.35 7.15
CA TYR D 270 -39.51 -35.15 6.19
C TYR D 270 -40.48 -34.07 6.65
N SER D 271 -40.65 -33.93 7.95
CA SER D 271 -41.49 -32.85 8.48
C SER D 271 -41.05 -31.50 7.94
N PHE D 272 -39.74 -31.22 7.96
CA PHE D 272 -39.23 -29.98 7.43
C PHE D 272 -39.15 -29.99 5.91
N TRP D 273 -38.81 -31.15 5.33
CA TRP D 273 -38.62 -31.25 3.90
C TRP D 273 -39.92 -31.03 3.12
N SER D 274 -41.05 -31.38 3.70
CA SER D 274 -42.34 -31.25 3.04
C SER D 274 -43.28 -30.28 3.74
N LEU D 275 -42.84 -29.60 4.79
CA LEU D 275 -43.66 -28.67 5.55
C LEU D 275 -44.92 -29.34 6.08
N GLY D 276 -44.86 -30.65 6.32
CA GLY D 276 -45.99 -31.39 6.84
C GLY D 276 -46.95 -31.81 5.76
N GLY D 277 -46.44 -32.44 4.71
CA GLY D 277 -47.27 -32.87 3.60
C GLY D 277 -47.79 -31.75 2.73
N ARG D 278 -47.56 -30.49 3.10
CA ARG D 278 -48.06 -29.38 2.30
C ARG D 278 -47.37 -29.35 0.95
N LEU D 279 -46.08 -29.67 0.90
CA LEU D 279 -45.33 -29.80 -0.34
C LEU D 279 -45.32 -31.26 -0.73
N SER D 280 -45.62 -31.54 -2.00
CA SER D 280 -45.70 -32.90 -2.48
C SER D 280 -45.30 -32.93 -3.96
N GLY D 281 -45.10 -34.14 -4.47
CA GLY D 281 -44.77 -34.32 -5.86
C GLY D 281 -43.61 -35.27 -6.04
N PRO D 282 -43.21 -35.50 -7.29
CA PRO D 282 -42.09 -36.42 -7.53
C PRO D 282 -40.75 -35.86 -7.10
N GLU D 283 -40.54 -34.55 -7.26
CA GLU D 283 -39.28 -33.94 -6.84
C GLU D 283 -39.06 -34.14 -5.34
N ILE D 284 -40.13 -34.01 -4.56
CA ILE D 284 -40.03 -34.15 -3.11
C ILE D 284 -39.56 -35.56 -2.76
N ASP D 285 -40.16 -36.57 -3.39
CA ASP D 285 -39.83 -37.96 -3.08
C ASP D 285 -38.41 -38.30 -3.52
N TYR D 286 -38.03 -37.90 -4.74
CA TYR D 286 -36.67 -38.11 -5.21
C TYR D 286 -35.65 -37.47 -4.27
N GLY D 287 -35.86 -36.20 -3.94
CA GLY D 287 -34.94 -35.51 -3.07
C GLY D 287 -34.85 -36.16 -1.71
N PHE D 288 -35.97 -36.67 -1.20
CA PHE D 288 -35.90 -37.28 0.12
C PHE D 288 -35.31 -38.68 0.07
N LYS D 289 -35.39 -39.36 -1.06
CA LYS D 289 -34.63 -40.61 -1.19
C LYS D 289 -33.15 -40.33 -1.15
N ILE D 290 -32.71 -39.28 -1.84
CA ILE D 290 -31.31 -38.86 -1.74
C ILE D 290 -30.96 -38.53 -0.30
N VAL D 291 -31.87 -37.84 0.40
CA VAL D 291 -31.63 -37.44 1.78
C VAL D 291 -31.46 -38.67 2.67
N SER D 292 -32.38 -39.63 2.55
CA SER D 292 -32.28 -40.84 3.35
C SER D 292 -31.01 -41.61 3.03
N GLN D 293 -30.65 -41.70 1.75
CA GLN D 293 -29.40 -42.34 1.36
C GLN D 293 -28.23 -41.72 2.11
N MET D 294 -28.07 -40.40 2.03
CA MET D 294 -26.94 -39.76 2.67
C MET D 294 -27.03 -39.80 4.20
N TRP D 295 -28.23 -39.73 4.75
CA TRP D 295 -28.44 -39.92 6.19
C TRP D 295 -27.88 -41.26 6.63
N ASP D 296 -28.40 -42.34 6.07
CA ASP D 296 -27.91 -43.66 6.42
C ASP D 296 -26.42 -43.80 6.17
N ALA D 297 -25.91 -43.14 5.14
CA ALA D 297 -24.50 -43.32 4.79
C ALA D 297 -23.55 -42.57 5.70
N ILE D 298 -23.98 -41.43 6.25
CA ILE D 298 -23.10 -40.55 7.01
C ILE D 298 -23.36 -40.64 8.51
N TYR D 299 -24.61 -40.49 8.93
CA TYR D 299 -24.93 -40.45 10.34
C TYR D 299 -25.04 -41.84 10.97
N SER D 300 -24.94 -42.90 10.17
CA SER D 300 -24.81 -44.24 10.73
C SER D 300 -23.41 -44.48 11.26
N LYS D 301 -22.41 -44.04 10.50
CA LYS D 301 -21.02 -44.23 10.90
C LYS D 301 -20.77 -43.56 12.26
N GLU D 302 -19.77 -44.06 12.96
CA GLU D 302 -19.47 -43.56 14.29
C GLU D 302 -18.69 -42.26 14.21
N LEU D 303 -18.69 -41.53 15.32
CA LEU D 303 -18.04 -40.25 15.45
C LEU D 303 -16.63 -40.42 15.98
N PRO D 304 -15.83 -39.36 15.98
CA PRO D 304 -14.53 -39.41 16.64
C PRO D 304 -14.68 -39.41 18.16
N GLY D 305 -13.60 -39.80 18.83
CA GLY D 305 -13.63 -39.87 20.27
C GLY D 305 -14.73 -40.75 20.83
N GLY D 306 -15.28 -41.64 20.01
CA GLY D 306 -16.35 -42.51 20.46
C GLY D 306 -17.56 -41.78 20.99
N LYS D 307 -17.69 -40.49 20.69
CA LYS D 307 -18.82 -39.72 21.16
C LYS D 307 -20.10 -40.19 20.48
N GLN D 308 -21.20 -40.18 21.22
CA GLN D 308 -22.49 -40.63 20.71
C GLN D 308 -23.20 -39.50 20.00
N ARG D 309 -23.98 -39.86 18.98
CA ARG D 309 -24.81 -38.89 18.27
C ARG D 309 -26.05 -38.62 19.09
N GLU D 310 -26.02 -37.56 19.90
CA GLU D 310 -27.20 -37.15 20.63
C GLU D 310 -28.38 -36.94 19.69
N ASN D 311 -28.18 -36.10 18.68
CA ASN D 311 -29.13 -35.93 17.60
C ASN D 311 -28.37 -35.48 16.37
N ASN D 312 -29.09 -35.35 15.26
CA ASN D 312 -28.51 -34.99 13.97
C ASN D 312 -28.91 -33.56 13.62
N HIS D 313 -27.91 -32.75 13.29
CA HIS D 313 -28.10 -31.33 13.05
C HIS D 313 -28.32 -31.09 11.56
N ILE D 314 -29.47 -30.53 11.22
CA ILE D 314 -29.81 -30.19 9.85
C ILE D 314 -30.22 -28.73 9.79
N GLN D 315 -29.98 -28.12 8.64
CA GLN D 315 -30.62 -26.88 8.28
C GLN D 315 -31.53 -27.15 7.09
N ILE D 316 -32.38 -26.19 6.79
CA ILE D 316 -33.36 -26.36 5.74
C ILE D 316 -33.70 -25.00 5.19
N ASN D 317 -33.75 -24.89 3.87
CA ASN D 317 -34.32 -23.72 3.25
C ASN D 317 -35.51 -24.12 2.41
N TRP D 318 -36.45 -23.21 2.33
CA TRP D 318 -37.55 -23.29 1.36
C TRP D 318 -37.44 -22.08 0.46
N GLU D 319 -37.36 -22.36 -0.84
CA GLU D 319 -37.14 -21.37 -1.88
C GLU D 319 -38.46 -21.04 -2.53
N MET D 320 -38.81 -19.76 -2.50
CA MET D 320 -40.00 -19.21 -3.13
C MET D 320 -39.58 -18.45 -4.38
N SER D 321 -40.31 -18.73 -5.47
CA SER D 321 -40.03 -18.18 -6.78
C SER D 321 -40.84 -16.92 -7.01
N ALA D 322 -40.18 -15.89 -7.56
CA ALA D 322 -40.86 -14.65 -7.89
C ALA D 322 -41.85 -14.80 -9.03
N LYS D 323 -41.82 -15.93 -9.73
CA LYS D 323 -42.72 -16.16 -10.85
C LYS D 323 -43.93 -16.99 -10.46
N ASP D 324 -43.75 -17.97 -9.59
CA ASP D 324 -44.77 -18.99 -9.33
C ASP D 324 -44.98 -19.12 -7.83
N SER D 325 -46.00 -19.89 -7.48
CA SER D 325 -46.24 -20.31 -6.10
C SER D 325 -45.62 -21.69 -5.93
N SER D 326 -44.29 -21.74 -5.90
CA SER D 326 -43.58 -23.02 -5.93
C SER D 326 -42.51 -22.97 -4.84
N VAL D 327 -42.83 -23.52 -3.70
CA VAL D 327 -41.88 -23.69 -2.61
C VAL D 327 -41.07 -24.95 -2.86
N ALA D 328 -39.75 -24.81 -2.84
CA ALA D 328 -38.88 -25.96 -3.06
C ALA D 328 -37.89 -26.11 -1.92
N PRO D 329 -37.74 -27.29 -1.34
CA PRO D 329 -36.83 -27.45 -0.21
C PRO D 329 -35.41 -27.79 -0.60
N LYS D 330 -34.49 -27.41 0.28
CA LYS D 330 -33.08 -27.78 0.21
C LYS D 330 -32.63 -28.13 1.61
N LEU D 331 -32.18 -29.36 1.79
CA LEU D 331 -31.86 -29.89 3.12
C LEU D 331 -30.36 -29.96 3.31
N TYR D 332 -29.88 -29.37 4.38
CA TYR D 332 -28.45 -29.32 4.71
C TYR D 332 -28.17 -30.26 5.87
N LEU D 333 -27.30 -31.23 5.63
CA LEU D 333 -26.78 -32.10 6.68
C LEU D 333 -25.49 -31.48 7.20
N THR D 334 -25.38 -31.32 8.52
CA THR D 334 -24.16 -30.81 9.13
C THR D 334 -23.22 -31.98 9.40
N VAL D 335 -21.99 -31.88 8.89
CA VAL D 335 -21.02 -32.95 8.98
C VAL D 335 -19.69 -32.40 9.49
N ILE D 336 -19.72 -31.25 10.15
CA ILE D 336 -18.47 -30.64 10.60
C ILE D 336 -17.76 -31.53 11.61
N GLU D 337 -18.51 -32.23 12.46
CA GLU D 337 -17.93 -33.05 13.51
C GLU D 337 -18.00 -34.54 13.18
N ASP D 338 -17.94 -34.86 11.89
CA ASP D 338 -17.84 -36.24 11.41
C ASP D 338 -16.45 -36.46 10.82
N TYR D 339 -16.19 -37.70 10.44
CA TYR D 339 -14.95 -38.03 9.74
C TYR D 339 -15.04 -37.59 8.29
N ASP D 340 -14.08 -36.77 7.86
CA ASP D 340 -14.04 -36.34 6.47
C ASP D 340 -13.99 -37.54 5.52
N ALA D 341 -13.37 -38.62 5.95
CA ALA D 341 -13.28 -39.82 5.10
C ALA D 341 -14.66 -40.41 4.85
N TYR D 342 -15.48 -40.53 5.89
CA TYR D 342 -16.81 -41.09 5.71
C TYR D 342 -17.69 -40.17 4.91
N VAL D 343 -17.56 -38.86 5.13
CA VAL D 343 -18.30 -37.88 4.33
C VAL D 343 -17.95 -38.02 2.87
N SER D 344 -16.65 -38.09 2.56
CA SER D 344 -16.22 -38.21 1.18
C SER D 344 -16.69 -39.52 0.56
N SER D 345 -16.64 -40.61 1.33
CA SER D 345 -17.13 -41.88 0.81
C SER D 345 -18.63 -41.81 0.51
N ALA D 346 -19.39 -41.14 1.37
CA ALA D 346 -20.82 -40.97 1.13
C ALA D 346 -21.07 -40.16 -0.13
N ILE D 347 -20.35 -39.04 -0.27
CA ILE D 347 -20.48 -38.21 -1.48
C ILE D 347 -20.17 -39.03 -2.72
N VAL D 348 -19.09 -39.81 -2.67
CA VAL D 348 -18.65 -40.57 -3.83
C VAL D 348 -19.68 -41.66 -4.17
N ASP D 349 -20.21 -42.34 -3.15
CA ASP D 349 -21.23 -43.35 -3.41
C ASP D 349 -22.46 -42.72 -4.01
N LEU D 350 -22.86 -41.55 -3.51
CA LEU D 350 -24.02 -40.86 -4.05
C LEU D 350 -23.82 -40.51 -5.51
N PHE D 351 -22.72 -39.81 -5.82
CA PHE D 351 -22.42 -39.44 -7.20
C PHE D 351 -22.39 -40.68 -8.09
N THR D 352 -21.70 -41.73 -7.64
CA THR D 352 -21.62 -42.96 -8.43
C THR D 352 -23.01 -43.50 -8.73
N GLY D 353 -23.87 -43.57 -7.71
CA GLY D 353 -25.23 -44.05 -7.94
C GLY D 353 -25.99 -43.18 -8.92
N LEU D 354 -25.77 -41.86 -8.87
CA LEU D 354 -26.45 -40.95 -9.78
C LEU D 354 -25.85 -40.95 -11.18
N GLY D 355 -24.74 -41.66 -11.39
CA GLY D 355 -24.06 -41.62 -12.67
C GLY D 355 -23.10 -40.46 -12.84
N TRP D 356 -22.67 -39.83 -11.75
CA TRP D 356 -21.82 -38.65 -11.81
C TRP D 356 -20.38 -39.06 -11.53
N ALA D 357 -19.72 -39.60 -12.56
CA ALA D 357 -18.34 -40.04 -12.39
C ALA D 357 -17.37 -38.87 -12.50
N ALA D 358 -17.62 -37.97 -13.46
CA ALA D 358 -16.83 -36.76 -13.55
C ALA D 358 -16.86 -35.97 -12.25
N HIS D 359 -18.03 -35.91 -11.61
CA HIS D 359 -18.14 -35.22 -10.34
C HIS D 359 -17.37 -35.95 -9.24
N VAL D 360 -17.37 -37.28 -9.28
CA VAL D 360 -16.57 -38.05 -8.34
C VAL D 360 -15.11 -37.66 -8.46
N GLN D 361 -14.59 -37.62 -9.69
CA GLN D 361 -13.19 -37.30 -9.88
C GLN D 361 -12.90 -35.84 -9.54
N THR D 362 -13.82 -34.93 -9.83
CA THR D 362 -13.64 -33.54 -9.44
C THR D 362 -13.58 -33.41 -7.93
N HIS D 363 -14.48 -34.09 -7.22
CA HIS D 363 -14.50 -34.03 -5.77
C HIS D 363 -13.23 -34.62 -5.17
N LYS D 364 -12.76 -35.74 -5.73
CA LYS D 364 -11.55 -36.36 -5.24
C LYS D 364 -10.32 -35.50 -5.53
N LYS D 365 -10.28 -34.88 -6.71
CA LYS D 365 -9.19 -33.96 -7.03
C LYS D 365 -9.16 -32.78 -6.07
N ILE D 366 -10.32 -32.20 -5.79
CA ILE D 366 -10.37 -31.08 -4.85
C ILE D 366 -9.93 -31.53 -3.47
N GLU D 367 -10.39 -32.70 -3.03
CA GLU D 367 -9.96 -33.23 -1.74
C GLU D 367 -8.45 -33.40 -1.69
N LYS D 368 -7.88 -34.02 -2.72
CA LYS D 368 -6.46 -34.32 -2.73
C LYS D 368 -5.61 -33.07 -2.77
N GLU D 369 -5.95 -32.14 -3.66
CA GLU D 369 -5.09 -30.98 -3.90
C GLU D 369 -5.33 -29.87 -2.89
N ALA D 370 -6.59 -29.56 -2.60
CA ALA D 370 -6.92 -28.41 -1.76
C ALA D 370 -7.15 -28.77 -0.31
N TYR D 371 -7.42 -30.04 -0.01
CA TYR D 371 -7.64 -30.52 1.35
C TYR D 371 -6.81 -31.78 1.56
N PRO D 372 -5.49 -31.64 1.63
CA PRO D 372 -4.65 -32.84 1.77
C PRO D 372 -4.80 -33.51 3.12
N MET D 373 -5.12 -32.75 4.16
CA MET D 373 -5.32 -33.31 5.50
C MET D 373 -6.29 -34.48 5.52
N CYS D 374 -7.12 -34.62 4.49
CA CYS D 374 -8.09 -35.70 4.47
C CYS D 374 -7.41 -37.05 4.31
N ASP D 375 -6.32 -37.10 3.55
CA ASP D 375 -5.55 -38.33 3.39
C ASP D 375 -4.37 -38.40 4.35
N ALA D 376 -3.66 -37.28 4.53
CA ALA D 376 -2.56 -37.26 5.49
C ALA D 376 -3.02 -37.68 6.88
N ASN D 377 -4.13 -37.13 7.34
CA ASN D 377 -4.68 -37.45 8.64
C ASN D 377 -5.92 -38.31 8.47
N PRO D 378 -5.87 -39.61 8.81
CA PRO D 378 -7.09 -40.43 8.69
C PRO D 378 -8.21 -39.97 9.60
N GLN D 379 -7.89 -39.30 10.70
CA GLN D 379 -8.89 -38.79 11.63
C GLN D 379 -9.17 -37.31 11.34
N SER D 380 -9.56 -37.05 10.10
CA SER D 380 -9.77 -35.68 9.64
C SER D 380 -11.21 -35.26 9.90
N THR D 381 -11.37 -34.08 10.51
CA THR D 381 -12.67 -33.59 10.92
C THR D 381 -12.95 -32.16 10.48
N HIS D 382 -12.00 -31.50 9.82
CA HIS D 382 -12.07 -30.06 9.63
C HIS D 382 -12.46 -29.61 8.23
N ALA D 383 -12.31 -30.46 7.21
CA ALA D 383 -12.52 -30.00 5.85
C ALA D 383 -13.99 -29.81 5.53
N TYR D 384 -14.76 -30.90 5.58
CA TYR D 384 -16.15 -30.88 5.19
C TYR D 384 -17.02 -30.33 6.32
N VAL D 385 -18.00 -29.53 5.96
CA VAL D 385 -18.88 -28.90 6.94
C VAL D 385 -20.33 -29.22 6.64
N TRP D 386 -20.75 -29.13 5.38
CA TRP D 386 -22.16 -29.31 5.06
C TRP D 386 -22.34 -30.07 3.76
N ILE D 387 -23.46 -30.78 3.68
CA ILE D 387 -23.93 -31.37 2.43
C ILE D 387 -25.35 -30.91 2.20
N SER D 388 -25.57 -30.14 1.14
CA SER D 388 -26.90 -29.71 0.74
C SER D 388 -27.44 -30.60 -0.34
N LEU D 389 -28.70 -31.00 -0.18
CA LEU D 389 -29.37 -31.90 -1.11
C LEU D 389 -30.66 -31.25 -1.56
N ALA D 390 -30.91 -31.31 -2.86
CA ALA D 390 -32.16 -30.86 -3.44
C ALA D 390 -32.40 -31.65 -4.72
N TYR D 391 -33.65 -31.63 -5.17
CA TYR D 391 -34.02 -32.27 -6.43
C TYR D 391 -34.88 -31.29 -7.21
N LYS D 392 -34.24 -30.55 -8.11
CA LYS D 392 -34.97 -29.70 -9.03
C LYS D 392 -35.49 -30.53 -10.19
N LYS D 393 -36.33 -29.91 -11.01
CA LYS D 393 -36.80 -30.60 -12.20
C LYS D 393 -35.66 -30.95 -13.14
N THR D 394 -34.57 -30.16 -13.10
CA THR D 394 -33.39 -30.51 -13.87
C THR D 394 -32.77 -31.82 -13.40
N GLY D 395 -32.92 -32.13 -12.12
CA GLY D 395 -32.36 -33.33 -11.54
C GLY D 395 -31.83 -33.06 -10.15
N PRO D 396 -30.95 -33.92 -9.67
CA PRO D 396 -30.35 -33.69 -8.35
C PRO D 396 -29.48 -32.46 -8.33
N TYR D 397 -29.30 -31.92 -7.13
CA TYR D 397 -28.58 -30.67 -6.89
C TYR D 397 -27.90 -30.84 -5.55
N ILE D 398 -26.61 -31.17 -5.58
CA ILE D 398 -25.87 -31.54 -4.37
C ILE D 398 -24.71 -30.58 -4.22
N THR D 399 -24.69 -29.85 -3.13
CA THR D 399 -23.62 -28.91 -2.84
C THR D 399 -22.78 -29.44 -1.69
N VAL D 400 -21.47 -29.48 -1.91
CA VAL D 400 -20.52 -29.89 -0.88
C VAL D 400 -19.86 -28.64 -0.35
N TYR D 401 -20.06 -28.37 0.95
CA TYR D 401 -19.50 -27.21 1.62
C TYR D 401 -18.36 -27.67 2.52
N THR D 402 -17.24 -26.98 2.39
CA THR D 402 -15.99 -27.31 3.04
C THR D 402 -15.48 -26.07 3.74
N ASN D 403 -14.63 -26.28 4.74
CA ASN D 403 -13.96 -25.17 5.39
C ASN D 403 -12.67 -24.89 4.64
N PRO D 404 -12.57 -23.80 3.89
CA PRO D 404 -11.36 -23.52 3.13
C PRO D 404 -10.22 -23.00 3.98
N GLY D 405 -10.42 -22.91 5.29
CA GLY D 405 -9.38 -22.56 6.22
C GLY D 405 -9.03 -23.71 7.13
N ALA D 406 -9.24 -24.94 6.63
CA ALA D 406 -8.91 -26.12 7.41
C ALA D 406 -7.41 -26.17 7.71
N SER D 407 -6.58 -25.70 6.79
CA SER D 407 -5.16 -25.49 7.03
C SER D 407 -4.90 -24.88 8.39
N ILE D 408 -5.77 -23.95 8.80
CA ILE D 408 -5.55 -23.21 10.03
C ILE D 408 -5.85 -24.07 11.24
N LEU D 409 -6.74 -25.03 11.11
CA LEU D 409 -7.15 -25.88 12.21
C LEU D 409 -6.37 -27.19 12.29
N GLU D 410 -5.66 -27.56 11.23
CA GLU D 410 -4.81 -28.75 11.25
C GLU D 410 -3.39 -28.40 11.68
O4 DST E . 15.69 -7.81 -30.27
P1 DST E . 15.52 -6.94 -31.36
O6 DST E . 14.72 -7.96 -31.91
O5 DST E . 16.77 -6.96 -32.03
O2 DST E . 14.83 -5.45 -31.36
P3 DST E . 15.28 -4.34 -30.30
O8 DST E . 14.21 -4.08 -29.28
O7 DST E . 16.26 -5.29 -29.92
S9 DST E . 16.54 -2.67 -30.64
C10 DST E . 16.34 -0.94 -30.25
C11 DST E . 17.14 -0.52 -28.99
C12 DST E . 16.42 -0.52 -27.63
C13 DST E . 17.26 -0.30 -26.38
C14 DST E . 15.55 -1.69 -27.64
C10 A1LYE F . 18.70 4.93 -24.39
C01 A1LYE F . 15.81 2.90 -28.71
N01 A1LYE F . 20.08 4.75 -27.10
O01 A1LYE F . 18.97 5.36 -28.97
C02 A1LYE F . 16.79 3.83 -28.04
N02 A1LYE F . 18.51 2.42 -27.21
O02 A1LYE F . 19.59 1.69 -25.42
C03 A1LYE F . 18.21 3.36 -28.24
N03 A1LYE F . 14.11 1.50 -29.06
C04 A1LYE F . 19.10 4.56 -28.15
N04 A1LYE F . 15.78 2.58 -30.07
C05 A1LYE F . 20.32 3.82 -26.01
C06 A1LYE F . 19.46 2.58 -26.15
C07 A1LYE F . 14.76 2.24 -28.10
C08 A1LYE F . 14.73 1.74 -30.29
C09 A1LYE F . 20.12 4.48 -24.64
C11 A1LYE F . 21.06 5.65 -24.42
O4 DST G . 30.41 3.68 16.90
P1 DST G . 30.70 2.80 17.96
O6 DST G . 30.49 3.91 18.80
O5 DST G . 32.09 2.59 17.86
O2 DST G . 29.88 1.44 18.39
P3 DST G . 29.50 0.33 17.31
O8 DST G . 28.03 0.29 17.04
O7 DST G . 30.28 1.12 16.42
S9 DST G . 30.46 -1.54 17.01
C10 DST G . 29.80 -3.19 16.86
C11 DST G . 29.73 -3.68 15.39
C12 DST G . 28.42 -3.50 14.63
C13 DST G . 28.41 -3.79 13.14
C14 DST G . 27.89 -2.21 15.04
C10 A1LYE H . 27.68 -9.09 10.93
C01 A1LYE H . 27.99 -6.77 16.07
N01 A1LYE H . 30.29 -9.26 12.49
O01 A1LYE H . 30.24 -9.72 14.71
C02 A1LYE H . 28.18 -7.76 14.94
N02 A1LYE H . 29.45 -6.70 13.26
O02 A1LYE H . 29.53 -6.10 11.13
C03 A1LYE H . 29.56 -7.60 14.35
N03 A1LYE H . 27.19 -5.17 17.36
C04 A1LYE H . 30.05 -8.92 13.89
N04 A1LYE H . 28.80 -6.68 17.19
C05 A1LYE H . 30.08 -8.34 11.39
C06 A1LYE H . 29.66 -6.98 11.88
C07 A1LYE H . 26.98 -5.85 16.19
C08 A1LYE H . 28.31 -5.70 18.01
C09 A1LYE H . 29.08 -8.91 10.36
C11 A1LYE H . 29.55 -10.22 9.74
O4 DST I . -18.13 24.90 16.57
P1 DST I . -18.26 26.16 15.96
O6 DST I . -19.57 26.58 16.31
O5 DST I . -17.38 26.62 16.96
O2 DST I . -17.85 26.58 14.43
P3 DST I . -18.33 25.70 13.18
O8 DST I . -19.08 24.97 14.15
O7 DST I . -17.19 24.96 12.55
S9 DST I . -19.89 26.16 11.83
C10 DST I . -19.94 26.16 10.04
C11 DST I . -20.62 24.89 9.46
C12 DST I . -19.74 23.71 9.05
C13 DST I . -20.41 22.40 8.67
C14 DST I . -18.69 23.63 10.06
C10 A1LYE J . -22.44 21.30 3.37
C01 A1LYE J . -19.91 25.60 5.99
N01 A1LYE J . -24.12 23.63 4.35
O01 A1LYE J . -23.36 25.75 4.07
C02 A1LYE J . -20.84 24.85 5.07
N02 A1LYE J . -22.23 23.49 6.42
O02 A1LYE J . -22.94 21.45 6.85
C03 A1LYE J . -22.19 24.74 5.72
N03 A1LYE J . -18.17 26.17 7.24
C04 A1LYE J . -23.25 24.76 4.66
N04 A1LYE J . -20.13 26.88 6.48
C05 A1LYE J . -24.07 22.35 5.03
C06 A1LYE J . -23.06 22.37 6.15
C07 A1LYE J . -18.68 25.18 6.44
C08 A1LYE J . -19.06 27.25 7.24
C09 A1LYE J . -23.80 21.20 4.04
C11 A1LYE J . -24.89 21.07 2.99
O4 DST K . -27.96 -20.77 -3.21
P1 DST K . -27.94 -22.02 -2.56
O6 DST K . -29.29 -22.21 -2.14
O5 DST K . -27.82 -22.57 -3.84
O2 DST K . -26.86 -22.57 -1.46
P3 DST K . -26.45 -21.69 -0.19
O8 DST K . -27.47 -20.80 -0.65
O7 DST K . -25.05 -21.18 -0.29
S9 DST K . -27.11 -21.95 1.81
C10 DST K . -26.20 -22.03 3.35
C11 DST K . -26.25 -20.69 4.14
C12 DST K . -25.10 -19.69 3.96
C13 DST K . -25.25 -18.31 4.58
C14 DST K . -24.75 -19.74 2.54
C10 A1LYE L . -23.93 -17.14 10.08
C01 A1LYE L . -23.93 -21.67 6.73
N01 A1LYE L . -26.24 -19.13 10.25
O01 A1LYE L . -25.81 -21.35 10.19
C02 A1LYE L . -24.09 -20.82 7.96
N02 A1LYE L . -25.75 -19.19 7.49
O02 A1LYE L . -26.22 -17.04 7.41
C03 A1LYE L . -25.54 -20.46 8.13
N03 A1LYE L . -23.24 -22.46 4.77
C04 A1LYE L . -25.86 -20.36 9.58
N04 A1LYE L . -24.58 -22.87 6.49
C05 A1LYE L . -26.34 -17.84 9.60
C06 A1LYE L . -26.10 -17.96 8.11
C07 A1LYE L . -23.08 -21.43 5.67
C08 A1LYE L . -24.16 -23.38 5.30
C09 A1LYE L . -25.40 -16.80 10.23
C11 A1LYE L . -25.73 -16.55 11.70
#